data_7X1H
#
_entry.id   7X1H
#
_entity_poly.entity_id   1
_entity_poly.type   'polypeptide(L)'
_entity_poly.pdbx_seq_one_letter_code
;MSQVGGRGDRCTQEVQGLVHGAGDLSASLAENSPTMSQNGYFEDSSYYKCDTDDTFEAREEILGDEAFDTANSSIVSGES
IRFFVNVNLEMQATNTENEATSGGCVLLHTSRKYLKLKNFKEEIRAHRDLDGFLAQASIVLNETATSLDNVLRTMLRRFA
RDPDNNEPNCNLDLLMAMLFTDAGAPMRGKVHLLSDTIQGVTATVTGVRYQQSWLCIICTMKALQKRHVCISRLVRPQNW
GENSCEVRFVILVLAPPKMKSTKTAMEVARTFATMFSDIAFRQKLLETRTEEEFKEALVHQRQLLTMVSHGPVAPRTKER
STVSLPAHRHPEPPKCKDFVPFGKGIREDIARRFPLYPLDFTDGIIGKNKAVGKYITTTLFLYFACLLPTIAFGSLNDEN
TDGAIDVQKTIAGQSIGGLLYALFSGQPLVILLTTAPLALYIQVIRVICDDYDLDFNSFYAWTGLWNSFFLALYAFFNLS
LVMSLFKRSTEEIIALFISITFVLDAVKGTVKIFWKYYYGHYLDDYHTKRTSSLVSLSGLGASLNASLHTALNASFLASP
TELPSATHSGQATAVLSLLIMLGTLWLGYTLYQFKKSPYLHPCVREILSDCALPIAVLAFSLISSHGFREIEMSKFRYNP
SESPFAMAQIQSLSLRAVSGAMGLGFLLSMLFFIEQNLVAALVNAPENRLVKGTAYHWDLLLLAIINTGLSLFGLPWIHA
AYPHSPLHVRALALVEERVENGHIYDTIVNVKETRLTSLGASVLVGLSLLLLPVPLQWIPKPVLYGLFLYIALTSLDGNQ
LVQRVALLLKEQTAYPPTHYIRRVPQRKIHYFTGLQVLQLLLLCAFGMSSLPYMKMIFPLIMIAMIPIRYILLPRIIEAK
YLDVMDAEHRP
;
_entity_poly.pdbx_strand_id   A,B
#
# COMPACT_ATOMS: atom_id res chain seq x y z
N CYS A 105 -27.36 12.36 -6.29
CA CYS A 105 -26.36 13.08 -5.53
C CYS A 105 -26.91 14.43 -5.06
N VAL A 106 -26.23 15.04 -4.09
CA VAL A 106 -26.61 16.33 -3.54
C VAL A 106 -25.41 17.27 -3.62
N LEU A 107 -25.63 18.47 -4.14
CA LEU A 107 -24.57 19.45 -4.22
C LEU A 107 -24.15 19.90 -2.83
N LEU A 108 -22.85 20.09 -2.64
CA LEU A 108 -22.29 20.52 -1.37
C LEU A 108 -21.50 21.81 -1.58
N HIS A 109 -21.65 22.74 -0.65
CA HIS A 109 -20.96 24.04 -0.71
C HIS A 109 -19.98 24.11 0.44
N THR A 110 -18.69 24.05 0.12
CA THR A 110 -17.63 24.11 1.12
C THR A 110 -16.99 25.49 1.11
N SER A 111 -16.97 26.14 2.26
CA SER A 111 -16.42 27.48 2.42
C SER A 111 -15.27 27.42 3.41
N ARG A 112 -14.10 27.91 2.99
CA ARG A 112 -12.91 27.93 3.83
C ARG A 112 -12.51 29.38 4.10
N LYS A 113 -12.09 29.65 5.34
CA LYS A 113 -11.77 31.00 5.75
C LYS A 113 -10.77 30.95 6.89
N TYR A 114 -9.88 31.94 6.94
CA TYR A 114 -8.90 32.03 8.01
C TYR A 114 -9.57 32.51 9.30
N LEU A 115 -8.88 32.28 10.41
CA LEU A 115 -9.28 32.81 11.70
C LEU A 115 -8.02 33.14 12.49
N LYS A 116 -7.86 34.42 12.85
CA LYS A 116 -6.66 34.84 13.56
C LYS A 116 -6.59 34.18 14.93
N LEU A 117 -5.40 33.69 15.28
CA LEU A 117 -5.20 33.10 16.60
C LEU A 117 -5.53 34.13 17.67
N LYS A 118 -6.27 33.70 18.69
CA LYS A 118 -6.72 34.62 19.73
C LYS A 118 -5.52 35.28 20.39
N ASN A 119 -5.61 36.60 20.55
CA ASN A 119 -4.56 37.39 21.21
C ASN A 119 -4.99 37.60 22.65
N PHE A 120 -4.38 36.84 23.57
CA PHE A 120 -4.72 36.92 24.98
C PHE A 120 -4.14 38.16 25.66
N LYS A 121 -3.27 38.90 24.99
CA LYS A 121 -2.67 40.09 25.59
C LYS A 121 -3.69 41.22 25.66
N ASP A 131 -11.52 32.38 32.10
CA ASP A 131 -12.69 33.18 31.77
C ASP A 131 -13.96 32.49 32.26
N GLY A 132 -15.10 33.13 32.04
CA GLY A 132 -16.36 32.55 32.49
C GLY A 132 -16.68 31.25 31.81
N PHE A 133 -16.53 31.20 30.48
CA PHE A 133 -16.82 29.99 29.74
C PHE A 133 -15.76 28.90 29.96
N LEU A 134 -14.57 29.28 30.41
CA LEU A 134 -13.59 28.27 30.79
C LEU A 134 -14.08 27.44 31.97
N ALA A 135 -14.66 28.10 32.98
CA ALA A 135 -15.20 27.38 34.12
C ALA A 135 -16.55 26.73 33.79
N GLN A 136 -17.38 27.42 33.00
CA GLN A 136 -18.68 26.88 32.65
C GLN A 136 -18.61 25.73 31.66
N ALA A 137 -17.45 25.50 31.04
CA ALA A 137 -17.32 24.41 30.09
C ALA A 137 -17.51 23.06 30.78
N SER A 138 -18.10 22.11 30.07
CA SER A 138 -18.32 20.76 30.56
C SER A 138 -17.32 19.83 29.92
N ILE A 139 -16.61 19.05 30.74
CA ILE A 139 -15.52 18.20 30.29
C ILE A 139 -15.95 16.74 30.40
N VAL A 140 -15.81 16.01 29.30
CA VAL A 140 -16.05 14.58 29.25
C VAL A 140 -14.72 13.89 28.99
N LEU A 141 -14.39 12.90 29.81
CA LEU A 141 -13.12 12.20 29.74
C LEU A 141 -13.36 10.72 29.47
N ASN A 142 -12.47 10.12 28.69
CA ASN A 142 -12.51 8.69 28.40
C ASN A 142 -13.86 8.30 27.77
N GLU A 143 -14.12 8.86 26.60
CA GLU A 143 -15.31 8.54 25.84
C GLU A 143 -15.04 7.33 24.96
N THR A 144 -15.75 6.23 25.20
CA THR A 144 -15.55 4.98 24.48
C THR A 144 -16.45 4.85 23.25
N ALA A 145 -17.28 5.84 22.97
CA ALA A 145 -18.17 5.76 21.81
C ALA A 145 -17.35 5.71 20.52
N THR A 146 -17.82 4.91 19.57
CA THR A 146 -17.12 4.71 18.32
C THR A 146 -17.64 5.58 17.18
N SER A 147 -18.90 5.98 17.23
CA SER A 147 -19.52 6.77 16.18
C SER A 147 -19.66 8.22 16.61
N LEU A 148 -19.72 9.10 15.60
CA LEU A 148 -19.89 10.53 15.88
C LEU A 148 -21.22 10.80 16.59
N ASP A 149 -22.27 10.11 16.16
CA ASP A 149 -23.59 10.37 16.74
C ASP A 149 -23.59 10.09 18.24
N ASN A 150 -23.01 8.95 18.65
CA ASN A 150 -22.99 8.62 20.07
C ASN A 150 -22.16 9.63 20.88
N VAL A 151 -20.99 10.01 20.35
CA VAL A 151 -20.14 10.97 21.04
C VAL A 151 -20.87 12.29 21.23
N LEU A 152 -21.50 12.78 20.16
CA LEU A 152 -22.20 14.06 20.25
C LEU A 152 -23.43 13.97 21.15
N ARG A 153 -24.13 12.83 21.13
CA ARG A 153 -25.26 12.66 22.02
C ARG A 153 -24.82 12.70 23.48
N THR A 154 -23.73 12.02 23.80
CA THR A 154 -23.21 12.07 25.17
C THR A 154 -22.77 13.48 25.54
N MET A 155 -22.11 14.17 24.61
CA MET A 155 -21.64 15.53 24.89
C MET A 155 -22.82 16.46 25.15
N LEU A 156 -23.88 16.36 24.35
CA LEU A 156 -25.06 17.19 24.55
C LEU A 156 -25.77 16.85 25.85
N ARG A 157 -25.89 15.55 26.16
CA ARG A 157 -26.52 15.15 27.42
C ARG A 157 -25.72 15.66 28.62
N ARG A 158 -24.40 15.79 28.47
CA ARG A 158 -23.59 16.32 29.56
C ARG A 158 -24.04 17.71 29.97
N PHE A 159 -24.63 18.48 29.05
CA PHE A 159 -25.12 19.81 29.39
C PHE A 159 -26.21 19.73 30.44
N ALA A 160 -27.14 18.80 30.30
CA ALA A 160 -28.24 18.64 31.23
C ALA A 160 -27.88 17.65 32.33
N ASP A 173 -31.85 14.12 21.12
CA ASP A 173 -32.40 15.33 21.74
C ASP A 173 -32.81 16.36 20.69
N LEU A 174 -32.74 15.97 19.42
CA LEU A 174 -33.08 16.79 18.26
C LEU A 174 -32.08 17.92 18.04
N LEU A 175 -31.07 18.08 18.90
CA LEU A 175 -30.03 19.08 18.70
C LEU A 175 -28.84 18.52 17.93
N MET A 176 -28.60 17.21 18.02
CA MET A 176 -27.48 16.61 17.31
C MET A 176 -27.67 16.67 15.80
N ALA A 177 -28.93 16.59 15.34
CA ALA A 177 -29.19 16.57 13.90
C ALA A 177 -28.72 17.86 13.23
N MET A 178 -28.97 19.01 13.88
CA MET A 178 -28.61 20.29 13.28
C MET A 178 -27.11 20.46 13.13
N LEU A 179 -26.31 19.69 13.88
CA LEU A 179 -24.85 19.84 13.81
C LEU A 179 -24.29 19.46 12.45
N PHE A 180 -25.02 18.67 11.66
CA PHE A 180 -24.54 18.17 10.38
C PHE A 180 -25.30 18.82 9.23
N THR A 181 -24.86 18.51 8.01
CA THR A 181 -25.46 19.10 6.82
C THR A 181 -26.87 18.56 6.58
N ASP A 182 -27.17 17.36 7.06
CA ASP A 182 -28.47 16.74 6.84
C ASP A 182 -29.52 17.26 7.83
N ALA A 183 -29.62 18.59 7.90
CA ALA A 183 -30.59 19.26 8.76
C ALA A 183 -31.90 19.39 8.00
N GLY A 184 -32.97 18.84 8.59
CA GLY A 184 -34.28 18.83 7.98
C GLY A 184 -34.70 17.47 7.46
N ALA A 185 -33.74 16.59 7.18
CA ALA A 185 -34.02 15.20 6.77
C ALA A 185 -33.09 14.26 7.53
N PRO A 186 -33.25 14.15 8.85
CA PRO A 186 -32.37 13.26 9.62
C PRO A 186 -32.70 11.79 9.48
N MET A 187 -33.91 11.45 9.02
CA MET A 187 -34.28 10.04 8.92
C MET A 187 -33.73 9.41 7.65
N ARG A 188 -33.95 10.05 6.51
CA ARG A 188 -33.48 9.49 5.24
C ARG A 188 -31.95 9.46 5.21
N GLY A 189 -31.41 8.38 4.68
CA GLY A 189 -29.97 8.23 4.58
C GLY A 189 -29.35 9.22 3.61
N LYS A 190 -28.62 10.19 4.15
CA LYS A 190 -27.97 11.20 3.32
C LYS A 190 -26.51 11.35 3.75
N VAL A 191 -25.79 12.27 3.13
CA VAL A 191 -24.41 12.55 3.52
C VAL A 191 -24.41 13.16 4.92
N HIS A 192 -23.61 12.59 5.81
CA HIS A 192 -23.62 12.96 7.23
C HIS A 192 -22.28 13.65 7.52
N LEU A 193 -22.24 14.96 7.30
CA LEU A 193 -21.02 15.75 7.45
C LEU A 193 -21.26 16.91 8.40
N LEU A 194 -20.25 17.23 9.19
CA LEU A 194 -20.36 18.36 10.11
C LEU A 194 -20.42 19.67 9.35
N SER A 195 -21.19 20.62 9.87
CA SER A 195 -21.41 21.88 9.16
C SER A 195 -20.25 22.86 9.38
N ASP A 196 -20.04 23.28 10.62
CA ASP A 196 -19.04 24.29 10.96
C ASP A 196 -17.96 23.65 11.83
N THR A 197 -16.75 23.58 11.30
CA THR A 197 -15.62 22.96 11.98
C THR A 197 -14.39 23.86 11.88
N ILE A 198 -13.57 23.82 12.93
CA ILE A 198 -12.30 24.54 13.01
C ILE A 198 -11.21 23.53 13.32
N GLN A 199 -10.10 23.65 12.61
CA GLN A 199 -8.96 22.75 12.72
C GLN A 199 -7.68 23.56 12.58
N GLY A 200 -6.57 22.97 13.06
CA GLY A 200 -5.26 23.56 12.87
C GLY A 200 -4.70 23.14 11.52
N VAL A 201 -4.14 24.10 10.80
CA VAL A 201 -3.63 23.89 9.45
C VAL A 201 -2.26 24.56 9.32
N THR A 202 -1.35 23.90 8.60
CA THR A 202 -0.03 24.43 8.34
C THR A 202 0.33 24.13 6.88
N ALA A 203 1.25 24.92 6.35
CA ALA A 203 1.71 24.77 4.98
C ALA A 203 3.17 24.30 4.99
N THR A 204 3.46 23.28 4.18
CA THR A 204 4.80 22.73 4.07
C THR A 204 5.06 22.37 2.61
N VAL A 205 6.32 22.10 2.29
CA VAL A 205 6.67 21.74 0.92
C VAL A 205 5.89 20.50 0.48
N THR A 206 5.59 19.60 1.43
CA THR A 206 4.80 18.43 1.08
C THR A 206 3.36 18.81 0.73
N GLY A 207 2.78 19.77 1.43
CA GLY A 207 1.43 20.18 1.16
C GLY A 207 0.80 20.85 2.37
N VAL A 208 -0.53 20.81 2.40
CA VAL A 208 -1.29 21.39 3.51
C VAL A 208 -1.50 20.29 4.55
N ARG A 209 -0.89 20.45 5.72
CA ARG A 209 -0.97 19.47 6.79
C ARG A 209 -1.96 19.96 7.83
N TYR A 210 -3.02 19.18 8.05
CA TYR A 210 -4.03 19.51 9.05
C TYR A 210 -3.64 18.93 10.40
N GLN A 211 -4.02 19.64 11.46
CA GLN A 211 -3.87 19.14 12.82
C GLN A 211 -5.06 18.23 13.11
N GLN A 212 -4.86 16.93 12.91
CA GLN A 212 -5.94 15.95 12.99
C GLN A 212 -6.18 15.45 14.42
N SER A 213 -5.42 15.93 15.40
CA SER A 213 -5.56 15.48 16.77
C SER A 213 -6.70 16.16 17.52
N TRP A 214 -7.32 17.18 16.92
CA TRP A 214 -8.39 17.91 17.59
C TRP A 214 -9.31 18.52 16.55
N LEU A 215 -10.53 18.84 17.00
CA LEU A 215 -11.55 19.40 16.12
C LEU A 215 -12.47 20.26 16.96
N CYS A 216 -12.92 21.39 16.41
CA CYS A 216 -13.85 22.28 17.11
C CYS A 216 -15.11 22.43 16.28
N ILE A 217 -16.21 21.87 16.74
CA ILE A 217 -17.50 21.96 16.08
C ILE A 217 -18.25 23.16 16.63
N ILE A 218 -18.93 23.89 15.74
CA ILE A 218 -19.64 25.11 16.10
C ILE A 218 -21.09 24.98 15.66
N CYS A 219 -22.00 25.49 16.47
CA CYS A 219 -23.42 25.52 16.13
C CYS A 219 -24.06 26.75 16.76
N THR A 220 -24.61 27.62 15.92
CA THR A 220 -25.33 28.81 16.37
C THR A 220 -26.81 28.50 16.32
N MET A 221 -27.41 28.27 17.49
CA MET A 221 -28.82 27.90 17.60
C MET A 221 -29.58 29.06 18.23
N LYS A 222 -30.62 29.53 17.54
CA LYS A 222 -31.41 30.64 18.05
C LYS A 222 -32.26 30.24 19.25
N ALA A 223 -32.61 28.95 19.36
CA ALA A 223 -33.42 28.51 20.49
C ALA A 223 -32.69 28.68 21.82
N LEU A 224 -31.40 28.36 21.84
CA LEU A 224 -30.64 28.44 23.08
C LEU A 224 -30.53 29.88 23.57
N GLN A 225 -30.43 30.04 24.88
CA GLN A 225 -30.35 31.34 25.51
C GLN A 225 -28.94 31.71 25.98
N LYS A 226 -28.12 30.72 26.31
CA LYS A 226 -26.78 30.96 26.83
C LYS A 226 -25.77 30.09 26.09
N ARG A 227 -24.53 30.58 26.03
CA ARG A 227 -23.46 29.84 25.38
C ARG A 227 -23.17 28.56 26.15
N HIS A 228 -22.78 27.52 25.40
CA HIS A 228 -22.40 26.23 25.99
C HIS A 228 -21.14 25.74 25.30
N VAL A 229 -20.21 25.19 26.09
CA VAL A 229 -18.97 24.65 25.58
C VAL A 229 -18.75 23.28 26.22
N CYS A 230 -18.44 22.28 25.40
CA CYS A 230 -18.17 20.93 25.87
C CYS A 230 -16.89 20.43 25.24
N ILE A 231 -15.97 19.94 26.06
CA ILE A 231 -14.70 19.40 25.60
C ILE A 231 -14.69 17.92 25.93
N SER A 232 -14.59 17.08 24.88
CA SER A 232 -14.61 15.64 25.03
C SER A 232 -13.27 15.07 24.61
N ARG A 233 -12.69 14.23 25.47
CA ARG A 233 -11.44 13.54 25.19
C ARG A 233 -11.74 12.06 24.98
N LEU A 234 -11.36 11.54 23.81
CA LEU A 234 -11.65 10.16 23.46
C LEU A 234 -10.57 9.23 23.97
N VAL A 235 -10.97 8.01 24.31
CA VAL A 235 -10.01 7.02 24.79
C VAL A 235 -8.98 6.70 23.70
N ARG A 236 -9.45 6.55 22.46
CA ARG A 236 -8.59 6.24 21.33
C ARG A 236 -8.83 7.25 20.22
N PRO A 237 -7.83 7.52 19.38
CA PRO A 237 -8.04 8.43 18.26
C PRO A 237 -9.03 7.85 17.27
N GLN A 238 -10.07 8.63 16.95
CA GLN A 238 -11.11 8.16 16.08
C GLN A 238 -11.07 8.97 14.85
N ASN A 239 -11.49 8.39 13.72
CA ASN A 239 -11.51 9.08 12.42
C ASN A 239 -12.75 9.92 12.20
N TRP A 240 -12.70 11.20 12.54
CA TRP A 240 -13.89 12.03 12.43
C TRP A 240 -14.11 12.71 11.08
N GLY A 241 -13.21 12.50 10.14
CA GLY A 241 -13.34 13.11 8.84
C GLY A 241 -12.16 12.93 7.92
N GLU A 242 -12.18 13.59 6.77
CA GLU A 242 -11.10 13.44 5.79
C GLU A 242 -9.74 13.91 6.28
N ASN A 243 -9.71 15.06 6.94
CA ASN A 243 -8.47 15.60 7.45
C ASN A 243 -8.48 15.54 8.95
N SER A 244 -9.37 14.74 9.51
CA SER A 244 -9.47 14.61 10.94
C SER A 244 -9.47 13.13 11.24
N CYS A 245 -8.51 12.39 10.70
CA CYS A 245 -8.50 10.95 10.84
C CYS A 245 -8.07 10.47 12.22
N GLU A 246 -7.49 11.33 13.05
CA GLU A 246 -6.96 10.93 14.35
C GLU A 246 -7.42 11.90 15.44
N VAL A 247 -8.71 12.25 15.44
CA VAL A 247 -9.22 13.20 16.41
C VAL A 247 -9.23 12.58 17.80
N ARG A 248 -8.73 13.32 18.78
CA ARG A 248 -8.80 12.93 20.18
C ARG A 248 -9.52 13.95 21.05
N PHE A 249 -9.55 15.23 20.65
CA PHE A 249 -10.26 16.27 21.37
C PHE A 249 -11.36 16.83 20.48
N VAL A 250 -12.58 16.91 21.03
CA VAL A 250 -13.73 17.46 20.33
C VAL A 250 -14.26 18.62 21.17
N ILE A 251 -14.30 19.81 20.59
CA ILE A 251 -14.73 21.02 21.30
C ILE A 251 -16.02 21.49 20.64
N LEU A 252 -17.14 21.17 21.26
CA LEU A 252 -18.46 21.53 20.74
C LEU A 252 -18.92 22.84 21.38
N VAL A 253 -19.23 23.82 20.55
CA VAL A 253 -19.60 25.16 21.01
C VAL A 253 -20.99 25.48 20.47
N LEU A 254 -21.97 25.56 21.37
CA LEU A 254 -23.32 26.00 21.06
C LEU A 254 -23.48 27.46 21.46
N ALA A 255 -24.11 28.24 20.58
CA ALA A 255 -24.33 29.66 20.85
C ALA A 255 -25.80 30.01 20.66
N PRO A 256 -26.29 31.06 21.34
CA PRO A 256 -27.68 31.48 21.14
C PRO A 256 -27.94 32.03 19.75
N THR A 264 -20.41 35.73 20.45
CA THR A 264 -20.98 34.69 19.61
C THR A 264 -20.11 33.42 19.66
N ALA A 265 -20.51 32.41 18.89
CA ALA A 265 -19.76 31.17 18.87
C ALA A 265 -18.36 31.37 18.30
N MET A 266 -18.18 32.36 17.42
CA MET A 266 -16.89 32.53 16.75
C MET A 266 -15.79 32.83 17.76
N GLU A 267 -16.04 33.72 18.71
CA GLU A 267 -15.00 34.11 19.65
C GLU A 267 -14.59 32.93 20.53
N VAL A 268 -15.57 32.21 21.09
CA VAL A 268 -15.26 31.09 21.95
C VAL A 268 -14.54 30.00 21.18
N ALA A 269 -15.02 29.69 19.97
CA ALA A 269 -14.37 28.67 19.16
C ALA A 269 -12.94 29.07 18.84
N ARG A 270 -12.73 30.35 18.52
CA ARG A 270 -11.38 30.81 18.18
C ARG A 270 -10.44 30.72 19.36
N THR A 271 -10.88 31.14 20.55
CA THR A 271 -10.01 31.08 21.71
C THR A 271 -9.69 29.64 22.09
N PHE A 272 -10.69 28.75 22.02
CA PHE A 272 -10.44 27.35 22.35
C PHE A 272 -9.53 26.69 21.32
N ALA A 273 -9.69 27.03 20.04
CA ALA A 273 -8.78 26.51 19.03
C ALA A 273 -7.37 27.03 19.25
N THR A 274 -7.23 28.30 19.62
CA THR A 274 -5.90 28.85 19.89
C THR A 274 -5.24 28.13 21.05
N MET A 275 -5.99 27.88 22.12
CA MET A 275 -5.42 27.12 23.25
C MET A 275 -5.06 25.71 22.82
N PHE A 276 -5.93 25.05 22.06
CA PHE A 276 -5.71 23.66 21.68
C PHE A 276 -4.72 23.50 20.53
N SER A 277 -4.41 24.57 19.80
CA SER A 277 -3.45 24.47 18.70
C SER A 277 -2.03 24.20 19.18
N ASP A 278 -1.74 24.40 20.46
CA ASP A 278 -0.41 24.13 20.99
C ASP A 278 -0.19 22.62 21.07
N ILE A 279 0.98 22.18 20.60
CA ILE A 279 1.25 20.73 20.55
C ILE A 279 1.44 20.18 21.95
N ALA A 280 2.16 20.91 22.82
CA ALA A 280 2.42 20.42 24.17
C ALA A 280 1.19 20.50 25.06
N PHE A 281 0.31 21.47 24.81
CA PHE A 281 -0.89 21.61 25.64
C PHE A 281 -1.80 20.40 25.46
N ARG A 282 -1.90 19.87 24.25
CA ARG A 282 -2.73 18.69 24.03
C ARG A 282 -2.18 17.50 24.82
N GLN A 283 -0.87 17.31 24.82
CA GLN A 283 -0.28 16.24 25.62
C GLN A 283 -0.53 16.45 27.11
N LYS A 284 -0.40 17.70 27.57
CA LYS A 284 -0.67 18.00 28.97
C LYS A 284 -2.11 17.66 29.33
N LEU A 285 -3.06 18.01 28.47
CA LEU A 285 -4.45 17.67 28.71
C LEU A 285 -4.66 16.16 28.70
N LEU A 286 -3.96 15.45 27.82
CA LEU A 286 -4.04 13.99 27.81
C LEU A 286 -3.56 13.42 29.14
N GLU A 287 -2.50 13.99 29.70
CA GLU A 287 -1.97 13.48 30.96
C GLU A 287 -2.95 13.63 32.12
N THR A 288 -3.88 14.57 32.03
CA THR A 288 -4.82 14.79 33.13
C THR A 288 -5.75 13.58 33.28
N ARG A 289 -6.17 13.33 34.53
CA ARG A 289 -6.98 12.18 34.86
C ARG A 289 -8.40 12.51 35.27
N THR A 290 -8.66 13.73 35.72
CA THR A 290 -9.97 14.11 36.24
C THR A 290 -10.46 15.39 35.56
N GLU A 291 -11.77 15.59 35.63
CA GLU A 291 -12.37 16.79 35.04
C GLU A 291 -11.84 18.04 35.71
N GLU A 292 -11.71 18.03 37.04
CA GLU A 292 -11.17 19.18 37.74
C GLU A 292 -9.74 19.48 37.31
N GLU A 293 -8.93 18.43 37.14
CA GLU A 293 -7.57 18.62 36.64
C GLU A 293 -7.59 19.19 35.22
N PHE A 294 -8.52 18.72 34.39
CA PHE A 294 -8.63 19.24 33.03
C PHE A 294 -8.94 20.73 33.04
N LYS A 295 -9.91 21.14 33.86
CA LYS A 295 -10.28 22.55 33.93
C LYS A 295 -9.13 23.39 34.50
N GLU A 296 -8.44 22.88 35.52
CA GLU A 296 -7.30 23.61 36.08
C GLU A 296 -6.21 23.77 35.04
N ALA A 297 -5.93 22.72 34.25
CA ALA A 297 -4.92 22.83 33.20
C ALA A 297 -5.35 23.85 32.15
N LEU A 298 -6.63 23.86 31.77
CA LEU A 298 -7.10 24.84 30.82
C LEU A 298 -6.92 26.25 31.34
N VAL A 299 -7.27 26.49 32.60
CA VAL A 299 -7.14 27.82 33.19
C VAL A 299 -5.68 28.23 33.26
N HIS A 300 -4.80 27.30 33.66
CA HIS A 300 -3.38 27.61 33.74
C HIS A 300 -2.81 27.94 32.37
N GLN A 301 -3.21 27.19 31.34
CA GLN A 301 -2.73 27.48 30.00
C GLN A 301 -3.23 28.84 29.52
N ARG A 302 -4.49 29.16 29.81
CA ARG A 302 -5.03 30.47 29.42
C ARG A 302 -4.24 31.58 30.11
N GLN A 303 -3.95 31.43 31.40
CA GLN A 303 -3.19 32.45 32.11
C GLN A 303 -1.78 32.57 31.54
N LEU A 304 -1.14 31.44 31.24
CA LEU A 304 0.22 31.47 30.71
C LEU A 304 0.26 32.16 29.36
N LEU A 305 -0.71 31.87 28.50
CA LEU A 305 -0.72 32.47 27.16
C LEU A 305 -0.87 33.98 27.21
N THR A 306 -1.40 34.53 28.29
CA THR A 306 -1.57 35.97 28.42
C THR A 306 -0.21 36.65 28.56
N CYS A 336 33.50 32.84 8.57
CA CYS A 336 34.73 32.28 9.11
C CYS A 336 35.01 32.84 10.50
N LYS A 337 36.20 32.53 11.03
CA LYS A 337 36.68 32.95 12.34
C LYS A 337 35.92 32.30 13.49
N ASP A 338 34.95 31.44 13.22
CA ASP A 338 34.27 30.70 14.27
C ASP A 338 35.09 29.51 14.76
N PHE A 339 36.12 29.10 14.02
CA PHE A 339 37.00 28.01 14.40
C PHE A 339 38.23 28.48 15.16
N VAL A 340 38.43 29.79 15.31
CA VAL A 340 39.65 30.30 15.94
C VAL A 340 39.79 29.79 17.37
N PRO A 341 38.77 29.87 18.23
CA PRO A 341 38.93 29.35 19.60
C PRO A 341 39.17 27.85 19.62
N PHE A 342 40.33 27.45 20.13
CA PHE A 342 40.68 26.03 20.16
C PHE A 342 39.97 25.34 21.30
N GLY A 343 39.22 24.28 20.97
CA GLY A 343 38.52 23.51 21.98
C GLY A 343 37.29 24.16 22.55
N LYS A 344 36.84 25.28 21.98
CA LYS A 344 35.65 25.96 22.51
C LYS A 344 34.41 25.08 22.39
N GLY A 345 34.25 24.40 21.25
CA GLY A 345 33.07 23.58 21.07
C GLY A 345 32.99 22.44 22.07
N ILE A 346 34.11 21.76 22.32
CA ILE A 346 34.11 20.64 23.25
C ILE A 346 33.76 21.13 24.65
N ARG A 347 34.37 22.24 25.07
CA ARG A 347 34.09 22.78 26.40
C ARG A 347 32.62 23.19 26.52
N GLU A 348 32.09 23.84 25.48
CA GLU A 348 30.68 24.25 25.52
C GLU A 348 29.76 23.05 25.61
N ASP A 349 30.03 22.00 24.82
CA ASP A 349 29.20 20.81 24.86
C ASP A 349 29.27 20.14 26.23
N ILE A 350 30.47 20.04 26.81
CA ILE A 350 30.62 19.42 28.12
C ILE A 350 29.86 20.23 29.16
N ALA A 351 29.98 21.56 29.13
CA ALA A 351 29.25 22.38 30.09
C ALA A 351 27.75 22.23 29.92
N ARG A 352 27.28 22.15 28.68
CA ARG A 352 25.84 22.02 28.44
C ARG A 352 25.31 20.69 28.96
N ARG A 353 26.01 19.59 28.67
CA ARG A 353 25.47 18.26 28.92
C ARG A 353 25.97 17.61 30.20
N PHE A 354 26.75 18.29 31.03
CA PHE A 354 27.13 17.69 32.31
C PHE A 354 26.09 17.82 33.44
N PRO A 355 25.46 19.00 33.62
CA PRO A 355 24.41 19.09 34.64
C PRO A 355 23.22 18.19 34.36
N LEU A 356 22.83 18.03 33.11
CA LEU A 356 21.68 17.22 32.73
C LEU A 356 21.91 15.71 32.83
N TYR A 357 23.15 15.30 33.09
CA TYR A 357 23.50 13.88 33.12
C TYR A 357 22.74 13.01 34.13
N PRO A 358 22.53 13.50 35.37
CA PRO A 358 21.75 12.64 36.26
C PRO A 358 20.35 12.41 35.73
N LEU A 359 19.75 13.44 35.14
CA LEU A 359 18.41 13.34 34.59
C LEU A 359 18.34 12.31 33.50
N ASP A 360 19.41 12.16 32.73
CA ASP A 360 19.39 11.23 31.62
C ASP A 360 19.09 9.87 32.19
N PHE A 361 19.73 9.50 33.28
CA PHE A 361 19.39 8.24 33.94
C PHE A 361 18.00 8.18 34.58
N THR A 362 17.52 9.28 35.14
CA THR A 362 16.23 9.28 35.83
C THR A 362 15.05 10.02 35.18
N ASP A 363 15.06 10.22 33.86
CA ASP A 363 13.96 10.88 33.16
C ASP A 363 12.63 10.15 33.40
N GLY A 364 12.55 8.89 32.98
CA GLY A 364 11.32 8.13 33.11
C GLY A 364 11.25 7.20 34.29
N ILE A 365 12.36 6.98 34.99
CA ILE A 365 12.35 6.08 36.13
C ILE A 365 11.56 6.68 37.28
N ILE A 366 11.74 7.98 37.53
CA ILE A 366 11.07 8.68 38.61
C ILE A 366 10.42 9.94 38.05
N GLY A 367 9.39 10.41 38.77
CA GLY A 367 8.67 11.60 38.36
C GLY A 367 7.20 11.32 38.12
N LYS A 368 6.51 12.28 37.49
CA LYS A 368 5.08 12.11 37.23
C LYS A 368 4.84 11.02 36.19
N ASN A 369 5.71 10.94 35.19
CA ASN A 369 5.56 9.98 34.09
C ASN A 369 6.52 8.82 34.28
N LYS A 370 5.99 7.61 34.18
CA LYS A 370 6.79 6.38 34.28
C LYS A 370 6.97 5.78 32.90
N ALA A 371 8.22 5.50 32.53
CA ALA A 371 8.56 4.99 31.21
C ALA A 371 9.23 3.62 31.28
N VAL A 372 8.92 2.86 32.33
CA VAL A 372 9.59 1.56 32.51
C VAL A 372 9.25 0.63 31.36
N GLY A 373 7.96 0.54 31.01
CA GLY A 373 7.56 -0.34 29.92
C GLY A 373 8.13 0.10 28.59
N LYS A 374 8.04 1.41 28.29
CA LYS A 374 8.60 1.92 27.04
C LYS A 374 10.11 1.70 27.01
N TYR A 375 10.78 1.94 28.14
CA TYR A 375 12.22 1.74 28.18
C TYR A 375 12.59 0.28 27.93
N ILE A 376 11.85 -0.65 28.52
CA ILE A 376 12.13 -2.06 28.30
C ILE A 376 11.89 -2.43 26.84
N THR A 377 10.78 -1.99 26.27
CA THR A 377 10.47 -2.33 24.89
C THR A 377 11.52 -1.77 23.93
N THR A 378 11.91 -0.51 24.11
CA THR A 378 12.91 0.08 23.24
C THR A 378 14.28 -0.53 23.47
N THR A 379 14.58 -0.98 24.70
CA THR A 379 15.83 -1.68 24.94
C THR A 379 15.88 -3.00 24.17
N LEU A 380 14.77 -3.75 24.18
CA LEU A 380 14.73 -4.99 23.40
C LEU A 380 14.86 -4.70 21.91
N PHE A 381 14.14 -3.69 21.42
CA PHE A 381 14.28 -3.27 20.03
C PHE A 381 15.74 -2.97 19.69
N LEU A 382 16.38 -2.12 20.49
CA LEU A 382 17.75 -1.72 20.20
C LEU A 382 18.69 -2.91 20.25
N TYR A 383 18.51 -3.79 21.23
CA TYR A 383 19.36 -4.97 21.33
C TYR A 383 19.26 -5.81 20.07
N PHE A 384 18.04 -6.10 19.61
CA PHE A 384 17.89 -6.94 18.43
C PHE A 384 18.42 -6.24 17.18
N ALA A 385 18.05 -4.98 17.00
CA ALA A 385 18.42 -4.24 15.80
C ALA A 385 19.90 -3.87 15.77
N CYS A 386 20.61 -4.00 16.88
CA CYS A 386 22.05 -3.84 16.90
C CYS A 386 22.79 -5.17 16.80
N LEU A 387 22.22 -6.24 17.35
CA LEU A 387 22.88 -7.54 17.29
C LEU A 387 22.80 -8.13 15.89
N LEU A 388 21.60 -8.16 15.30
CA LEU A 388 21.47 -8.82 13.99
C LEU A 388 22.31 -8.14 12.92
N PRO A 389 22.22 -6.82 12.71
CA PRO A 389 23.17 -6.19 11.78
C PRO A 389 24.61 -6.35 12.21
N THR A 390 24.88 -6.41 13.52
CA THR A 390 26.25 -6.63 13.97
C THR A 390 26.76 -8.00 13.52
N ILE A 391 25.92 -9.03 13.64
CA ILE A 391 26.32 -10.36 13.16
C ILE A 391 26.52 -10.35 11.65
N ALA A 392 25.61 -9.69 10.92
CA ALA A 392 25.75 -9.63 9.47
C ALA A 392 27.04 -8.95 9.07
N PHE A 393 27.37 -7.82 9.71
CA PHE A 393 28.60 -7.10 9.39
C PHE A 393 29.83 -7.90 9.81
N GLY A 394 29.76 -8.62 10.91
CA GLY A 394 30.87 -9.47 11.29
C GLY A 394 31.14 -10.56 10.27
N SER A 395 30.06 -11.18 9.77
CA SER A 395 30.22 -12.18 8.72
C SER A 395 30.79 -11.56 7.45
N LEU A 396 30.32 -10.37 7.08
CA LEU A 396 30.82 -9.71 5.89
C LEU A 396 32.30 -9.38 6.03
N ASN A 397 32.71 -8.88 7.20
CA ASN A 397 34.12 -8.57 7.43
C ASN A 397 34.98 -9.83 7.44
N ASP A 398 34.47 -10.91 8.03
CA ASP A 398 35.22 -12.17 7.99
C ASP A 398 35.43 -12.64 6.56
N GLU A 399 34.39 -12.52 5.72
CA GLU A 399 34.55 -12.86 4.31
C GLU A 399 35.57 -11.95 3.64
N ASN A 400 35.51 -10.65 3.92
CA ASN A 400 36.36 -9.69 3.22
C ASN A 400 37.80 -9.76 3.71
N THR A 401 38.00 -9.88 5.03
CA THR A 401 39.33 -9.81 5.61
C THR A 401 39.96 -11.19 5.83
N ASP A 402 39.38 -12.23 5.24
CA ASP A 402 39.92 -13.59 5.35
C ASP A 402 40.06 -14.02 6.81
N GLY A 403 39.05 -13.68 7.61
CA GLY A 403 39.01 -14.09 9.00
C GLY A 403 39.76 -13.20 9.97
N ALA A 404 40.36 -12.10 9.50
CA ALA A 404 41.06 -11.21 10.41
C ALA A 404 40.12 -10.62 11.44
N ILE A 405 38.93 -10.19 11.00
CA ILE A 405 37.89 -9.66 11.87
C ILE A 405 36.75 -10.67 11.87
N ASP A 406 36.49 -11.28 13.02
CA ASP A 406 35.47 -12.31 13.13
C ASP A 406 34.15 -11.70 13.58
N VAL A 407 33.11 -12.54 13.66
CA VAL A 407 31.83 -12.08 14.20
C VAL A 407 31.96 -11.80 15.69
N GLN A 408 32.73 -12.60 16.40
CA GLN A 408 32.96 -12.35 17.82
C GLN A 408 33.63 -11.01 18.04
N LYS A 409 34.65 -10.70 17.23
CA LYS A 409 35.32 -9.40 17.35
C LYS A 409 34.35 -8.26 17.08
N THR A 410 33.51 -8.40 16.06
CA THR A 410 32.56 -7.34 15.74
C THR A 410 31.57 -7.16 16.89
N ILE A 411 31.07 -8.25 17.46
CA ILE A 411 30.11 -8.15 18.56
C ILE A 411 30.77 -7.47 19.76
N ALA A 412 31.98 -7.89 20.10
CA ALA A 412 32.66 -7.30 21.26
C ALA A 412 32.92 -5.81 21.03
N GLY A 413 33.40 -5.45 19.85
CA GLY A 413 33.65 -4.05 19.56
C GLY A 413 32.39 -3.21 19.60
N GLN A 414 31.30 -3.72 19.01
CA GLN A 414 30.05 -2.99 19.04
C GLN A 414 29.56 -2.80 20.47
N SER A 415 29.65 -3.85 21.30
CA SER A 415 29.20 -3.74 22.68
C SER A 415 30.01 -2.70 23.44
N ILE A 416 31.34 -2.79 23.33
CA ILE A 416 32.20 -1.87 24.08
C ILE A 416 31.96 -0.43 23.61
N GLY A 417 31.88 -0.23 22.29
CA GLY A 417 31.69 1.12 21.78
C GLY A 417 30.34 1.69 22.16
N GLY A 418 29.28 0.88 22.08
CA GLY A 418 27.98 1.36 22.49
C GLY A 418 27.92 1.71 23.96
N LEU A 419 28.53 0.87 24.80
CA LEU A 419 28.55 1.17 26.23
C LEU A 419 29.30 2.47 26.50
N LEU A 420 30.47 2.63 25.90
CA LEU A 420 31.26 3.84 26.14
C LEU A 420 30.53 5.07 25.63
N TYR A 421 29.90 4.99 24.46
CA TYR A 421 29.18 6.14 23.93
C TYR A 421 27.99 6.49 24.82
N ALA A 422 27.20 5.50 25.24
CA ALA A 422 26.05 5.77 26.08
C ALA A 422 26.47 6.38 27.41
N LEU A 423 27.57 5.89 27.97
CA LEU A 423 27.97 6.34 29.31
C LEU A 423 28.48 7.78 29.28
N PHE A 424 29.38 8.10 28.34
CA PHE A 424 30.17 9.33 28.40
C PHE A 424 30.05 10.14 27.13
N SER A 425 28.82 10.37 26.66
CA SER A 425 28.62 11.21 25.48
C SER A 425 27.41 12.12 25.70
N GLY A 426 27.45 13.28 25.04
CA GLY A 426 26.26 14.08 24.91
C GLY A 426 25.41 13.60 23.74
N GLN A 427 24.10 13.84 23.85
CA GLN A 427 23.17 13.32 22.86
C GLN A 427 23.29 11.80 22.80
N PRO A 428 22.87 11.09 23.85
CA PRO A 428 23.03 9.63 23.89
C PRO A 428 22.13 8.87 22.93
N LEU A 429 21.17 9.55 22.29
CA LEU A 429 20.24 8.86 21.39
C LEU A 429 20.91 8.38 20.11
N VAL A 430 22.13 8.80 19.84
CA VAL A 430 22.85 8.34 18.66
C VAL A 430 23.41 6.95 18.91
N ILE A 431 23.18 6.03 17.97
CA ILE A 431 23.56 4.63 18.10
C ILE A 431 24.78 4.39 17.22
N LEU A 432 25.82 3.79 17.80
CA LEU A 432 27.04 3.48 17.08
C LEU A 432 26.96 2.07 16.52
N LEU A 433 27.27 1.92 15.24
CA LEU A 433 27.21 0.64 14.57
C LEU A 433 28.11 0.66 13.35
N THR A 434 28.60 -0.52 12.97
CA THR A 434 29.36 -0.65 11.74
C THR A 434 28.44 -0.45 10.53
N THR A 435 29.00 0.13 9.46
CA THR A 435 28.24 0.47 8.28
C THR A 435 28.87 -0.16 7.04
N ALA A 436 28.10 -0.17 5.96
CA ALA A 436 28.58 -0.75 4.70
C ALA A 436 29.83 -0.05 4.19
N PRO A 437 29.88 1.29 4.11
CA PRO A 437 31.14 1.93 3.68
C PRO A 437 32.32 1.58 4.56
N LEU A 438 32.10 1.40 5.87
CA LEU A 438 33.19 0.97 6.73
C LEU A 438 33.69 -0.41 6.34
N ALA A 439 32.77 -1.32 6.00
CA ALA A 439 33.18 -2.64 5.53
C ALA A 439 33.94 -2.54 4.22
N LEU A 440 33.50 -1.68 3.31
CA LEU A 440 34.21 -1.49 2.06
C LEU A 440 35.62 -0.97 2.31
N TYR A 441 35.77 -0.04 3.24
CA TYR A 441 37.08 0.55 3.52
C TYR A 441 37.99 -0.47 4.19
N ILE A 442 37.43 -1.30 5.07
CA ILE A 442 38.21 -2.39 5.66
C ILE A 442 38.67 -3.36 4.59
N GLN A 443 37.80 -3.63 3.60
CA GLN A 443 38.21 -4.46 2.47
C GLN A 443 39.36 -3.81 1.71
N VAL A 444 39.30 -2.48 1.54
CA VAL A 444 40.40 -1.77 0.89
C VAL A 444 41.70 -1.98 1.66
N ILE A 445 41.62 -1.86 2.99
CA ILE A 445 42.82 -2.04 3.81
C ILE A 445 43.36 -3.45 3.66
N ARG A 446 42.46 -4.45 3.67
CA ARG A 446 42.89 -5.83 3.52
C ARG A 446 43.57 -6.05 2.17
N VAL A 447 43.00 -5.49 1.11
CA VAL A 447 43.58 -5.64 -0.22
C VAL A 447 44.96 -5.00 -0.26
N ILE A 448 45.10 -3.80 0.30
CA ILE A 448 46.39 -3.11 0.29
C ILE A 448 47.42 -3.91 1.07
N CYS A 449 47.03 -4.44 2.24
CA CYS A 449 47.96 -5.23 3.04
C CYS A 449 48.39 -6.49 2.29
N ASP A 450 47.45 -7.16 1.63
CA ASP A 450 47.80 -8.34 0.85
C ASP A 450 48.76 -7.98 -0.28
N ASP A 451 48.50 -6.85 -0.96
CA ASP A 451 49.36 -6.45 -2.07
C ASP A 451 50.78 -6.13 -1.60
N TYR A 452 50.91 -5.43 -0.47
CA TYR A 452 52.20 -4.99 0.01
C TYR A 452 52.78 -5.90 1.10
N ASP A 453 52.16 -7.05 1.35
CA ASP A 453 52.67 -8.02 2.31
C ASP A 453 52.80 -7.44 3.72
N LEU A 454 51.98 -6.43 4.02
CA LEU A 454 51.97 -5.82 5.33
C LEU A 454 51.01 -6.57 6.25
N ASP A 455 51.38 -6.67 7.53
CA ASP A 455 50.51 -7.31 8.50
C ASP A 455 49.19 -6.55 8.58
N PHE A 456 48.07 -7.26 8.48
CA PHE A 456 46.78 -6.60 8.47
C PHE A 456 46.52 -5.90 9.78
N ASN A 457 46.83 -6.54 10.91
CA ASN A 457 46.51 -5.96 12.21
C ASN A 457 47.28 -4.66 12.44
N SER A 458 48.58 -4.65 12.15
CA SER A 458 49.38 -3.46 12.41
C SER A 458 48.94 -2.30 11.52
N PHE A 459 48.75 -2.56 10.22
CA PHE A 459 48.33 -1.51 9.31
C PHE A 459 46.95 -0.99 9.67
N TYR A 460 46.03 -1.89 10.04
CA TYR A 460 44.69 -1.48 10.44
C TYR A 460 44.75 -0.62 11.71
N ALA A 461 45.57 -1.02 12.68
CA ALA A 461 45.68 -0.24 13.91
C ALA A 461 46.26 1.14 13.63
N TRP A 462 47.28 1.23 12.76
CA TRP A 462 47.85 2.53 12.44
C TRP A 462 46.85 3.40 11.69
N THR A 463 46.10 2.82 10.76
CA THR A 463 45.09 3.57 10.05
C THR A 463 44.03 4.10 11.01
N GLY A 464 43.58 3.26 11.94
CA GLY A 464 42.62 3.72 12.93
C GLY A 464 43.18 4.81 13.82
N LEU A 465 44.46 4.68 14.21
CA LEU A 465 45.09 5.71 15.03
C LEU A 465 45.13 7.04 14.30
N TRP A 466 45.51 7.04 13.01
CA TRP A 466 45.57 8.28 12.26
C TRP A 466 44.17 8.86 12.03
N ASN A 467 43.19 7.98 11.80
CA ASN A 467 41.81 8.44 11.66
C ASN A 467 41.33 9.12 12.94
N SER A 468 41.63 8.51 14.09
CA SER A 468 41.23 9.10 15.36
C SER A 468 41.97 10.41 15.61
N PHE A 469 43.24 10.49 15.23
CA PHE A 469 43.98 11.74 15.39
C PHE A 469 43.34 12.86 14.56
N PHE A 470 42.98 12.55 13.31
CA PHE A 470 42.34 13.55 12.46
C PHE A 470 40.97 13.93 13.00
N LEU A 471 40.22 12.95 13.52
CA LEU A 471 38.91 13.26 14.10
C LEU A 471 39.04 14.15 15.32
N ALA A 472 40.04 13.89 16.16
CA ALA A 472 40.28 14.74 17.33
C ALA A 472 40.68 16.14 16.89
N LEU A 473 41.51 16.26 15.85
CA LEU A 473 41.86 17.58 15.33
C LEU A 473 40.61 18.31 14.84
N TYR A 474 39.72 17.61 14.14
CA TYR A 474 38.49 18.25 13.68
C TYR A 474 37.64 18.70 14.85
N ALA A 475 37.51 17.85 15.87
CA ALA A 475 36.68 18.20 17.02
C ALA A 475 37.23 19.40 17.78
N PHE A 476 38.55 19.43 17.99
CA PHE A 476 39.14 20.51 18.77
C PHE A 476 39.05 21.84 18.05
N PHE A 477 39.13 21.84 16.72
CA PHE A 477 39.10 23.06 15.92
C PHE A 477 37.66 23.47 15.55
N ASN A 478 36.65 22.75 16.03
CA ASN A 478 35.26 23.15 15.84
C ASN A 478 34.88 23.19 14.36
N LEU A 479 35.38 22.22 13.58
CA LEU A 479 35.00 22.13 12.18
C LEU A 479 33.54 21.70 12.01
N SER A 480 32.96 20.99 12.99
CA SER A 480 31.60 20.52 12.85
C SER A 480 30.64 21.61 12.41
N LEU A 481 30.95 22.88 12.68
CA LEU A 481 30.04 23.95 12.32
C LEU A 481 29.77 23.99 10.82
N VAL A 482 30.77 23.70 9.99
CA VAL A 482 30.56 23.75 8.55
C VAL A 482 29.50 22.76 8.12
N MET A 483 29.22 21.74 8.93
CA MET A 483 28.20 20.77 8.59
C MET A 483 26.81 21.39 8.55
N SER A 484 26.65 22.61 9.06
CA SER A 484 25.39 23.33 8.90
C SER A 484 25.11 23.61 7.43
N LEU A 485 26.17 23.83 6.63
CA LEU A 485 26.00 24.03 5.20
C LEU A 485 25.52 22.78 4.48
N PHE A 486 25.55 21.63 5.13
CA PHE A 486 25.11 20.39 4.52
C PHE A 486 23.62 20.47 4.17
N LYS A 487 23.28 20.01 2.97
CA LYS A 487 21.90 20.03 2.49
C LYS A 487 21.33 18.62 2.48
N ARG A 488 20.02 18.54 2.19
CA ARG A 488 19.34 17.25 2.17
C ARG A 488 19.69 16.42 0.94
N SER A 489 20.01 17.09 -0.18
CA SER A 489 20.32 16.36 -1.41
C SER A 489 21.56 15.49 -1.24
N THR A 490 22.62 16.04 -0.65
CA THR A 490 23.83 15.26 -0.43
C THR A 490 23.58 14.13 0.56
N GLU A 491 22.80 14.40 1.60
CA GLU A 491 22.45 13.35 2.56
C GLU A 491 21.75 12.20 1.87
N GLU A 492 20.80 12.51 1.00
CA GLU A 492 20.04 11.46 0.34
C GLU A 492 20.89 10.73 -0.68
N ILE A 493 21.80 11.42 -1.36
CA ILE A 493 22.74 10.75 -2.25
C ILE A 493 23.59 9.75 -1.47
N ILE A 494 24.08 10.16 -0.30
CA ILE A 494 24.90 9.28 0.51
C ILE A 494 24.08 8.08 0.98
N ALA A 495 22.84 8.32 1.40
CA ALA A 495 21.99 7.21 1.85
C ALA A 495 21.73 6.23 0.71
N LEU A 496 21.46 6.74 -0.48
CA LEU A 496 21.23 5.85 -1.63
C LEU A 496 22.49 5.06 -1.96
N PHE A 497 23.65 5.71 -1.87
CA PHE A 497 24.91 4.99 -2.11
C PHE A 497 25.10 3.88 -1.08
N ILE A 498 24.76 4.15 0.19
CA ILE A 498 24.89 3.13 1.23
C ILE A 498 23.95 1.96 0.94
N SER A 499 22.71 2.27 0.53
CA SER A 499 21.77 1.21 0.20
C SER A 499 22.27 0.38 -0.98
N ILE A 500 22.84 1.05 -1.99
CA ILE A 500 23.38 0.34 -3.14
C ILE A 500 24.54 -0.56 -2.71
N THR A 501 25.37 -0.08 -1.79
CA THR A 501 26.46 -0.91 -1.27
C THR A 501 25.92 -2.14 -0.55
N PHE A 502 24.86 -1.95 0.25
CA PHE A 502 24.22 -3.09 0.91
C PHE A 502 23.73 -4.11 -0.12
N VAL A 503 23.06 -3.62 -1.16
CA VAL A 503 22.51 -4.51 -2.18
C VAL A 503 23.63 -5.25 -2.89
N LEU A 504 24.73 -4.55 -3.20
CA LEU A 504 25.84 -5.21 -3.87
C LEU A 504 26.52 -6.23 -2.95
N ASP A 505 26.58 -5.95 -1.65
CA ASP A 505 27.14 -6.92 -0.72
C ASP A 505 26.29 -8.20 -0.71
N ALA A 506 24.97 -8.03 -0.66
CA ALA A 506 24.09 -9.20 -0.70
C ALA A 506 24.24 -9.96 -2.02
N VAL A 507 24.31 -9.23 -3.13
CA VAL A 507 24.45 -9.87 -4.44
C VAL A 507 25.76 -10.61 -4.54
N LYS A 508 26.85 -10.02 -4.04
CA LYS A 508 28.14 -10.69 -4.06
C LYS A 508 28.12 -11.95 -3.20
N GLY A 509 27.47 -11.88 -2.03
CA GLY A 509 27.37 -13.05 -1.19
C GLY A 509 26.63 -14.19 -1.87
N THR A 510 25.48 -13.88 -2.48
CA THR A 510 24.71 -14.93 -3.14
C THR A 510 25.43 -15.44 -4.39
N VAL A 511 26.15 -14.57 -5.09
CA VAL A 511 26.93 -15.01 -6.25
C VAL A 511 28.04 -15.95 -5.81
N LYS A 512 28.71 -15.64 -4.72
CA LYS A 512 29.74 -16.54 -4.21
C LYS A 512 29.15 -17.87 -3.78
N ILE A 513 27.97 -17.83 -3.15
CA ILE A 513 27.30 -19.08 -2.74
C ILE A 513 26.99 -19.93 -3.96
N PHE A 514 26.44 -19.30 -5.01
CA PHE A 514 26.14 -20.04 -6.23
C PHE A 514 27.41 -20.60 -6.87
N TRP A 515 28.47 -19.80 -6.92
CA TRP A 515 29.71 -20.25 -7.53
C TRP A 515 30.30 -21.45 -6.80
N LYS A 516 30.27 -21.41 -5.47
CA LYS A 516 30.86 -22.49 -4.69
C LYS A 516 29.99 -23.74 -4.73
N TYR A 517 28.67 -23.58 -4.60
CA TYR A 517 27.76 -24.71 -4.47
C TYR A 517 27.07 -25.08 -5.78
N TYR A 518 26.41 -24.12 -6.42
CA TYR A 518 25.64 -24.42 -7.63
C TYR A 518 26.54 -24.97 -8.73
N TYR A 519 27.69 -24.33 -8.95
CA TYR A 519 28.61 -24.73 -10.01
C TYR A 519 29.69 -25.67 -9.52
N GLY A 520 29.70 -26.04 -8.24
CA GLY A 520 30.65 -27.01 -7.74
C GLY A 520 32.09 -26.55 -7.76
N HIS A 521 32.33 -25.25 -7.78
CA HIS A 521 33.70 -24.71 -7.79
C HIS A 521 34.17 -24.49 -6.35
N TYR A 522 34.39 -25.60 -5.66
CA TYR A 522 34.86 -25.57 -4.27
C TYR A 522 36.26 -24.98 -4.20
N SER A 569 25.04 -31.99 -4.11
CA SER A 569 23.85 -31.35 -3.58
C SER A 569 24.03 -29.84 -3.46
N GLY A 570 25.08 -29.32 -4.09
CA GLY A 570 25.35 -27.89 -4.03
C GLY A 570 24.27 -27.05 -4.67
N GLN A 571 23.66 -27.55 -5.75
CA GLN A 571 22.61 -26.79 -6.41
C GLN A 571 21.44 -26.56 -5.46
N ALA A 572 21.06 -27.59 -4.69
CA ALA A 572 19.99 -27.43 -3.72
C ALA A 572 20.34 -26.37 -2.69
N THR A 573 21.58 -26.38 -2.19
CA THR A 573 21.98 -25.39 -1.20
C THR A 573 21.92 -23.98 -1.78
N ALA A 574 22.38 -23.80 -3.02
CA ALA A 574 22.38 -22.47 -3.63
C ALA A 574 20.94 -21.98 -3.84
N VAL A 575 20.07 -22.85 -4.35
CA VAL A 575 18.69 -22.43 -4.60
C VAL A 575 18.00 -22.12 -3.28
N LEU A 576 18.23 -22.93 -2.25
CA LEU A 576 17.66 -22.66 -0.94
C LEU A 576 18.21 -21.36 -0.35
N SER A 577 19.49 -21.07 -0.57
CA SER A 577 20.05 -19.82 -0.12
C SER A 577 19.34 -18.63 -0.76
N LEU A 578 19.15 -18.69 -2.08
CA LEU A 578 18.45 -17.61 -2.77
C LEU A 578 17.03 -17.46 -2.23
N LEU A 579 16.33 -18.59 -2.07
CA LEU A 579 14.95 -18.55 -1.59
C LEU A 579 14.88 -17.96 -0.19
N ILE A 580 15.78 -18.38 0.71
CA ILE A 580 15.76 -17.89 2.08
C ILE A 580 16.07 -16.40 2.13
N MET A 581 17.06 -15.95 1.36
CA MET A 581 17.38 -14.53 1.35
C MET A 581 16.19 -13.71 0.86
N LEU A 582 15.59 -14.12 -0.27
CA LEU A 582 14.47 -13.37 -0.81
C LEU A 582 13.28 -13.39 0.14
N GLY A 583 12.99 -14.54 0.76
CA GLY A 583 11.88 -14.62 1.68
C GLY A 583 12.08 -13.78 2.93
N THR A 584 13.31 -13.79 3.47
CA THR A 584 13.61 -12.94 4.62
C THR A 584 13.41 -11.47 4.25
N LEU A 585 13.91 -11.07 3.09
CA LEU A 585 13.71 -9.69 2.66
C LEU A 585 12.22 -9.36 2.57
N TRP A 586 11.44 -10.24 1.94
CA TRP A 586 10.02 -9.97 1.74
C TRP A 586 9.30 -9.87 3.07
N LEU A 587 9.54 -10.83 3.97
CA LEU A 587 8.83 -10.83 5.25
C LEU A 587 9.21 -9.61 6.08
N GLY A 588 10.49 -9.28 6.15
CA GLY A 588 10.90 -8.10 6.89
C GLY A 588 10.29 -6.84 6.32
N TYR A 589 10.31 -6.70 4.99
CA TYR A 589 9.76 -5.51 4.37
C TYR A 589 8.26 -5.40 4.62
N THR A 590 7.54 -6.53 4.53
CA THR A 590 6.09 -6.49 4.76
C THR A 590 5.77 -6.11 6.19
N LEU A 591 6.47 -6.74 7.16
CA LEU A 591 6.20 -6.42 8.56
C LEU A 591 6.58 -4.97 8.87
N TYR A 592 7.59 -4.44 8.19
CA TYR A 592 7.96 -3.04 8.41
C TYR A 592 6.94 -2.10 7.80
N GLN A 593 6.49 -2.38 6.57
CA GLN A 593 5.51 -1.53 5.90
C GLN A 593 4.15 -1.57 6.57
N PHE A 594 3.85 -2.64 7.32
CA PHE A 594 2.61 -2.64 8.09
C PHE A 594 2.56 -1.51 9.12
N LYS A 595 3.71 -0.92 9.46
CA LYS A 595 3.73 0.21 10.38
C LYS A 595 2.96 1.41 9.85
N LYS A 596 2.87 1.57 8.53
CA LYS A 596 2.22 2.73 7.93
C LYS A 596 0.73 2.54 7.70
N SER A 597 0.17 1.38 8.04
CA SER A 597 -1.25 1.13 7.85
C SER A 597 -2.05 1.98 8.84
N PRO A 598 -2.99 2.81 8.39
CA PRO A 598 -3.74 3.65 9.32
C PRO A 598 -4.87 2.93 10.04
N TYR A 599 -5.14 1.67 9.71
CA TYR A 599 -6.26 0.95 10.30
C TYR A 599 -5.85 0.00 11.42
N LEU A 600 -4.57 -0.36 11.50
CA LEU A 600 -4.11 -1.23 12.57
C LEU A 600 -4.05 -0.47 13.89
N HIS A 601 -4.14 -1.22 14.99
CA HIS A 601 -4.02 -0.62 16.30
C HIS A 601 -2.63 -0.01 16.46
N PRO A 602 -2.51 1.11 17.17
CA PRO A 602 -1.16 1.69 17.36
C PRO A 602 -0.18 0.71 17.97
N CYS A 603 -0.63 -0.08 18.94
CA CYS A 603 0.24 -1.10 19.53
C CYS A 603 0.65 -2.13 18.49
N VAL A 604 -0.28 -2.58 17.67
CA VAL A 604 0.04 -3.59 16.67
C VAL A 604 1.05 -3.05 15.67
N ARG A 605 0.81 -1.85 15.16
CA ARG A 605 1.68 -1.31 14.13
C ARG A 605 2.97 -0.70 14.68
N GLU A 606 3.12 -0.62 16.00
CA GLU A 606 4.43 -0.28 16.55
C GLU A 606 5.23 -1.53 16.94
N ILE A 607 4.54 -2.60 17.37
CA ILE A 607 5.24 -3.88 17.55
C ILE A 607 5.74 -4.42 16.23
N LEU A 608 4.91 -4.36 15.19
CA LEU A 608 5.33 -4.87 13.89
C LEU A 608 6.55 -4.11 13.38
N SER A 609 6.56 -2.79 13.53
CA SER A 609 7.75 -2.02 13.18
C SER A 609 8.93 -2.41 14.06
N ASP A 610 8.67 -2.63 15.35
CA ASP A 610 9.75 -2.94 16.28
C ASP A 610 10.35 -4.31 16.01
N CYS A 611 9.50 -5.30 15.75
CA CYS A 611 9.95 -6.69 15.65
C CYS A 611 9.68 -7.25 14.26
N ALA A 612 9.96 -6.47 13.22
CA ALA A 612 9.84 -7.00 11.85
C ALA A 612 11.09 -7.78 11.47
N LEU A 613 12.24 -7.14 11.48
CA LEU A 613 13.48 -7.82 11.14
C LEU A 613 13.80 -8.98 12.08
N PRO A 614 13.70 -8.83 13.41
CA PRO A 614 13.94 -10.00 14.27
C PRO A 614 12.98 -11.15 13.99
N ILE A 615 11.71 -10.85 13.75
CA ILE A 615 10.74 -11.91 13.47
C ILE A 615 11.10 -12.63 12.18
N ALA A 616 11.43 -11.87 11.14
CA ALA A 616 11.80 -12.50 9.87
C ALA A 616 13.05 -13.34 10.03
N VAL A 617 14.05 -12.82 10.74
CA VAL A 617 15.31 -13.55 10.90
C VAL A 617 15.05 -14.86 11.64
N LEU A 618 14.30 -14.80 12.75
CA LEU A 618 14.03 -16.00 13.52
C LEU A 618 13.23 -17.01 12.70
N ALA A 619 12.18 -16.55 12.02
CA ALA A 619 11.33 -17.46 11.27
C ALA A 619 12.10 -18.16 10.17
N PHE A 620 12.90 -17.40 9.41
CA PHE A 620 13.63 -18.02 8.31
C PHE A 620 14.84 -18.81 8.77
N SER A 621 15.45 -18.47 9.91
CA SER A 621 16.45 -19.34 10.48
C SER A 621 15.84 -20.68 10.88
N LEU A 622 14.65 -20.66 11.48
CA LEU A 622 13.96 -21.90 11.78
C LEU A 622 13.64 -22.69 10.52
N ILE A 623 13.18 -21.99 9.48
CA ILE A 623 12.82 -22.66 8.23
C ILE A 623 14.05 -23.33 7.61
N SER A 624 15.17 -22.60 7.57
CA SER A 624 16.36 -23.09 6.88
C SER A 624 17.20 -24.04 7.73
N SER A 625 16.97 -24.10 9.04
CA SER A 625 17.72 -24.99 9.92
C SER A 625 16.91 -26.16 10.44
N HIS A 626 15.59 -26.07 10.43
CA HIS A 626 14.72 -27.15 10.87
C HIS A 626 13.83 -27.67 9.76
N GLY A 627 13.17 -26.78 9.02
CA GLY A 627 12.35 -27.23 7.90
C GLY A 627 13.18 -27.83 6.78
N PHE A 628 14.35 -27.27 6.51
CA PHE A 628 15.25 -27.73 5.46
C PHE A 628 16.57 -28.21 6.06
N ARG A 629 16.49 -28.92 7.19
CA ARG A 629 17.71 -29.39 7.85
C ARG A 629 18.49 -30.38 7.00
N GLU A 630 17.84 -31.06 6.06
CA GLU A 630 18.54 -31.99 5.19
C GLU A 630 19.48 -31.28 4.22
N ILE A 631 19.30 -29.98 4.02
CA ILE A 631 20.14 -29.21 3.11
C ILE A 631 21.05 -28.30 3.92
N GLU A 632 22.26 -28.78 4.21
CA GLU A 632 23.24 -27.96 4.91
C GLU A 632 23.74 -26.86 4.00
N MET A 633 23.95 -25.67 4.56
CA MET A 633 24.39 -24.52 3.79
C MET A 633 25.45 -23.72 4.54
N SER A 634 25.83 -22.58 3.98
CA SER A 634 26.94 -21.80 4.53
C SER A 634 26.55 -21.17 5.87
N LYS A 635 27.53 -21.13 6.79
CA LYS A 635 27.41 -20.44 8.05
C LYS A 635 28.66 -19.62 8.30
N PHE A 636 28.50 -18.50 9.01
CA PHE A 636 29.64 -17.64 9.27
C PHE A 636 30.65 -18.33 10.19
N ARG A 637 31.93 -18.08 9.93
CA ARG A 637 32.99 -18.73 10.68
C ARG A 637 33.00 -18.30 12.14
N TYR A 638 33.39 -19.21 13.01
CA TYR A 638 33.56 -18.91 14.43
C TYR A 638 34.62 -19.84 15.00
N ASN A 639 35.79 -19.28 15.31
CA ASN A 639 36.88 -20.04 15.91
C ASN A 639 37.06 -19.63 17.36
N PRO A 640 36.71 -20.46 18.35
CA PRO A 640 36.90 -20.09 19.74
C PRO A 640 38.29 -20.43 20.28
N PHE A 645 41.62 -11.20 20.90
CA PHE A 645 41.60 -9.78 21.24
C PHE A 645 42.98 -9.33 21.73
N ALA A 646 43.98 -9.46 20.86
CA ALA A 646 45.34 -9.07 21.19
C ALA A 646 45.67 -7.74 20.55
N MET A 647 46.38 -6.89 21.29
CA MET A 647 46.74 -5.57 20.79
C MET A 647 47.63 -5.71 19.56
N ALA A 648 47.36 -4.89 18.55
CA ALA A 648 48.13 -4.93 17.32
C ALA A 648 49.56 -4.45 17.55
N GLN A 649 50.50 -5.06 16.83
CA GLN A 649 51.90 -4.71 16.93
C GLN A 649 52.16 -3.48 16.06
N ILE A 650 51.79 -2.32 16.60
CA ILE A 650 51.95 -1.07 15.86
C ILE A 650 53.43 -0.75 15.66
N GLN A 651 54.28 -1.09 16.62
CA GLN A 651 55.70 -0.74 16.51
C GLN A 651 56.39 -1.43 15.35
N SER A 652 55.87 -2.58 14.91
CA SER A 652 56.50 -3.35 13.83
C SER A 652 55.86 -2.98 12.50
N LEU A 653 56.20 -1.79 12.02
CA LEU A 653 55.70 -1.31 10.74
C LEU A 653 56.66 -0.27 10.19
N SER A 654 56.84 -0.30 8.87
CA SER A 654 57.78 0.61 8.21
C SER A 654 57.21 2.02 8.14
N LEU A 655 58.12 2.99 7.99
CA LEU A 655 57.71 4.38 7.91
C LEU A 655 56.86 4.66 6.68
N ARG A 656 57.20 4.02 5.55
CA ARG A 656 56.39 4.18 4.35
C ARG A 656 54.97 3.66 4.59
N ALA A 657 54.85 2.51 5.25
CA ALA A 657 53.52 2.01 5.62
C ALA A 657 52.83 2.95 6.58
N VAL A 658 53.60 3.63 7.44
CA VAL A 658 53.01 4.60 8.35
C VAL A 658 52.42 5.77 7.58
N SER A 659 53.14 6.25 6.56
CA SER A 659 52.62 7.35 5.75
C SER A 659 51.39 6.91 4.96
N GLY A 660 51.40 5.70 4.41
CA GLY A 660 50.22 5.19 3.74
C GLY A 660 49.04 5.11 4.68
N ALA A 661 49.26 4.62 5.89
CA ALA A 661 48.22 4.60 6.90
C ALA A 661 47.76 6.00 7.26
N MET A 662 48.67 6.98 7.24
CA MET A 662 48.28 8.36 7.49
C MET A 662 47.29 8.86 6.43
N GLY A 663 47.61 8.61 5.16
CA GLY A 663 46.69 9.04 4.10
C GLY A 663 45.35 8.33 4.19
N LEU A 664 45.39 7.01 4.41
CA LEU A 664 44.16 6.24 4.53
C LEU A 664 43.35 6.70 5.73
N GLY A 665 44.01 7.00 6.85
CA GLY A 665 43.31 7.50 8.01
C GLY A 665 42.72 8.87 7.79
N PHE A 666 43.39 9.71 6.99
CA PHE A 666 42.81 11.01 6.63
C PHE A 666 41.51 10.81 5.87
N LEU A 667 41.52 9.93 4.86
CA LEU A 667 40.30 9.69 4.11
C LEU A 667 39.20 9.12 5.01
N LEU A 668 39.57 8.16 5.85
CA LEU A 668 38.61 7.58 6.77
C LEU A 668 38.07 8.62 7.75
N SER A 669 38.90 9.57 8.16
CA SER A 669 38.46 10.61 9.08
C SER A 669 37.46 11.54 8.41
N MET A 670 37.69 11.88 7.14
CA MET A 670 36.68 12.65 6.43
C MET A 670 35.36 11.88 6.36
N LEU A 671 35.43 10.59 6.05
CA LEU A 671 34.22 9.77 6.01
C LEU A 671 33.50 9.78 7.36
N PHE A 672 34.26 9.57 8.44
CA PHE A 672 33.67 9.53 9.77
C PHE A 672 33.05 10.87 10.14
N PHE A 673 33.76 11.97 9.86
CA PHE A 673 33.21 13.29 10.11
C PHE A 673 31.86 13.45 9.45
N ILE A 674 31.79 13.17 8.14
CA ILE A 674 30.55 13.36 7.41
C ILE A 674 29.45 12.49 7.99
N GLU A 675 29.72 11.20 8.19
CA GLU A 675 28.66 10.28 8.61
C GLU A 675 28.16 10.62 10.01
N GLN A 676 29.10 10.80 10.96
CA GLN A 676 28.71 11.08 12.33
C GLN A 676 27.93 12.38 12.43
N ASN A 677 28.40 13.43 11.76
CA ASN A 677 27.69 14.70 11.84
C ASN A 677 26.32 14.62 11.16
N LEU A 678 26.23 13.87 10.05
CA LEU A 678 24.94 13.68 9.39
C LEU A 678 23.94 13.04 10.35
N VAL A 679 24.34 11.93 10.99
CA VAL A 679 23.40 11.23 11.86
C VAL A 679 23.08 12.08 13.09
N ALA A 680 24.07 12.80 13.61
CA ALA A 680 23.80 13.67 14.76
C ALA A 680 22.81 14.76 14.42
N ALA A 681 22.96 15.37 13.23
CA ALA A 681 21.98 16.36 12.79
C ALA A 681 20.61 15.75 12.61
N LEU A 682 20.53 14.53 12.08
CA LEU A 682 19.23 13.86 11.98
C LEU A 682 18.60 13.67 13.35
N VAL A 683 19.39 13.24 14.33
CA VAL A 683 18.85 13.02 15.67
C VAL A 683 18.47 14.34 16.32
N ASN A 684 19.27 15.39 16.09
CA ASN A 684 19.04 16.70 16.69
C ASN A 684 18.16 17.60 15.84
N ALA A 685 17.31 17.02 15.00
CA ALA A 685 16.46 17.84 14.16
C ALA A 685 15.50 18.66 15.02
N PRO A 686 15.18 19.89 14.62
CA PRO A 686 14.24 20.69 15.44
C PRO A 686 12.89 20.03 15.61
N GLU A 687 12.41 19.30 14.60
CA GLU A 687 11.09 18.67 14.68
C GLU A 687 11.03 17.56 15.72
N ASN A 688 12.17 17.09 16.23
CA ASN A 688 12.16 16.04 17.23
C ASN A 688 11.87 16.57 18.63
N ARG A 689 11.96 17.88 18.84
CA ARG A 689 11.65 18.50 20.13
C ARG A 689 12.53 17.93 21.24
N LEU A 690 13.83 18.16 21.10
CA LEU A 690 14.82 17.73 22.08
C LEU A 690 15.18 18.92 22.96
N VAL A 691 14.76 18.88 24.22
CA VAL A 691 15.00 20.01 25.12
C VAL A 691 16.48 20.15 25.41
N LYS A 692 17.18 19.04 25.62
CA LYS A 692 18.60 19.11 25.97
C LYS A 692 19.42 19.56 24.78
N GLY A 693 20.57 20.16 25.08
CA GLY A 693 21.41 20.74 24.05
C GLY A 693 22.11 19.72 23.20
N THR A 694 22.70 20.21 22.11
CA THR A 694 23.44 19.38 21.18
C THR A 694 24.90 19.29 21.58
N ALA A 695 25.52 18.17 21.22
CA ALA A 695 26.94 17.93 21.51
C ALA A 695 27.57 17.28 20.27
N TYR A 696 28.16 18.11 19.41
CA TYR A 696 28.79 17.63 18.19
C TYR A 696 30.28 17.40 18.34
N HIS A 697 31.00 18.37 18.91
CA HIS A 697 32.46 18.26 19.00
C HIS A 697 32.88 17.26 20.07
N TRP A 698 32.23 17.28 21.23
CA TRP A 698 32.54 16.30 22.26
C TRP A 698 32.21 14.89 21.78
N ASP A 699 31.10 14.74 21.06
CA ASP A 699 30.76 13.43 20.52
C ASP A 699 31.81 12.96 19.52
N LEU A 700 32.31 13.86 18.68
CA LEU A 700 33.34 13.49 17.72
C LEU A 700 34.63 13.10 18.44
N LEU A 701 35.00 13.84 19.48
CA LEU A 701 36.21 13.48 20.22
C LEU A 701 36.08 12.12 20.89
N LEU A 702 34.93 11.84 21.50
CA LEU A 702 34.72 10.54 22.12
C LEU A 702 34.71 9.44 21.07
N LEU A 703 34.13 9.71 19.90
CA LEU A 703 34.17 8.73 18.82
C LEU A 703 35.59 8.43 18.42
N ALA A 704 36.43 9.46 18.30
CA ALA A 704 37.84 9.25 17.96
C ALA A 704 38.54 8.42 19.03
N ILE A 705 38.25 8.71 20.31
CA ILE A 705 38.92 7.97 21.39
C ILE A 705 38.52 6.50 21.35
N ILE A 706 37.22 6.22 21.24
CA ILE A 706 36.79 4.82 21.23
C ILE A 706 37.25 4.13 19.96
N ASN A 707 37.38 4.87 18.86
CA ASN A 707 37.90 4.26 17.63
C ASN A 707 39.37 3.90 17.77
N THR A 708 40.16 4.76 18.43
CA THR A 708 41.53 4.39 18.75
C THR A 708 41.56 3.13 19.58
N GLY A 709 40.72 3.06 20.62
CA GLY A 709 40.68 1.87 21.45
C GLY A 709 40.32 0.62 20.66
N LEU A 710 39.34 0.72 19.77
CA LEU A 710 38.91 -0.43 18.98
C LEU A 710 39.98 -0.86 17.98
N SER A 711 40.60 0.12 17.30
CA SER A 711 41.61 -0.21 16.31
C SER A 711 42.85 -0.84 16.95
N LEU A 712 43.23 -0.36 18.14
CA LEU A 712 44.40 -0.92 18.80
C LEU A 712 44.26 -2.42 19.03
N PHE A 713 43.02 -2.90 19.19
CA PHE A 713 42.74 -4.31 19.41
C PHE A 713 42.20 -5.01 18.17
N GLY A 714 42.20 -4.33 17.02
CA GLY A 714 41.78 -4.95 15.78
C GLY A 714 40.27 -5.05 15.59
N LEU A 715 39.48 -4.46 16.48
CA LEU A 715 38.03 -4.53 16.36
C LEU A 715 37.55 -3.60 15.24
N PRO A 716 36.45 -3.95 14.57
CA PRO A 716 35.96 -3.11 13.48
C PRO A 716 35.50 -1.75 13.97
N TRP A 717 35.65 -0.75 13.10
CA TRP A 717 35.27 0.60 13.45
C TRP A 717 33.75 0.74 13.51
N ILE A 718 33.29 1.81 14.16
CA ILE A 718 31.87 2.09 14.32
C ILE A 718 31.66 3.60 14.38
N HIS A 719 30.51 4.05 13.89
CA HIS A 719 30.07 5.42 14.07
C HIS A 719 28.55 5.43 14.09
N ALA A 720 27.97 6.62 14.15
CA ALA A 720 26.52 6.75 14.26
C ALA A 720 25.83 6.04 13.10
N ALA A 721 24.81 5.25 13.43
CA ALA A 721 24.07 4.47 12.45
C ALA A 721 22.88 5.28 11.97
N TYR A 722 22.84 5.56 10.66
CA TYR A 722 21.74 6.36 10.11
C TYR A 722 20.39 5.70 10.29
N PRO A 723 20.21 4.41 9.98
CA PRO A 723 18.86 3.83 10.09
C PRO A 723 18.40 3.64 11.53
N HIS A 724 19.31 3.45 12.47
CA HIS A 724 18.94 3.07 13.83
C HIS A 724 18.81 4.24 14.80
N SER A 725 19.42 5.38 14.50
CA SER A 725 19.35 6.52 15.43
C SER A 725 17.98 7.17 15.36
N PRO A 726 17.48 7.52 14.17
CA PRO A 726 16.09 8.04 14.11
C PRO A 726 15.07 7.05 14.60
N LEU A 727 15.27 5.75 14.33
CA LEU A 727 14.37 4.74 14.86
C LEU A 727 14.42 4.69 16.38
N HIS A 728 15.62 4.82 16.95
CA HIS A 728 15.75 4.87 18.40
C HIS A 728 15.02 6.08 18.96
N VAL A 729 15.14 7.23 18.30
CA VAL A 729 14.46 8.44 18.77
C VAL A 729 12.95 8.24 18.72
N ARG A 730 12.45 7.69 17.60
CA ARG A 730 11.02 7.50 17.45
C ARG A 730 10.48 6.52 18.49
N ALA A 731 11.19 5.41 18.72
CA ALA A 731 10.74 4.45 19.72
C ALA A 731 10.75 5.04 21.12
N LEU A 732 11.61 6.04 21.35
CA LEU A 732 11.73 6.69 22.65
C LEU A 732 10.98 8.01 22.70
N ALA A 733 9.96 8.18 21.87
CA ALA A 733 9.27 9.45 21.75
C ALA A 733 7.76 9.22 21.68
N LEU A 734 7.02 10.23 22.12
CA LEU A 734 5.57 10.28 21.96
C LEU A 734 5.25 11.02 20.67
N VAL A 735 4.28 10.49 19.92
CA VAL A 735 3.97 11.01 18.60
C VAL A 735 2.47 11.23 18.46
N GLU A 736 2.11 12.11 17.53
CA GLU A 736 0.73 12.35 17.14
C GLU A 736 0.52 11.78 15.75
N GLU A 737 -0.38 10.81 15.64
CA GLU A 737 -0.60 10.14 14.37
C GLU A 737 -1.24 11.09 13.36
N ARG A 738 -0.77 11.03 12.12
CA ARG A 738 -1.32 11.81 11.02
C ARG A 738 -1.49 10.90 9.81
N VAL A 739 -2.62 11.03 9.14
CA VAL A 739 -2.96 10.19 7.99
C VAL A 739 -2.98 11.09 6.77
N GLU A 740 -1.93 10.99 5.95
CA GLU A 740 -1.85 11.70 4.67
C GLU A 740 -1.76 10.66 3.57
N ASN A 741 -2.71 10.70 2.63
CA ASN A 741 -2.75 9.74 1.51
C ASN A 741 -2.82 8.30 2.00
N GLY A 742 -3.54 8.09 3.08
CA GLY A 742 -3.73 6.74 3.58
C GLY A 742 -2.52 6.11 4.22
N HIS A 743 -1.59 6.92 4.72
CA HIS A 743 -0.39 6.42 5.38
C HIS A 743 -0.17 7.17 6.69
N ILE A 744 0.30 6.47 7.70
CA ILE A 744 0.51 7.05 9.03
C ILE A 744 1.82 7.81 9.04
N TYR A 745 1.78 9.06 9.47
CA TYR A 745 2.96 9.88 9.68
C TYR A 745 2.96 10.39 11.11
N ASP A 746 4.13 10.35 11.75
CA ASP A 746 4.27 10.64 13.17
C ASP A 746 4.86 12.03 13.38
N THR A 747 4.28 12.78 14.29
CA THR A 747 4.78 14.09 14.71
C THR A 747 5.22 13.96 16.16
N ILE A 748 6.53 13.99 16.39
CA ILE A 748 7.07 13.79 17.74
C ILE A 748 6.74 15.01 18.59
N VAL A 749 6.24 14.75 19.80
CA VAL A 749 5.91 15.82 20.74
C VAL A 749 6.91 15.88 21.89
N ASN A 750 7.41 14.72 22.34
CA ASN A 750 8.32 14.67 23.48
C ASN A 750 9.20 13.44 23.36
N VAL A 751 10.51 13.64 23.39
CA VAL A 751 11.49 12.56 23.43
C VAL A 751 12.05 12.48 24.84
N LYS A 752 12.09 11.27 25.40
CA LYS A 752 12.44 11.10 26.80
C LYS A 752 13.94 11.24 27.06
N GLU A 753 14.78 10.97 26.08
CA GLU A 753 16.20 11.33 26.13
C GLU A 753 16.89 10.72 27.36
N THR A 754 16.96 9.38 27.37
CA THR A 754 17.62 8.65 28.44
C THR A 754 18.73 7.78 27.88
N ARG A 755 19.77 7.57 28.67
CA ARG A 755 20.88 6.69 28.31
C ARG A 755 20.64 5.25 28.73
N LEU A 756 19.57 4.97 29.49
CA LEU A 756 19.35 3.62 29.98
C LEU A 756 19.12 2.65 28.83
N THR A 757 18.40 3.08 27.78
CA THR A 757 18.08 2.19 26.68
C THR A 757 19.34 1.79 25.92
N SER A 758 20.16 2.76 25.54
CA SER A 758 21.38 2.44 24.80
C SER A 758 22.35 1.63 25.65
N LEU A 759 22.49 1.98 26.93
CA LEU A 759 23.36 1.22 27.81
C LEU A 759 22.89 -0.22 27.95
N GLY A 760 21.59 -0.42 28.14
CA GLY A 760 21.07 -1.79 28.22
C GLY A 760 21.26 -2.56 26.94
N ALA A 761 21.06 -1.91 25.79
CA ALA A 761 21.27 -2.57 24.52
C ALA A 761 22.73 -2.98 24.35
N SER A 762 23.66 -2.10 24.70
CA SER A 762 25.07 -2.44 24.60
C SER A 762 25.44 -3.59 25.52
N VAL A 763 24.94 -3.56 26.76
CA VAL A 763 25.24 -4.65 27.69
C VAL A 763 24.65 -5.97 27.20
N LEU A 764 23.44 -5.94 26.64
CA LEU A 764 22.84 -7.17 26.12
C LEU A 764 23.63 -7.69 24.92
N VAL A 765 24.08 -6.80 24.05
CA VAL A 765 24.88 -7.23 22.90
C VAL A 765 26.18 -7.86 23.39
N GLY A 766 26.81 -7.26 24.39
CA GLY A 766 28.01 -7.85 24.96
C GLY A 766 27.76 -9.22 25.57
N LEU A 767 26.66 -9.35 26.32
CA LEU A 767 26.31 -10.64 26.91
C LEU A 767 25.95 -11.67 25.85
N SER A 768 25.54 -11.24 24.67
CA SER A 768 25.21 -12.17 23.60
C SER A 768 26.41 -12.98 23.12
N LEU A 769 27.62 -12.58 23.51
CA LEU A 769 28.81 -13.36 23.15
C LEU A 769 28.71 -14.78 23.68
N LEU A 770 27.97 -14.99 24.79
CA LEU A 770 27.80 -16.31 25.35
C LEU A 770 26.84 -17.17 24.54
N LEU A 771 26.04 -16.57 23.66
CA LEU A 771 25.09 -17.29 22.83
C LEU A 771 25.64 -17.54 21.42
N LEU A 772 26.94 -17.32 21.22
CA LEU A 772 27.51 -17.36 19.88
C LEU A 772 27.72 -18.78 19.39
N PRO A 773 28.32 -19.69 20.17
CA PRO A 773 28.61 -21.03 19.62
C PRO A 773 27.36 -21.82 19.27
N VAL A 774 26.50 -22.08 20.25
CA VAL A 774 25.32 -22.90 20.00
C VAL A 774 24.19 -22.06 19.41
N PRO A 775 23.74 -20.94 20.03
CA PRO A 775 22.82 -20.05 19.31
C PRO A 775 23.54 -19.16 18.33
N LEU A 776 22.78 -18.37 17.56
CA LEU A 776 23.32 -17.29 16.75
C LEU A 776 24.17 -17.79 15.59
N GLN A 777 24.39 -19.11 15.51
CA GLN A 777 25.07 -19.70 14.36
C GLN A 777 24.14 -20.47 13.45
N TRP A 778 22.96 -20.85 13.94
CA TRP A 778 21.94 -21.43 13.08
C TRP A 778 21.38 -20.42 12.09
N ILE A 779 21.67 -19.13 12.28
CA ILE A 779 21.31 -18.08 11.32
C ILE A 779 22.26 -18.21 10.13
N PRO A 780 21.81 -18.70 8.98
CA PRO A 780 22.73 -18.90 7.86
C PRO A 780 23.04 -17.58 7.16
N LYS A 781 24.11 -17.62 6.37
CA LYS A 781 24.54 -16.40 5.67
C LYS A 781 23.45 -15.78 4.81
N PRO A 782 22.67 -16.55 4.04
CA PRO A 782 21.59 -15.93 3.25
C PRO A 782 20.62 -15.13 4.09
N VAL A 783 20.38 -15.53 5.34
CA VAL A 783 19.54 -14.71 6.22
C VAL A 783 20.20 -13.35 6.46
N LEU A 784 21.53 -13.34 6.64
CA LEU A 784 22.23 -12.08 6.83
C LEU A 784 22.19 -11.23 5.56
N TYR A 785 22.28 -11.86 4.39
CA TYR A 785 22.16 -11.11 3.14
C TYR A 785 20.75 -10.52 2.99
N GLY A 786 19.73 -11.30 3.37
CA GLY A 786 18.38 -10.75 3.39
C GLY A 786 18.23 -9.61 4.37
N LEU A 787 18.94 -9.68 5.50
CA LEU A 787 18.96 -8.56 6.44
C LEU A 787 19.58 -7.33 5.79
N PHE A 788 20.68 -7.51 5.05
CA PHE A 788 21.28 -6.40 4.34
C PHE A 788 20.30 -5.78 3.34
N LEU A 789 19.60 -6.64 2.59
CA LEU A 789 18.63 -6.14 1.63
C LEU A 789 17.49 -5.40 2.33
N TYR A 790 17.02 -5.93 3.45
CA TYR A 790 15.95 -5.28 4.19
C TYR A 790 16.38 -3.91 4.68
N ILE A 791 17.60 -3.80 5.20
CA ILE A 791 18.11 -2.51 5.64
C ILE A 791 18.21 -1.55 4.46
N ALA A 792 18.70 -2.04 3.32
CA ALA A 792 18.85 -1.18 2.15
C ALA A 792 17.51 -0.63 1.70
N LEU A 793 16.48 -1.47 1.64
CA LEU A 793 15.17 -1.00 1.21
C LEU A 793 14.51 -0.09 2.25
N THR A 794 14.65 -0.42 3.54
CA THR A 794 13.98 0.35 4.58
C THR A 794 14.71 1.63 4.95
N SER A 795 15.94 1.83 4.49
CA SER A 795 16.65 3.08 4.73
C SER A 795 16.26 4.18 3.75
N LEU A 796 15.38 3.89 2.79
CA LEU A 796 14.94 4.86 1.80
C LEU A 796 13.48 5.26 1.99
N ASP A 797 13.01 5.25 3.24
CA ASP A 797 11.59 5.53 3.50
C ASP A 797 11.22 6.94 3.07
N GLY A 798 11.97 7.93 3.54
CA GLY A 798 11.67 9.32 3.25
C GLY A 798 12.58 9.91 2.20
N ASN A 799 13.22 9.06 1.40
CA ASN A 799 14.19 9.53 0.42
C ASN A 799 13.48 10.31 -0.68
N GLN A 800 13.77 11.62 -0.75
CA GLN A 800 13.19 12.44 -1.80
C GLN A 800 13.87 12.18 -3.15
N LEU A 801 15.13 11.77 -3.14
CA LEU A 801 15.79 11.43 -4.40
C LEU A 801 15.12 10.23 -5.06
N VAL A 802 14.80 9.20 -4.27
CA VAL A 802 14.10 8.04 -4.82
C VAL A 802 12.71 8.45 -5.30
N GLN A 803 12.04 9.33 -4.55
CA GLN A 803 10.72 9.80 -4.97
C GLN A 803 10.80 10.52 -6.30
N ARG A 804 11.79 11.39 -6.47
CA ARG A 804 11.94 12.11 -7.74
C ARG A 804 12.33 11.18 -8.88
N VAL A 805 13.15 10.16 -8.60
CA VAL A 805 13.50 9.20 -9.63
C VAL A 805 12.27 8.43 -10.09
N ALA A 806 11.44 8.00 -9.13
CA ALA A 806 10.21 7.30 -9.47
C ALA A 806 9.18 8.22 -10.10
N LEU A 807 9.30 9.53 -9.90
CA LEU A 807 8.35 10.47 -10.49
C LEU A 807 8.28 10.32 -12.00
N LEU A 808 9.35 9.84 -12.63
CA LEU A 808 9.32 9.59 -14.06
C LEU A 808 8.21 8.62 -14.42
N LEU A 809 8.02 7.58 -13.61
CA LEU A 809 6.94 6.62 -13.82
C LEU A 809 5.62 7.06 -13.21
N LYS A 810 5.62 8.09 -12.38
CA LYS A 810 4.41 8.56 -11.71
C LYS A 810 3.80 9.72 -12.50
N GLU A 811 2.72 10.28 -11.96
CA GLU A 811 2.02 11.41 -12.56
C GLU A 811 2.23 12.65 -11.69
N GLN A 812 2.77 13.71 -12.29
CA GLN A 812 3.01 14.93 -11.54
C GLN A 812 1.71 15.55 -11.04
N THR A 813 0.69 15.56 -11.88
CA THR A 813 -0.57 16.19 -11.51
C THR A 813 -1.26 15.42 -10.40
N ALA A 814 -0.87 14.17 -10.19
CA ALA A 814 -1.45 13.35 -9.12
C ALA A 814 -1.09 13.80 -7.72
N TYR A 815 0.05 14.46 -7.57
CA TYR A 815 0.52 14.89 -6.25
C TYR A 815 -0.32 16.01 -5.65
N PRO A 816 -0.25 16.21 -4.34
CA PRO A 816 -1.11 17.20 -3.70
C PRO A 816 -0.95 18.61 -4.28
N PRO A 817 -2.05 19.36 -4.41
CA PRO A 817 -1.99 20.70 -5.02
C PRO A 817 -0.82 21.58 -4.60
N THR A 818 -0.51 21.65 -3.32
CA THR A 818 0.56 22.47 -2.78
C THR A 818 1.87 21.69 -2.61
N HIS A 819 1.93 20.46 -3.10
CA HIS A 819 3.17 19.70 -3.05
C HIS A 819 4.26 20.40 -3.85
N TYR A 820 5.50 20.33 -3.37
CA TYR A 820 6.60 20.98 -4.05
C TYR A 820 6.79 20.44 -5.46
N ILE A 821 6.38 19.20 -5.74
CA ILE A 821 6.56 18.61 -7.06
C ILE A 821 5.72 19.38 -8.05
N ARG A 822 4.46 19.63 -7.71
CA ARG A 822 3.56 20.40 -8.60
C ARG A 822 3.91 21.87 -8.67
N ARG A 823 4.46 22.43 -7.61
CA ARG A 823 4.90 23.82 -7.60
C ARG A 823 6.08 24.11 -8.53
N VAL A 824 7.07 23.23 -8.56
CA VAL A 824 8.27 23.45 -9.36
C VAL A 824 8.04 22.88 -10.77
N PRO A 825 8.46 23.59 -11.85
CA PRO A 825 8.28 22.99 -13.17
C PRO A 825 8.96 21.63 -13.25
N GLN A 826 8.34 20.71 -13.99
CA GLN A 826 8.89 19.37 -14.10
C GLN A 826 10.27 19.36 -14.75
N ARG A 827 10.56 20.35 -15.60
CA ARG A 827 11.87 20.38 -16.25
C ARG A 827 12.98 20.59 -15.23
N LYS A 828 12.78 21.54 -14.31
CA LYS A 828 13.80 21.79 -13.29
C LYS A 828 13.88 20.65 -12.29
N ILE A 829 12.75 20.02 -11.97
CA ILE A 829 12.78 18.84 -11.11
C ILE A 829 13.62 17.74 -11.76
N HIS A 830 13.41 17.51 -13.06
CA HIS A 830 14.18 16.50 -13.76
C HIS A 830 15.66 16.88 -13.85
N TYR A 831 15.97 18.15 -14.02
CA TYR A 831 17.37 18.57 -14.04
C TYR A 831 18.04 18.32 -12.70
N PHE A 832 17.36 18.67 -11.61
CA PHE A 832 17.91 18.41 -10.28
C PHE A 832 18.09 16.93 -10.04
N THR A 833 17.10 16.13 -10.45
CA THR A 833 17.20 14.68 -10.29
C THR A 833 18.37 14.14 -11.11
N GLY A 834 18.56 14.65 -12.32
CA GLY A 834 19.67 14.21 -13.15
C GLY A 834 21.02 14.55 -12.54
N LEU A 835 21.15 15.75 -12.00
CA LEU A 835 22.40 16.13 -11.33
C LEU A 835 22.66 15.24 -10.12
N GLN A 836 21.62 14.98 -9.32
CA GLN A 836 21.78 14.10 -8.16
C GLN A 836 22.15 12.69 -8.59
N VAL A 837 21.54 12.19 -9.66
CA VAL A 837 21.84 10.85 -10.14
C VAL A 837 23.27 10.79 -10.69
N LEU A 838 23.71 11.85 -11.34
CA LEU A 838 25.09 11.90 -11.81
C LEU A 838 26.07 11.85 -10.64
N GLN A 839 25.79 12.62 -9.59
CA GLN A 839 26.64 12.57 -8.40
C GLN A 839 26.65 11.16 -7.79
N LEU A 840 25.47 10.53 -7.71
CA LEU A 840 25.40 9.19 -7.13
C LEU A 840 26.15 8.19 -7.99
N LEU A 841 26.05 8.32 -9.32
CA LEU A 841 26.76 7.41 -10.21
C LEU A 841 28.26 7.57 -10.09
N LEU A 842 28.73 8.82 -9.99
CA LEU A 842 30.16 9.05 -9.79
C LEU A 842 30.63 8.47 -8.46
N LEU A 843 29.82 8.65 -7.41
CA LEU A 843 30.15 8.08 -6.10
C LEU A 843 30.24 6.56 -6.17
N CYS A 844 29.29 5.94 -6.87
CA CYS A 844 29.34 4.48 -7.04
C CYS A 844 30.57 4.08 -7.85
N ALA A 845 30.91 4.86 -8.88
CA ALA A 845 32.02 4.50 -9.74
C ALA A 845 33.33 4.48 -8.96
N PHE A 846 33.60 5.53 -8.17
CA PHE A 846 34.81 5.50 -7.35
C PHE A 846 34.72 4.50 -6.20
N GLY A 847 33.62 4.50 -5.45
CA GLY A 847 33.55 3.78 -4.21
C GLY A 847 33.08 2.35 -4.30
N MET A 848 32.92 1.80 -5.51
CA MET A 848 32.46 0.42 -5.66
C MET A 848 33.22 -0.32 -6.76
N SER A 849 34.37 0.19 -7.20
CA SER A 849 35.13 -0.44 -8.27
C SER A 849 36.01 -1.56 -7.72
N SER A 850 36.69 -2.26 -8.63
CA SER A 850 37.60 -3.32 -8.24
C SER A 850 38.98 -2.81 -7.85
N LEU A 851 39.31 -1.57 -8.16
CA LEU A 851 40.62 -1.02 -7.84
C LEU A 851 40.64 -0.51 -6.41
N PRO A 852 41.47 -1.05 -5.52
CA PRO A 852 41.53 -0.50 -4.16
C PRO A 852 41.97 0.95 -4.12
N TYR A 853 42.90 1.34 -4.98
CA TYR A 853 43.40 2.71 -4.98
C TYR A 853 42.33 3.71 -5.36
N MET A 854 41.32 3.30 -6.14
CA MET A 854 40.21 4.17 -6.48
C MET A 854 38.99 3.93 -5.59
N LYS A 855 38.91 2.75 -4.95
CA LYS A 855 37.87 2.53 -3.95
C LYS A 855 38.16 3.25 -2.64
N MET A 856 39.42 3.62 -2.40
CA MET A 856 39.80 4.33 -1.19
C MET A 856 39.56 5.83 -1.29
N ILE A 857 39.12 6.33 -2.45
CA ILE A 857 39.00 7.76 -2.67
C ILE A 857 37.58 8.28 -2.48
N PHE A 858 36.58 7.41 -2.34
CA PHE A 858 35.21 7.88 -2.32
C PHE A 858 34.91 8.83 -1.16
N PRO A 859 35.58 8.78 0.00
CA PRO A 859 35.36 9.83 1.00
C PRO A 859 35.71 11.21 0.48
N LEU A 860 36.73 11.32 -0.38
CA LEU A 860 37.09 12.63 -0.92
C LEU A 860 35.95 13.22 -1.71
N ILE A 861 35.31 12.42 -2.57
CA ILE A 861 34.19 12.94 -3.35
C ILE A 861 32.95 13.13 -2.49
N MET A 862 32.79 12.35 -1.41
CA MET A 862 31.74 12.64 -0.45
C MET A 862 31.91 14.03 0.13
N ILE A 863 33.15 14.39 0.48
CA ILE A 863 33.44 15.77 0.89
C ILE A 863 33.16 16.74 -0.25
N ALA A 864 33.55 16.38 -1.46
CA ALA A 864 33.47 17.30 -2.59
C ALA A 864 32.05 17.64 -3.01
N MET A 865 31.09 16.72 -2.81
CA MET A 865 29.73 17.03 -3.23
C MET A 865 29.17 18.25 -2.51
N ILE A 866 29.58 18.47 -1.25
CA ILE A 866 29.06 19.62 -0.51
C ILE A 866 29.44 20.93 -1.17
N PRO A 867 30.70 21.19 -1.50
CA PRO A 867 31.00 22.39 -2.32
C PRO A 867 30.26 22.40 -3.64
N ILE A 868 30.09 21.25 -4.29
CA ILE A 868 29.38 21.22 -5.55
C ILE A 868 27.95 21.70 -5.36
N ARG A 869 27.24 21.13 -4.39
CA ARG A 869 25.87 21.55 -4.12
C ARG A 869 25.80 23.01 -3.73
N TYR A 870 26.80 23.49 -2.98
CA TYR A 870 26.74 24.86 -2.47
C TYR A 870 27.03 25.88 -3.56
N ILE A 871 27.84 25.53 -4.56
CA ILE A 871 28.32 26.50 -5.55
C ILE A 871 27.71 26.24 -6.93
N LEU A 872 27.96 25.06 -7.50
CA LEU A 872 27.65 24.85 -8.92
C LEU A 872 26.14 24.77 -9.17
N LEU A 873 25.43 24.01 -8.34
CA LEU A 873 24.01 23.80 -8.59
C LEU A 873 23.22 25.11 -8.61
N PRO A 874 23.41 26.03 -7.66
CA PRO A 874 22.71 27.33 -7.76
C PRO A 874 23.02 28.08 -9.04
N ARG A 875 24.20 27.87 -9.64
CA ARG A 875 24.54 28.55 -10.88
C ARG A 875 23.80 27.98 -12.08
N ILE A 876 23.43 26.70 -12.03
CA ILE A 876 22.80 26.04 -13.16
C ILE A 876 21.31 25.84 -12.90
N ILE A 877 20.91 25.88 -11.62
CA ILE A 877 19.52 25.80 -11.22
C ILE A 877 19.19 27.03 -10.38
N GLU A 878 18.00 27.58 -10.60
CA GLU A 878 17.60 28.79 -9.87
C GLU A 878 17.56 28.51 -8.38
N ALA A 879 17.92 29.53 -7.59
CA ALA A 879 18.00 29.36 -6.15
C ALA A 879 16.62 29.09 -5.54
N LYS A 880 15.58 29.74 -6.05
CA LYS A 880 14.25 29.55 -5.48
C LYS A 880 13.81 28.08 -5.59
N TYR A 881 14.03 27.46 -6.75
CA TYR A 881 13.60 26.09 -6.95
C TYR A 881 14.40 25.13 -6.08
N LEU A 882 15.71 25.37 -5.96
CA LEU A 882 16.53 24.54 -5.07
C LEU A 882 16.07 24.66 -3.63
N ASP A 883 15.75 25.88 -3.18
CA ASP A 883 15.27 26.07 -1.82
C ASP A 883 13.94 25.36 -1.61
N VAL A 884 13.04 25.42 -2.59
CA VAL A 884 11.76 24.74 -2.48
C VAL A 884 11.96 23.24 -2.40
N MET A 885 12.83 22.68 -3.24
CA MET A 885 13.01 21.23 -3.27
C MET A 885 13.71 20.72 -2.02
N ASP A 886 14.79 21.39 -1.61
CA ASP A 886 15.56 20.90 -0.46
C ASP A 886 14.75 20.99 0.82
N ALA A 887 14.11 22.12 1.07
CA ALA A 887 13.34 22.32 2.29
C ALA A 887 12.09 21.45 2.29
N CYS B 105 0.92 27.79 12.93
CA CYS B 105 -0.27 27.33 12.23
C CYS B 105 -1.32 28.42 12.17
N VAL B 106 -2.29 28.26 11.27
CA VAL B 106 -3.39 29.21 11.10
C VAL B 106 -4.70 28.45 11.20
N LEU B 107 -5.62 28.97 12.01
CA LEU B 107 -6.93 28.35 12.17
C LEU B 107 -7.71 28.47 10.86
N LEU B 108 -8.42 27.40 10.51
CA LEU B 108 -9.24 27.34 9.31
C LEU B 108 -10.69 27.06 9.70
N HIS B 109 -11.61 27.75 9.03
CA HIS B 109 -13.04 27.60 9.28
C HIS B 109 -13.68 26.99 8.04
N THR B 110 -14.07 25.73 8.14
CA THR B 110 -14.72 25.02 7.04
C THR B 110 -16.22 24.96 7.28
N SER B 111 -16.98 25.45 6.31
CA SER B 111 -18.44 25.48 6.39
C SER B 111 -19.02 24.65 5.24
N ARG B 112 -19.86 23.68 5.58
CA ARG B 112 -20.50 22.81 4.60
C ARG B 112 -22.00 23.04 4.61
N LYS B 113 -22.60 23.04 3.42
CA LYS B 113 -24.02 23.34 3.29
C LYS B 113 -24.54 22.68 2.03
N TYR B 114 -25.81 22.26 2.08
CA TYR B 114 -26.46 21.66 0.91
C TYR B 114 -26.81 22.73 -0.12
N LEU B 115 -27.04 22.27 -1.34
CA LEU B 115 -27.56 23.11 -2.41
C LEU B 115 -28.48 22.28 -3.28
N LYS B 116 -29.75 22.69 -3.36
CA LYS B 116 -30.72 21.93 -4.12
C LYS B 116 -30.36 21.93 -5.60
N LEU B 117 -30.46 20.76 -6.22
CA LEU B 117 -30.21 20.67 -7.66
C LEU B 117 -31.16 21.59 -8.41
N LYS B 118 -30.63 22.32 -9.38
CA LYS B 118 -31.42 23.30 -10.10
C LYS B 118 -32.62 22.62 -10.77
N ASN B 119 -33.79 23.22 -10.62
CA ASN B 119 -35.02 22.72 -11.21
C ASN B 119 -35.25 23.51 -12.50
N PHE B 120 -34.96 22.88 -13.64
CA PHE B 120 -35.10 23.55 -14.93
C PHE B 120 -36.55 23.63 -15.39
N LYS B 121 -37.48 22.98 -14.70
CA LYS B 121 -38.88 23.00 -15.10
C LYS B 121 -39.50 24.35 -14.76
N ASP B 131 -29.32 29.63 -21.80
CA ASP B 131 -29.50 30.90 -21.12
C ASP B 131 -28.44 31.90 -21.56
N GLY B 132 -28.52 33.12 -21.03
CA GLY B 132 -27.56 34.14 -21.41
C GLY B 132 -26.14 33.79 -21.01
N PHE B 133 -25.97 33.34 -19.75
CA PHE B 133 -24.64 32.98 -19.28
C PHE B 133 -24.14 31.68 -19.89
N LEU B 134 -25.02 30.84 -20.42
CA LEU B 134 -24.57 29.67 -21.16
C LEU B 134 -23.80 30.08 -22.41
N ALA B 135 -24.31 31.07 -23.15
CA ALA B 135 -23.62 31.55 -24.33
C ALA B 135 -22.45 32.45 -23.96
N GLN B 136 -22.60 33.27 -22.92
CA GLN B 136 -21.53 34.18 -22.50
C GLN B 136 -20.37 33.46 -21.82
N ALA B 137 -20.53 32.19 -21.47
CA ALA B 137 -19.46 31.46 -20.81
C ALA B 137 -18.28 31.28 -21.76
N SER B 138 -17.08 31.30 -21.19
CA SER B 138 -15.85 31.11 -21.94
C SER B 138 -15.30 29.71 -21.69
N ILE B 139 -15.02 28.98 -22.76
CA ILE B 139 -14.63 27.57 -22.69
C ILE B 139 -13.16 27.46 -23.06
N VAL B 140 -12.38 26.81 -22.19
CA VAL B 140 -10.98 26.49 -22.43
C VAL B 140 -10.88 24.98 -22.54
N LEU B 141 -10.24 24.50 -23.61
CA LEU B 141 -10.12 23.08 -23.88
C LEU B 141 -8.64 22.69 -23.93
N ASN B 142 -8.35 21.49 -23.44
CA ASN B 142 -7.00 20.93 -23.48
C ASN B 142 -6.01 21.86 -22.77
N GLU B 143 -6.23 22.03 -21.47
CA GLU B 143 -5.35 22.83 -20.63
C GLU B 143 -4.24 21.93 -20.09
N THR B 144 -3.00 22.22 -20.46
CA THR B 144 -1.85 21.41 -20.07
C THR B 144 -1.18 21.89 -18.80
N ALA B 145 -1.71 22.94 -18.17
CA ALA B 145 -1.11 23.45 -16.94
C ALA B 145 -1.21 22.41 -15.83
N THR B 146 -0.16 22.31 -15.01
CA THR B 146 -0.09 21.31 -13.96
C THR B 146 -0.50 21.85 -12.60
N SER B 147 -0.35 23.15 -12.37
CA SER B 147 -0.64 23.76 -11.08
C SER B 147 -1.95 24.53 -11.13
N LEU B 148 -2.57 24.72 -9.97
CA LEU B 148 -3.82 25.45 -9.92
C LEU B 148 -3.60 26.91 -10.32
N ASP B 149 -2.50 27.50 -9.91
CA ASP B 149 -2.26 28.91 -10.22
C ASP B 149 -2.24 29.14 -11.73
N ASN B 150 -1.53 28.29 -12.47
CA ASN B 150 -1.46 28.45 -13.92
C ASN B 150 -2.82 28.27 -14.57
N VAL B 151 -3.51 27.19 -14.19
CA VAL B 151 -4.83 26.88 -14.76
C VAL B 151 -5.76 28.06 -14.57
N LEU B 152 -5.78 28.63 -13.38
CA LEU B 152 -6.70 29.72 -13.11
C LEU B 152 -6.24 31.00 -13.77
N ARG B 153 -4.95 31.29 -13.79
CA ARG B 153 -4.47 32.44 -14.55
C ARG B 153 -4.91 32.38 -16.00
N THR B 154 -4.79 31.20 -16.62
CA THR B 154 -5.25 31.06 -18.00
C THR B 154 -6.75 31.30 -18.11
N MET B 155 -7.52 30.74 -17.16
CA MET B 155 -8.97 30.92 -17.20
C MET B 155 -9.34 32.39 -17.05
N LEU B 156 -8.69 33.11 -16.14
CA LEU B 156 -8.98 34.53 -15.96
C LEU B 156 -8.56 35.33 -17.19
N ARG B 157 -7.40 35.02 -17.77
CA ARG B 157 -6.98 35.72 -18.98
C ARG B 157 -7.94 35.46 -20.13
N ARG B 158 -8.59 34.30 -20.15
CA ARG B 158 -9.55 34.01 -21.20
C ARG B 158 -10.69 35.02 -21.21
N PHE B 159 -11.00 35.62 -20.05
CA PHE B 159 -12.05 36.63 -20.00
C PHE B 159 -11.69 37.84 -20.87
N ALA B 160 -10.45 38.28 -20.81
CA ALA B 160 -10.01 39.44 -21.59
C ALA B 160 -9.43 38.99 -22.92
N ASP B 173 -2.94 38.74 -12.34
CA ASP B 173 -3.90 39.81 -12.59
C ASP B 173 -4.50 40.33 -11.29
N LEU B 174 -4.00 39.83 -10.16
CA LEU B 174 -4.43 40.17 -8.80
C LEU B 174 -5.82 39.62 -8.48
N LEU B 175 -6.50 38.97 -9.42
CA LEU B 175 -7.78 38.34 -9.15
C LEU B 175 -7.65 36.89 -8.73
N MET B 176 -6.57 36.22 -9.16
CA MET B 176 -6.37 34.83 -8.78
C MET B 176 -6.10 34.68 -7.29
N ALA B 177 -5.47 35.67 -6.66
CA ALA B 177 -5.14 35.56 -5.25
C ALA B 177 -6.40 35.45 -4.39
N MET B 178 -7.42 36.26 -4.70
CA MET B 178 -8.63 36.27 -3.89
C MET B 178 -9.38 34.95 -3.93
N LEU B 179 -9.11 34.11 -4.94
CA LEU B 179 -9.84 32.85 -5.06
C LEU B 179 -9.53 31.88 -3.92
N PHE B 180 -8.43 32.08 -3.21
CA PHE B 180 -7.98 31.17 -2.16
C PHE B 180 -8.08 31.85 -0.79
N THR B 181 -7.81 31.06 0.25
CA THR B 181 -7.90 31.56 1.62
C THR B 181 -6.81 32.58 1.93
N ASP B 182 -5.67 32.49 1.25
CA ASP B 182 -4.54 33.39 1.50
C ASP B 182 -4.75 34.73 0.81
N ALA B 183 -5.89 35.36 1.10
CA ALA B 183 -6.23 36.66 0.56
C ALA B 183 -5.70 37.74 1.50
N GLY B 184 -4.87 38.63 0.97
CA GLY B 184 -4.22 39.66 1.74
C GLY B 184 -2.75 39.42 1.98
N ALA B 185 -2.30 38.17 1.92
CA ALA B 185 -0.89 37.82 2.04
C ALA B 185 -0.54 36.80 0.95
N PRO B 186 -0.57 37.21 -0.32
CA PRO B 186 -0.24 36.25 -1.40
C PRO B 186 1.24 35.97 -1.54
N MET B 187 2.11 36.83 -1.00
CA MET B 187 3.55 36.63 -1.16
C MET B 187 4.08 35.61 -0.17
N ARG B 188 3.77 35.78 1.11
CA ARG B 188 4.27 34.86 2.13
C ARG B 188 3.68 33.47 1.92
N GLY B 189 4.52 32.46 2.11
CA GLY B 189 4.08 31.08 1.96
C GLY B 189 3.08 30.67 3.02
N LYS B 190 1.82 30.49 2.61
CA LYS B 190 0.77 30.09 3.54
C LYS B 190 -0.03 28.94 2.94
N VAL B 191 -1.06 28.48 3.64
CA VAL B 191 -1.92 27.42 3.12
C VAL B 191 -2.68 27.96 1.93
N HIS B 192 -2.61 27.25 0.80
CA HIS B 192 -3.16 27.71 -0.46
C HIS B 192 -4.37 26.82 -0.79
N LEU B 193 -5.54 27.21 -0.29
CA LEU B 193 -6.76 26.44 -0.42
C LEU B 193 -7.85 27.31 -1.03
N LEU B 194 -8.68 26.70 -1.87
CA LEU B 194 -9.77 27.43 -2.49
C LEU B 194 -10.80 27.80 -1.45
N SER B 195 -11.45 28.93 -1.62
CA SER B 195 -12.39 29.43 -0.61
C SER B 195 -13.77 28.80 -0.78
N ASP B 196 -14.42 29.05 -1.92
CA ASP B 196 -15.79 28.59 -2.18
C ASP B 196 -15.78 27.60 -3.32
N THR B 197 -16.10 26.34 -3.01
CA THR B 197 -16.14 25.29 -4.02
C THR B 197 -17.39 24.43 -3.92
N ILE B 198 -17.94 24.01 -5.05
CA ILE B 198 -19.10 23.14 -5.05
C ILE B 198 -18.74 21.83 -5.74
N GLN B 199 -19.08 20.71 -5.13
CA GLN B 199 -18.84 19.43 -5.78
C GLN B 199 -19.94 18.41 -5.54
N GLY B 200 -19.96 17.35 -6.34
CA GLY B 200 -21.00 16.35 -6.23
C GLY B 200 -20.67 15.37 -5.12
N VAL B 201 -21.66 15.06 -4.29
CA VAL B 201 -21.47 14.22 -3.12
C VAL B 201 -22.61 13.21 -3.05
N THR B 202 -22.28 11.99 -2.65
CA THR B 202 -23.27 10.92 -2.46
C THR B 202 -22.93 10.16 -1.19
N ALA B 203 -23.92 9.49 -0.63
CA ALA B 203 -23.77 8.70 0.59
C ALA B 203 -23.93 7.23 0.24
N THR B 204 -23.03 6.40 0.75
CA THR B 204 -23.06 4.96 0.54
C THR B 204 -22.61 4.27 1.82
N VAL B 205 -22.83 2.96 1.87
CA VAL B 205 -22.43 2.20 3.05
C VAL B 205 -20.94 2.35 3.30
N THR B 206 -20.14 2.49 2.24
CA THR B 206 -18.70 2.71 2.41
C THR B 206 -18.43 4.05 3.06
N GLY B 207 -19.17 5.09 2.68
CA GLY B 207 -18.97 6.40 3.27
C GLY B 207 -19.49 7.48 2.34
N VAL B 208 -18.93 8.68 2.52
CA VAL B 208 -19.29 9.84 1.70
C VAL B 208 -18.38 9.84 0.48
N ARG B 209 -18.95 9.63 -0.70
CA ARG B 209 -18.19 9.58 -1.94
C ARG B 209 -18.38 10.90 -2.68
N TYR B 210 -17.28 11.60 -2.92
CA TYR B 210 -17.31 12.86 -3.65
C TYR B 210 -17.14 12.61 -5.15
N GLN B 211 -17.78 13.45 -5.94
CA GLN B 211 -17.58 13.44 -7.39
C GLN B 211 -16.33 14.24 -7.69
N GLN B 212 -15.20 13.55 -7.82
CA GLN B 212 -13.90 14.18 -8.02
C GLN B 212 -13.57 14.57 -9.44
N SER B 213 -14.45 14.27 -10.37
CA SER B 213 -14.18 14.55 -11.78
C SER B 213 -14.46 15.99 -12.17
N TRP B 214 -14.90 16.81 -11.23
CA TRP B 214 -15.14 18.22 -11.50
C TRP B 214 -15.15 19.08 -10.25
N LEU B 215 -14.92 20.38 -10.40
CA LEU B 215 -14.98 21.29 -9.26
C LEU B 215 -15.58 22.60 -9.74
N CYS B 216 -16.34 23.27 -8.90
CA CYS B 216 -16.86 24.58 -9.27
C CYS B 216 -16.32 25.59 -8.28
N ILE B 217 -15.59 26.60 -8.77
CA ILE B 217 -15.02 27.60 -7.92
C ILE B 217 -15.84 28.87 -8.01
N ILE B 218 -16.21 29.44 -6.88
CA ILE B 218 -17.07 30.62 -6.84
C ILE B 218 -16.30 31.78 -6.22
N CYS B 219 -16.51 32.98 -6.77
CA CYS B 219 -15.90 34.19 -6.21
C CYS B 219 -16.84 35.36 -6.44
N THR B 220 -17.28 35.98 -5.35
CA THR B 220 -18.12 37.17 -5.41
C THR B 220 -17.24 38.39 -5.21
N MET B 221 -16.94 39.09 -6.30
CA MET B 221 -16.06 40.25 -6.28
C MET B 221 -16.90 41.50 -6.50
N LYS B 222 -16.80 42.46 -5.57
CA LYS B 222 -17.56 43.70 -5.69
C LYS B 222 -17.02 44.58 -6.81
N ALA B 223 -15.75 44.46 -7.16
CA ALA B 223 -15.19 45.29 -8.22
C ALA B 223 -15.83 45.00 -9.57
N LEU B 224 -16.08 43.72 -9.87
CA LEU B 224 -16.64 43.35 -11.15
C LEU B 224 -18.06 43.89 -11.31
N GLN B 225 -18.43 44.16 -12.56
CA GLN B 225 -19.74 44.71 -12.88
C GLN B 225 -20.71 43.69 -13.45
N LYS B 226 -20.21 42.65 -14.12
CA LYS B 226 -21.05 41.65 -14.76
C LYS B 226 -20.56 40.25 -14.38
N ARG B 227 -21.48 39.30 -14.42
CA ARG B 227 -21.15 37.91 -14.12
C ARG B 227 -20.23 37.34 -15.20
N HIS B 228 -19.35 36.43 -14.79
CA HIS B 228 -18.45 35.75 -15.69
C HIS B 228 -18.39 34.27 -15.33
N VAL B 229 -18.38 33.42 -16.35
CA VAL B 229 -18.31 31.97 -16.17
C VAL B 229 -17.25 31.43 -17.12
N CYS B 230 -16.33 30.62 -16.60
CA CYS B 230 -15.30 29.98 -17.40
C CYS B 230 -15.27 28.50 -17.10
N ILE B 231 -15.37 27.67 -18.14
CA ILE B 231 -15.34 26.22 -18.01
C ILE B 231 -14.06 25.74 -18.67
N SER B 232 -13.19 25.10 -17.88
CA SER B 232 -11.89 24.62 -18.35
C SER B 232 -11.87 23.10 -18.27
N ARG B 233 -11.49 22.47 -19.37
CA ARG B 233 -11.32 21.02 -19.45
C ARG B 233 -9.84 20.70 -19.53
N LEU B 234 -9.36 19.91 -18.58
CA LEU B 234 -7.94 19.59 -18.51
C LEU B 234 -7.59 18.35 -19.32
N VAL B 235 -6.41 18.35 -19.92
CA VAL B 235 -5.98 17.21 -20.74
C VAL B 235 -5.93 15.94 -19.91
N ARG B 236 -5.45 16.03 -18.68
CA ARG B 236 -5.32 14.90 -17.78
C ARG B 236 -6.01 15.22 -16.45
N PRO B 237 -6.48 14.17 -15.74
CA PRO B 237 -7.05 14.49 -14.43
C PRO B 237 -5.97 14.98 -13.48
N GLN B 238 -6.25 16.01 -12.68
CA GLN B 238 -5.29 16.58 -11.74
C GLN B 238 -5.80 16.55 -10.31
N ASN B 239 -4.89 16.61 -9.34
CA ASN B 239 -5.27 16.63 -7.92
C ASN B 239 -5.49 18.05 -7.46
N TRP B 240 -6.72 18.43 -7.17
CA TRP B 240 -7.02 19.81 -6.82
C TRP B 240 -7.46 19.89 -5.38
N GLY B 241 -7.26 18.83 -4.63
CA GLY B 241 -7.63 18.83 -3.23
C GLY B 241 -7.85 17.43 -2.68
N GLU B 242 -8.29 17.33 -1.43
CA GLU B 242 -8.45 16.01 -0.81
C GLU B 242 -9.52 15.15 -1.45
N ASN B 243 -10.65 15.76 -1.79
CA ASN B 243 -11.69 15.01 -2.44
C ASN B 243 -11.77 15.36 -3.91
N SER B 244 -10.96 16.31 -4.36
CA SER B 244 -10.92 16.65 -5.78
C SER B 244 -9.69 16.07 -6.43
N CYS B 245 -9.44 14.79 -6.22
CA CYS B 245 -8.21 14.17 -6.73
C CYS B 245 -8.09 13.90 -8.24
N GLU B 246 -9.20 13.85 -8.96
CA GLU B 246 -9.15 13.56 -10.39
C GLU B 246 -9.77 14.63 -11.25
N VAL B 247 -9.83 15.87 -10.76
CA VAL B 247 -10.52 16.95 -11.48
C VAL B 247 -10.26 17.06 -12.96
N ARG B 248 -11.32 16.99 -13.76
CA ARG B 248 -11.13 17.27 -15.18
C ARG B 248 -11.87 18.49 -15.67
N PHE B 249 -12.89 18.95 -14.96
CA PHE B 249 -13.58 20.16 -15.36
C PHE B 249 -13.56 21.14 -14.22
N VAL B 250 -13.04 22.35 -14.46
CA VAL B 250 -13.08 23.37 -13.43
C VAL B 250 -14.00 24.47 -13.90
N ILE B 251 -15.02 24.78 -13.10
CA ILE B 251 -15.97 25.81 -13.47
C ILE B 251 -15.79 27.00 -12.54
N LEU B 252 -15.29 28.10 -13.06
CA LEU B 252 -15.01 29.30 -12.27
C LEU B 252 -16.11 30.33 -12.53
N VAL B 253 -16.76 30.79 -11.46
CA VAL B 253 -17.88 31.72 -11.56
C VAL B 253 -17.51 32.97 -10.76
N LEU B 254 -17.33 34.08 -11.47
CA LEU B 254 -17.12 35.38 -10.87
C LEU B 254 -18.43 36.17 -10.88
N ALA B 255 -18.73 36.82 -9.78
CA ALA B 255 -19.96 37.61 -9.68
C ALA B 255 -19.65 39.01 -9.19
N PRO B 256 -20.49 40.00 -9.53
CA PRO B 256 -20.29 41.37 -9.04
C PRO B 256 -20.47 41.48 -7.53
N THR B 264 -26.97 36.22 -8.49
CA THR B 264 -25.67 36.15 -7.84
C THR B 264 -24.90 34.92 -8.30
N ALA B 265 -23.70 34.73 -7.74
CA ALA B 265 -22.89 33.58 -8.11
C ALA B 265 -23.55 32.27 -7.73
N MET B 266 -24.38 32.27 -6.68
CA MET B 266 -24.97 31.03 -6.19
C MET B 266 -25.84 30.37 -7.26
N GLU B 267 -26.68 31.15 -7.94
CA GLU B 267 -27.59 30.55 -8.92
C GLU B 267 -26.83 29.96 -10.09
N VAL B 268 -25.87 30.70 -10.63
CA VAL B 268 -25.10 30.21 -11.77
C VAL B 268 -24.30 28.98 -11.38
N ALA B 269 -23.65 29.03 -10.22
CA ALA B 269 -22.87 27.88 -9.77
C ALA B 269 -23.78 26.67 -9.58
N ARG B 270 -24.97 26.87 -9.01
CA ARG B 270 -25.87 25.75 -8.78
C ARG B 270 -26.35 25.14 -10.08
N THR B 271 -26.73 25.97 -11.06
CA THR B 271 -27.20 25.42 -12.33
C THR B 271 -26.08 24.68 -13.06
N PHE B 272 -24.87 25.25 -13.05
CA PHE B 272 -23.76 24.58 -13.72
C PHE B 272 -23.38 23.28 -13.01
N ALA B 273 -23.42 23.25 -11.68
CA ALA B 273 -23.18 22.01 -10.96
C ALA B 273 -24.25 20.98 -11.28
N THR B 274 -25.52 21.40 -11.36
CA THR B 274 -26.59 20.48 -11.69
C THR B 274 -26.38 19.89 -13.08
N MET B 275 -26.00 20.70 -14.05
CA MET B 275 -25.73 20.18 -15.38
C MET B 275 -24.53 19.23 -15.36
N PHE B 276 -23.47 19.59 -14.64
CA PHE B 276 -22.25 18.80 -14.62
C PHE B 276 -22.34 17.58 -13.70
N SER B 277 -23.33 17.53 -12.81
CA SER B 277 -23.46 16.39 -11.91
C SER B 277 -23.86 15.11 -12.64
N ASP B 278 -24.35 15.21 -13.87
CA ASP B 278 -24.72 14.04 -14.65
C ASP B 278 -23.47 13.30 -15.10
N ILE B 279 -23.47 11.98 -14.92
CA ILE B 279 -22.28 11.19 -15.25
C ILE B 279 -22.06 11.13 -16.75
N ALA B 280 -23.14 10.95 -17.52
CA ALA B 280 -23.01 10.84 -18.97
C ALA B 280 -22.72 12.19 -19.63
N PHE B 281 -23.21 13.28 -19.04
CA PHE B 281 -22.96 14.59 -19.62
C PHE B 281 -21.48 14.94 -19.60
N ARG B 282 -20.77 14.55 -18.53
CA ARG B 282 -19.34 14.80 -18.47
C ARG B 282 -18.60 14.06 -19.58
N GLN B 283 -18.97 12.80 -19.82
CA GLN B 283 -18.36 12.06 -20.92
C GLN B 283 -18.69 12.71 -22.26
N LYS B 284 -19.93 13.17 -22.44
CA LYS B 284 -20.30 13.83 -23.69
C LYS B 284 -19.46 15.08 -23.90
N LEU B 285 -19.26 15.87 -22.84
CA LEU B 285 -18.42 17.06 -22.94
C LEU B 285 -16.98 16.69 -23.25
N LEU B 286 -16.49 15.59 -22.67
CA LEU B 286 -15.15 15.12 -22.98
C LEU B 286 -15.02 14.79 -24.46
N GLU B 287 -16.05 14.17 -25.03
CA GLU B 287 -15.99 13.79 -26.44
C GLU B 287 -15.91 14.99 -27.38
N THR B 288 -16.37 16.16 -26.94
CA THR B 288 -16.33 17.34 -27.80
C THR B 288 -14.89 17.76 -28.08
N ARG B 289 -14.69 18.32 -29.28
CA ARG B 289 -13.37 18.70 -29.74
C ARG B 289 -13.15 20.20 -29.84
N THR B 290 -14.21 21.00 -29.94
CA THR B 290 -14.10 22.42 -30.16
C THR B 290 -14.95 23.18 -29.15
N GLU B 291 -14.61 24.47 -28.98
CA GLU B 291 -15.36 25.31 -28.05
C GLU B 291 -16.80 25.45 -28.48
N GLU B 292 -17.04 25.62 -29.79
CA GLU B 292 -18.41 25.72 -30.29
C GLU B 292 -19.18 24.44 -30.00
N GLU B 293 -18.55 23.28 -30.21
CA GLU B 293 -19.21 22.02 -29.88
C GLU B 293 -19.49 21.92 -28.40
N PHE B 294 -18.57 22.40 -27.56
CA PHE B 294 -18.79 22.38 -26.12
C PHE B 294 -20.00 23.22 -25.74
N LYS B 295 -20.10 24.43 -26.29
CA LYS B 295 -21.23 25.30 -25.99
C LYS B 295 -22.54 24.70 -26.51
N GLU B 296 -22.51 24.11 -27.71
CA GLU B 296 -23.71 23.49 -28.25
C GLU B 296 -24.16 22.32 -27.37
N ALA B 297 -23.21 21.52 -26.90
CA ALA B 297 -23.56 20.41 -26.01
C ALA B 297 -24.15 20.92 -24.71
N LEU B 298 -23.57 21.99 -24.16
CA LEU B 298 -24.13 22.57 -22.93
C LEU B 298 -25.55 23.05 -23.15
N VAL B 299 -25.81 23.74 -24.26
CA VAL B 299 -27.15 24.24 -24.53
C VAL B 299 -28.11 23.08 -24.72
N HIS B 300 -27.70 22.05 -25.45
CA HIS B 300 -28.57 20.90 -25.68
C HIS B 300 -28.89 20.19 -24.37
N GLN B 301 -27.90 20.04 -23.49
CA GLN B 301 -28.15 19.41 -22.20
C GLN B 301 -29.11 20.26 -21.36
N ARG B 302 -28.92 21.58 -21.37
CA ARG B 302 -29.83 22.44 -20.63
C ARG B 302 -31.25 22.32 -21.14
N GLN B 303 -31.42 22.29 -22.46
CA GLN B 303 -32.76 22.14 -23.04
C GLN B 303 -33.36 20.78 -22.68
N LEU B 304 -32.55 19.72 -22.74
CA LEU B 304 -33.05 18.39 -22.43
C LEU B 304 -33.49 18.29 -20.98
N LEU B 305 -32.71 18.87 -20.05
CA LEU B 305 -33.05 18.79 -18.65
C LEU B 305 -34.34 19.50 -18.31
N THR B 306 -34.79 20.42 -19.16
CA THR B 306 -36.04 21.14 -18.93
C THR B 306 -37.22 20.19 -19.11
N CYS B 336 -44.50 -16.14 -5.79
CA CYS B 336 -44.57 -17.33 -6.62
C CYS B 336 -45.40 -17.07 -7.88
N LYS B 337 -45.68 -18.13 -8.64
CA LYS B 337 -46.46 -18.11 -9.87
C LYS B 337 -45.74 -17.40 -11.02
N ASP B 338 -44.52 -16.91 -10.79
CA ASP B 338 -43.74 -16.33 -11.88
C ASP B 338 -43.07 -17.40 -12.75
N PHE B 339 -43.01 -18.64 -12.28
CA PHE B 339 -42.45 -19.75 -13.04
C PHE B 339 -43.48 -20.52 -13.84
N VAL B 340 -44.77 -20.18 -13.71
CA VAL B 340 -45.81 -20.94 -14.38
C VAL B 340 -45.64 -20.93 -15.90
N PRO B 341 -45.40 -19.78 -16.55
CA PRO B 341 -45.21 -19.81 -18.00
C PRO B 341 -43.96 -20.58 -18.40
N PHE B 342 -44.14 -21.66 -19.16
CA PHE B 342 -43.02 -22.49 -19.57
C PHE B 342 -42.27 -21.84 -20.71
N GLY B 343 -40.97 -21.63 -20.53
CA GLY B 343 -40.14 -21.06 -21.58
C GLY B 343 -40.31 -19.57 -21.79
N LYS B 344 -41.05 -18.89 -20.91
CA LYS B 344 -41.26 -17.45 -21.09
C LYS B 344 -39.95 -16.68 -21.00
N GLY B 345 -39.09 -17.05 -20.03
CA GLY B 345 -37.85 -16.32 -19.87
C GLY B 345 -36.93 -16.44 -21.08
N ILE B 346 -36.82 -17.65 -21.63
CA ILE B 346 -35.95 -17.85 -22.79
C ILE B 346 -36.46 -17.04 -23.98
N ARG B 347 -37.77 -17.08 -24.21
CA ARG B 347 -38.34 -16.32 -25.32
C ARG B 347 -38.13 -14.82 -25.13
N GLU B 348 -38.34 -14.33 -23.90
CA GLU B 348 -38.15 -12.91 -23.64
C GLU B 348 -36.71 -12.51 -23.86
N ASP B 349 -35.75 -13.31 -23.38
CA ASP B 349 -34.35 -12.98 -23.56
C ASP B 349 -33.98 -12.99 -25.04
N ILE B 350 -34.46 -13.98 -25.80
CA ILE B 350 -34.17 -14.04 -27.22
C ILE B 350 -34.74 -12.83 -27.93
N ALA B 351 -35.97 -12.45 -27.62
CA ALA B 351 -36.57 -11.27 -28.24
C ALA B 351 -35.79 -10.02 -27.89
N ARG B 352 -35.34 -9.91 -26.64
CA ARG B 352 -34.61 -8.72 -26.23
C ARG B 352 -33.27 -8.61 -26.95
N ARG B 353 -32.52 -9.70 -27.03
CA ARG B 353 -31.14 -9.65 -27.48
C ARG B 353 -30.96 -10.05 -28.94
N PHE B 354 -32.01 -10.31 -29.70
CA PHE B 354 -31.81 -10.58 -31.14
C PHE B 354 -31.68 -9.33 -32.03
N PRO B 355 -32.52 -8.31 -31.84
CA PRO B 355 -32.33 -7.09 -32.65
C PRO B 355 -31.00 -6.40 -32.41
N LEU B 356 -30.50 -6.40 -31.18
CA LEU B 356 -29.24 -5.73 -30.84
C LEU B 356 -28.00 -6.49 -31.30
N TYR B 357 -28.18 -7.69 -31.84
CA TYR B 357 -27.03 -8.52 -32.23
C TYR B 357 -26.09 -7.93 -33.30
N PRO B 358 -26.64 -7.28 -34.34
CA PRO B 358 -25.67 -6.69 -35.28
C PRO B 358 -24.82 -5.63 -34.61
N LEU B 359 -25.41 -4.85 -33.72
CA LEU B 359 -24.70 -3.80 -33.02
C LEU B 359 -23.58 -4.37 -32.19
N ASP B 360 -23.77 -5.56 -31.64
CA ASP B 360 -22.75 -6.14 -30.77
C ASP B 360 -21.50 -6.24 -31.59
N PHE B 361 -21.58 -6.71 -32.82
CA PHE B 361 -20.40 -6.73 -33.69
C PHE B 361 -19.88 -5.34 -34.10
N THR B 362 -20.77 -4.38 -34.32
CA THR B 362 -20.32 -3.05 -34.79
C THR B 362 -20.43 -1.87 -33.82
N ASP B 363 -20.40 -2.11 -32.50
CA ASP B 363 -20.43 -1.03 -31.52
C ASP B 363 -19.27 -0.07 -31.72
N GLY B 364 -18.04 -0.55 -31.57
CA GLY B 364 -16.87 0.30 -31.68
C GLY B 364 -16.20 0.31 -33.03
N ILE B 365 -16.55 -0.63 -33.91
CA ILE B 365 -15.91 -0.69 -35.22
C ILE B 365 -16.31 0.52 -36.07
N ILE B 366 -17.59 0.89 -36.04
CA ILE B 366 -18.10 2.00 -36.82
C ILE B 366 -18.90 2.92 -35.91
N GLY B 367 -19.02 4.18 -36.33
CA GLY B 367 -19.73 5.18 -35.56
C GLY B 367 -18.85 6.35 -35.18
N LYS B 368 -19.33 7.18 -34.26
CA LYS B 368 -18.55 8.35 -33.83
C LYS B 368 -17.33 7.94 -33.04
N ASN B 369 -17.45 6.89 -32.22
CA ASN B 369 -16.37 6.43 -31.36
C ASN B 369 -15.74 5.18 -31.95
N LYS B 370 -14.40 5.18 -32.05
CA LYS B 370 -13.65 4.04 -32.55
C LYS B 370 -12.97 3.34 -31.38
N ALA B 371 -13.17 2.03 -31.28
CA ALA B 371 -12.65 1.23 -30.17
C ALA B 371 -11.70 0.14 -30.66
N VAL B 372 -11.05 0.36 -31.80
CA VAL B 372 -10.18 -0.67 -32.37
C VAL B 372 -9.03 -0.97 -31.42
N GLY B 373 -8.38 0.07 -30.91
CA GLY B 373 -7.26 -0.14 -30.00
C GLY B 373 -7.69 -0.80 -28.70
N LYS B 374 -8.78 -0.30 -28.11
CA LYS B 374 -9.29 -0.91 -26.89
C LYS B 374 -9.71 -2.36 -27.12
N TYR B 375 -10.36 -2.62 -28.26
CA TYR B 375 -10.77 -3.98 -28.58
C TYR B 375 -9.56 -4.89 -28.70
N ILE B 376 -8.50 -4.44 -29.37
CA ILE B 376 -7.31 -5.27 -29.52
C ILE B 376 -6.66 -5.53 -28.16
N THR B 377 -6.53 -4.48 -27.34
CA THR B 377 -5.89 -4.65 -26.04
C THR B 377 -6.67 -5.60 -25.16
N THR B 378 -8.00 -5.43 -25.10
CA THR B 378 -8.81 -6.32 -24.28
C THR B 378 -8.84 -7.74 -24.85
N THR B 379 -8.76 -7.88 -26.17
CA THR B 379 -8.67 -9.22 -26.74
C THR B 379 -7.39 -9.92 -26.32
N LEU B 380 -6.26 -9.20 -26.34
CA LEU B 380 -5.01 -9.80 -25.87
C LEU B 380 -5.08 -10.16 -24.39
N PHE B 381 -5.61 -9.24 -23.58
CA PHE B 381 -5.83 -9.55 -22.16
C PHE B 381 -6.66 -10.81 -21.98
N LEU B 382 -7.80 -10.88 -22.66
CA LEU B 382 -8.69 -12.03 -22.48
C LEU B 382 -8.01 -13.31 -22.95
N TYR B 383 -7.29 -13.25 -24.07
CA TYR B 383 -6.59 -14.43 -24.55
C TYR B 383 -5.60 -14.95 -23.52
N PHE B 384 -4.78 -14.05 -22.96
CA PHE B 384 -3.77 -14.49 -22.00
C PHE B 384 -4.42 -15.00 -20.72
N ALA B 385 -5.39 -14.24 -20.18
CA ALA B 385 -6.03 -14.58 -18.92
C ALA B 385 -6.96 -15.78 -19.03
N CYS B 386 -7.30 -16.21 -20.25
CA CYS B 386 -8.03 -17.45 -20.44
C CYS B 386 -7.13 -18.62 -20.76
N LEU B 387 -6.00 -18.38 -21.43
CA LEU B 387 -5.09 -19.46 -21.78
C LEU B 387 -4.32 -19.93 -20.55
N LEU B 388 -3.71 -19.00 -19.80
CA LEU B 388 -2.87 -19.43 -18.69
C LEU B 388 -3.66 -20.17 -17.62
N PRO B 389 -4.78 -19.65 -17.12
CA PRO B 389 -5.60 -20.49 -16.21
C PRO B 389 -6.11 -21.75 -16.88
N THR B 390 -6.36 -21.72 -18.19
CA THR B 390 -6.78 -22.93 -18.88
C THR B 390 -5.70 -23.99 -18.83
N ILE B 391 -4.44 -23.59 -19.05
CA ILE B 391 -3.34 -24.55 -18.97
C ILE B 391 -3.19 -25.07 -17.54
N ALA B 392 -3.31 -24.17 -16.56
CA ALA B 392 -3.19 -24.60 -15.17
C ALA B 392 -4.29 -25.61 -14.82
N PHE B 393 -5.53 -25.35 -15.22
CA PHE B 393 -6.62 -26.26 -14.94
C PHE B 393 -6.47 -27.57 -15.70
N GLY B 394 -5.96 -27.53 -16.93
CA GLY B 394 -5.70 -28.76 -17.64
C GLY B 394 -4.68 -29.62 -16.94
N SER B 395 -3.60 -29.00 -16.44
CA SER B 395 -2.61 -29.75 -15.69
C SER B 395 -3.22 -30.33 -14.42
N LEU B 396 -4.03 -29.53 -13.71
CA LEU B 396 -4.66 -30.03 -12.49
C LEU B 396 -5.58 -31.21 -12.78
N ASN B 397 -6.37 -31.12 -13.85
CA ASN B 397 -7.26 -32.23 -14.21
C ASN B 397 -6.48 -33.46 -14.63
N ASP B 398 -5.38 -33.27 -15.38
CA ASP B 398 -4.54 -34.41 -15.74
C ASP B 398 -4.00 -35.10 -14.49
N GLU B 399 -3.56 -34.32 -13.51
CA GLU B 399 -3.10 -34.90 -12.26
C GLU B 399 -4.23 -35.64 -11.55
N ASN B 400 -5.42 -35.03 -11.52
CA ASN B 400 -6.52 -35.62 -10.75
C ASN B 400 -7.12 -36.84 -11.45
N THR B 401 -7.30 -36.76 -12.77
CA THR B 401 -7.99 -37.79 -13.53
C THR B 401 -7.04 -38.81 -14.14
N ASP B 402 -5.77 -38.81 -13.73
CA ASP B 402 -4.78 -39.78 -14.22
C ASP B 402 -4.66 -39.72 -15.74
N GLY B 403 -4.69 -38.50 -16.30
CA GLY B 403 -4.50 -38.30 -17.72
C GLY B 403 -5.75 -38.44 -18.55
N ALA B 404 -6.91 -38.68 -17.94
CA ALA B 404 -8.14 -38.78 -18.73
C ALA B 404 -8.45 -37.46 -19.43
N ILE B 405 -8.29 -36.35 -18.73
CA ILE B 405 -8.47 -35.01 -19.31
C ILE B 405 -7.09 -34.36 -19.35
N ASP B 406 -6.60 -34.09 -20.56
CA ASP B 406 -5.29 -33.51 -20.75
C ASP B 406 -5.37 -31.99 -20.84
N VAL B 407 -4.21 -31.35 -20.96
CA VAL B 407 -4.17 -29.92 -21.17
C VAL B 407 -4.71 -29.58 -22.56
N GLN B 408 -4.40 -30.42 -23.56
CA GLN B 408 -4.92 -30.20 -24.90
C GLN B 408 -6.45 -30.27 -24.90
N LYS B 409 -7.01 -31.25 -24.20
CA LYS B 409 -8.47 -31.35 -24.13
C LYS B 409 -9.07 -30.12 -23.47
N THR B 410 -8.46 -29.65 -22.38
CA THR B 410 -8.97 -28.47 -21.70
C THR B 410 -8.91 -27.24 -22.60
N ILE B 411 -7.81 -27.07 -23.33
CA ILE B 411 -7.68 -25.93 -24.22
C ILE B 411 -8.74 -25.99 -25.32
N ALA B 412 -8.90 -27.16 -25.93
CA ALA B 412 -9.88 -27.29 -27.00
C ALA B 412 -11.29 -27.02 -26.49
N GLY B 413 -11.63 -27.60 -25.33
CA GLY B 413 -12.96 -27.37 -24.78
C GLY B 413 -13.20 -25.92 -24.45
N GLN B 414 -12.22 -25.26 -23.83
CA GLN B 414 -12.37 -23.85 -23.51
C GLN B 414 -12.55 -23.02 -24.77
N SER B 415 -11.76 -23.29 -25.81
CA SER B 415 -11.89 -22.53 -27.05
C SER B 415 -13.27 -22.72 -27.67
N ILE B 416 -13.72 -23.96 -27.79
CA ILE B 416 -15.02 -24.23 -28.42
C ILE B 416 -16.14 -23.59 -27.60
N GLY B 417 -16.10 -23.76 -26.28
CA GLY B 417 -17.14 -23.19 -25.45
C GLY B 417 -17.18 -21.68 -25.49
N GLY B 418 -16.01 -21.05 -25.43
CA GLY B 418 -15.96 -19.59 -25.52
C GLY B 418 -16.48 -19.09 -26.85
N LEU B 419 -16.09 -19.74 -27.95
CA LEU B 419 -16.58 -19.34 -29.26
C LEU B 419 -18.10 -19.47 -29.34
N LEU B 420 -18.63 -20.61 -28.88
CA LEU B 420 -20.08 -20.82 -28.95
C LEU B 420 -20.82 -19.82 -28.09
N TYR B 421 -20.32 -19.55 -26.88
CA TYR B 421 -20.97 -18.59 -26.01
C TYR B 421 -20.94 -17.19 -26.61
N ALA B 422 -19.79 -16.76 -27.11
CA ALA B 422 -19.70 -15.42 -27.67
C ALA B 422 -20.62 -15.28 -28.89
N LEU B 423 -20.71 -16.32 -29.71
CA LEU B 423 -21.47 -16.21 -30.95
C LEU B 423 -22.97 -16.15 -30.67
N PHE B 424 -23.48 -17.04 -29.83
CA PHE B 424 -24.92 -17.29 -29.73
C PHE B 424 -25.41 -17.18 -28.30
N SER B 425 -25.06 -16.09 -27.61
CA SER B 425 -25.55 -15.87 -26.26
C SER B 425 -25.91 -14.39 -26.08
N GLY B 426 -26.87 -14.15 -25.19
CA GLY B 426 -27.09 -12.81 -24.69
C GLY B 426 -26.14 -12.49 -23.56
N GLN B 427 -25.84 -11.20 -23.42
CA GLN B 427 -24.85 -10.77 -22.43
C GLN B 427 -23.52 -11.45 -22.75
N PRO B 428 -22.87 -11.10 -23.85
CA PRO B 428 -21.63 -11.77 -24.24
C PRO B 428 -20.43 -11.45 -23.36
N LEU B 429 -20.55 -10.48 -22.45
CA LEU B 429 -19.42 -10.10 -21.60
C LEU B 429 -19.06 -11.17 -20.59
N VAL B 430 -19.89 -12.19 -20.41
CA VAL B 430 -19.60 -13.28 -19.49
C VAL B 430 -18.59 -14.21 -20.14
N ILE B 431 -17.55 -14.58 -19.39
CA ILE B 431 -16.47 -15.42 -19.91
C ILE B 431 -16.60 -16.80 -19.30
N LEU B 432 -16.58 -17.83 -20.14
CA LEU B 432 -16.69 -19.21 -19.69
C LEU B 432 -15.29 -19.78 -19.46
N LEU B 433 -15.10 -20.40 -18.30
CA LEU B 433 -13.80 -20.97 -17.95
C LEU B 433 -14.02 -22.06 -16.90
N THR B 434 -13.10 -23.02 -16.87
CA THR B 434 -13.10 -24.03 -15.83
C THR B 434 -12.73 -23.40 -14.49
N THR B 435 -13.31 -23.94 -13.43
CA THR B 435 -13.13 -23.39 -12.08
C THR B 435 -12.65 -24.48 -11.13
N ALA B 436 -12.14 -24.03 -9.98
CA ALA B 436 -11.64 -24.96 -8.97
C ALA B 436 -12.71 -25.95 -8.50
N PRO B 437 -13.93 -25.52 -8.13
CA PRO B 437 -14.95 -26.51 -7.76
C PRO B 437 -15.24 -27.51 -8.86
N LEU B 438 -15.19 -27.08 -10.13
CA LEU B 438 -15.37 -28.03 -11.22
C LEU B 438 -14.27 -29.07 -11.22
N ALA B 439 -13.03 -28.66 -10.98
CA ALA B 439 -11.93 -29.62 -10.88
C ALA B 439 -12.14 -30.58 -9.71
N LEU B 440 -12.60 -30.05 -8.57
CA LEU B 440 -12.87 -30.92 -7.42
C LEU B 440 -13.95 -31.94 -7.77
N TYR B 441 -15.00 -31.50 -8.48
CA TYR B 441 -16.08 -32.41 -8.81
C TYR B 441 -15.65 -33.45 -9.83
N ILE B 442 -14.79 -33.07 -10.77
CA ILE B 442 -14.23 -34.03 -11.71
C ILE B 442 -13.37 -35.05 -10.96
N GLN B 443 -12.64 -34.59 -9.95
CA GLN B 443 -11.88 -35.53 -9.11
C GLN B 443 -12.81 -36.49 -8.39
N VAL B 444 -13.96 -35.99 -7.91
CA VAL B 444 -14.95 -36.86 -7.30
C VAL B 444 -15.41 -37.93 -8.29
N ILE B 445 -15.69 -37.51 -9.52
CA ILE B 445 -16.15 -38.46 -10.53
C ILE B 445 -15.06 -39.50 -10.80
N ARG B 446 -13.81 -39.06 -10.90
CA ARG B 446 -12.71 -40.00 -11.15
C ARG B 446 -12.59 -41.00 -10.00
N VAL B 447 -12.70 -40.52 -8.76
CA VAL B 447 -12.60 -41.41 -7.60
C VAL B 447 -13.73 -42.43 -7.61
N ILE B 448 -14.95 -41.98 -7.91
CA ILE B 448 -16.09 -42.89 -7.94
C ILE B 448 -15.91 -43.93 -9.03
N CYS B 449 -15.45 -43.51 -10.21
CA CYS B 449 -15.24 -44.45 -11.31
C CYS B 449 -14.17 -45.48 -10.93
N ASP B 450 -13.08 -45.03 -10.30
CA ASP B 450 -12.05 -45.96 -9.87
C ASP B 450 -12.59 -46.95 -8.85
N ASP B 451 -13.40 -46.46 -7.90
CA ASP B 451 -13.94 -47.33 -6.87
C ASP B 451 -14.87 -48.38 -7.46
N TYR B 452 -15.71 -47.99 -8.40
CA TYR B 452 -16.72 -48.89 -8.97
C TYR B 452 -16.30 -49.49 -10.30
N ASP B 453 -15.05 -49.30 -10.72
CA ASP B 453 -14.52 -49.91 -11.93
C ASP B 453 -15.32 -49.48 -13.17
N LEU B 454 -15.94 -48.30 -13.11
CA LEU B 454 -16.67 -47.77 -14.25
C LEU B 454 -15.75 -46.98 -15.15
N ASP B 455 -15.99 -47.06 -16.46
CA ASP B 455 -15.21 -46.28 -17.41
C ASP B 455 -15.38 -44.80 -17.12
N PHE B 456 -14.26 -44.09 -17.02
CA PHE B 456 -14.32 -42.67 -16.66
C PHE B 456 -15.06 -41.87 -17.73
N ASN B 457 -14.78 -42.14 -19.01
CA ASN B 457 -15.37 -41.34 -20.07
C ASN B 457 -16.87 -41.50 -20.12
N SER B 458 -17.37 -42.74 -20.04
CA SER B 458 -18.82 -42.96 -20.13
C SER B 458 -19.55 -42.35 -18.94
N PHE B 459 -19.03 -42.56 -17.73
CA PHE B 459 -19.66 -42.00 -16.54
C PHE B 459 -19.63 -40.48 -16.57
N TYR B 460 -18.50 -39.90 -16.99
CA TYR B 460 -18.39 -38.45 -17.09
C TYR B 460 -19.38 -37.90 -18.11
N ALA B 461 -19.50 -38.57 -19.26
CA ALA B 461 -20.44 -38.11 -20.28
C ALA B 461 -21.87 -38.18 -19.79
N TRP B 462 -22.23 -39.26 -19.08
CA TRP B 462 -23.59 -39.38 -18.57
C TRP B 462 -23.87 -38.33 -17.50
N THR B 463 -22.88 -38.08 -16.62
CA THR B 463 -23.05 -37.04 -15.61
C THR B 463 -23.24 -35.67 -16.27
N GLY B 464 -22.44 -35.38 -17.30
CA GLY B 464 -22.62 -34.12 -18.00
C GLY B 464 -23.96 -34.02 -18.69
N LEU B 465 -24.43 -35.13 -19.28
CA LEU B 465 -25.74 -35.12 -19.92
C LEU B 465 -26.85 -34.83 -18.91
N TRP B 466 -26.79 -35.48 -17.74
CA TRP B 466 -27.80 -35.23 -16.73
C TRP B 466 -27.73 -33.81 -16.19
N ASN B 467 -26.51 -33.29 -16.00
CA ASN B 467 -26.35 -31.91 -15.57
C ASN B 467 -26.95 -30.94 -16.58
N SER B 468 -26.70 -31.18 -17.87
CA SER B 468 -27.26 -30.32 -18.90
C SER B 468 -28.78 -30.43 -18.95
N PHE B 469 -29.32 -31.65 -18.76
CA PHE B 469 -30.77 -31.81 -18.73
C PHE B 469 -31.38 -31.01 -17.58
N PHE B 470 -30.78 -31.09 -16.39
CA PHE B 470 -31.28 -30.33 -15.26
C PHE B 470 -31.15 -28.83 -15.48
N LEU B 471 -30.05 -28.39 -16.09
CA LEU B 471 -29.88 -26.97 -16.38
C LEU B 471 -30.92 -26.49 -17.37
N ALA B 472 -31.22 -27.29 -18.40
CA ALA B 472 -32.26 -26.93 -19.35
C ALA B 472 -33.62 -26.88 -18.68
N LEU B 473 -33.89 -27.81 -17.77
CA LEU B 473 -35.15 -27.76 -17.03
C LEU B 473 -35.24 -26.48 -16.20
N TYR B 474 -34.14 -26.10 -15.55
CA TYR B 474 -34.14 -24.86 -14.78
C TYR B 474 -34.38 -23.65 -15.68
N ALA B 475 -33.71 -23.62 -16.84
CA ALA B 475 -33.85 -22.47 -17.74
C ALA B 475 -35.27 -22.36 -18.28
N PHE B 476 -35.88 -23.49 -18.67
CA PHE B 476 -37.20 -23.45 -19.25
C PHE B 476 -38.26 -23.04 -18.24
N PHE B 477 -38.09 -23.41 -16.97
CA PHE B 477 -39.04 -23.11 -15.92
C PHE B 477 -38.79 -21.76 -15.25
N ASN B 478 -37.80 -21.00 -15.72
CA ASN B 478 -37.55 -19.64 -15.24
C ASN B 478 -37.21 -19.61 -13.76
N LEU B 479 -36.42 -20.60 -13.31
CA LEU B 479 -35.96 -20.60 -11.93
C LEU B 479 -34.95 -19.49 -11.65
N SER B 480 -34.24 -19.00 -12.67
CA SER B 480 -33.24 -17.97 -12.43
C SER B 480 -33.77 -16.80 -11.62
N LEU B 481 -35.09 -16.56 -11.64
CA LEU B 481 -35.64 -15.44 -10.91
C LEU B 481 -35.34 -15.53 -9.42
N VAL B 482 -35.37 -16.73 -8.84
CA VAL B 482 -35.12 -16.86 -7.41
C VAL B 482 -33.72 -16.37 -7.05
N MET B 483 -32.81 -16.29 -8.03
CA MET B 483 -31.47 -15.82 -7.75
C MET B 483 -31.47 -14.35 -7.35
N SER B 484 -32.57 -13.63 -7.56
CA SER B 484 -32.69 -12.27 -7.04
C SER B 484 -32.61 -12.25 -5.53
N LEU B 485 -33.11 -13.30 -4.86
CA LEU B 485 -33.00 -13.40 -3.41
C LEU B 485 -31.56 -13.57 -2.94
N PHE B 486 -30.64 -13.87 -3.85
CA PHE B 486 -29.24 -14.07 -3.48
C PHE B 486 -28.67 -12.80 -2.90
N LYS B 487 -27.93 -12.93 -1.80
CA LYS B 487 -27.32 -11.80 -1.12
C LYS B 487 -25.81 -11.79 -1.35
N ARG B 488 -25.17 -10.71 -0.89
CA ARG B 488 -23.73 -10.57 -1.07
C ARG B 488 -22.95 -11.46 -0.13
N SER B 489 -23.50 -11.76 1.06
CA SER B 489 -22.77 -12.59 2.02
C SER B 489 -22.55 -13.99 1.47
N THR B 490 -23.58 -14.60 0.88
CA THR B 490 -23.42 -15.92 0.30
C THR B 490 -22.44 -15.90 -0.85
N GLU B 491 -22.51 -14.87 -1.69
CA GLU B 491 -21.57 -14.73 -2.79
C GLU B 491 -20.13 -14.68 -2.28
N GLU B 492 -19.90 -13.90 -1.24
CA GLU B 492 -18.54 -13.76 -0.73
C GLU B 492 -18.07 -15.02 -0.04
N ILE B 493 -18.97 -15.74 0.63
CA ILE B 493 -18.60 -17.03 1.20
C ILE B 493 -18.17 -17.99 0.10
N ILE B 494 -18.92 -18.02 -1.00
CA ILE B 494 -18.58 -18.91 -2.11
C ILE B 494 -17.23 -18.50 -2.71
N ALA B 495 -17.00 -17.19 -2.87
CA ALA B 495 -15.72 -16.75 -3.42
C ALA B 495 -14.56 -17.12 -2.52
N LEU B 496 -14.72 -16.97 -1.21
CA LEU B 496 -13.67 -17.34 -0.28
C LEU B 496 -13.42 -18.84 -0.31
N PHE B 497 -14.48 -19.64 -0.44
CA PHE B 497 -14.32 -21.08 -0.58
C PHE B 497 -13.54 -21.42 -1.85
N ILE B 498 -13.84 -20.74 -2.95
CA ILE B 498 -13.13 -20.99 -4.20
C ILE B 498 -11.65 -20.64 -4.04
N SER B 499 -11.36 -19.51 -3.40
CA SER B 499 -9.97 -19.13 -3.18
C SER B 499 -9.25 -20.15 -2.30
N ILE B 500 -9.93 -20.65 -1.27
CA ILE B 500 -9.34 -21.67 -0.41
C ILE B 500 -9.07 -22.94 -1.19
N THR B 501 -9.98 -23.30 -2.10
CA THR B 501 -9.75 -24.47 -2.94
C THR B 501 -8.53 -24.27 -3.85
N PHE B 502 -8.38 -23.07 -4.40
CA PHE B 502 -7.20 -22.77 -5.21
C PHE B 502 -5.93 -22.93 -4.38
N VAL B 503 -5.94 -22.38 -3.16
CA VAL B 503 -4.77 -22.45 -2.30
C VAL B 503 -4.45 -23.89 -1.96
N LEU B 504 -5.47 -24.70 -1.66
CA LEU B 504 -5.22 -26.10 -1.34
C LEU B 504 -4.73 -26.86 -2.55
N ASP B 505 -5.20 -26.53 -3.75
CA ASP B 505 -4.68 -27.18 -4.94
C ASP B 505 -3.20 -26.88 -5.12
N ALA B 506 -2.80 -25.61 -4.93
CA ALA B 506 -1.39 -25.27 -5.02
C ALA B 506 -0.57 -25.99 -3.96
N VAL B 507 -1.09 -26.04 -2.73
CA VAL B 507 -0.38 -26.68 -1.64
C VAL B 507 -0.23 -28.17 -1.91
N LYS B 508 -1.28 -28.82 -2.42
CA LYS B 508 -1.20 -30.23 -2.75
C LYS B 508 -0.18 -30.48 -3.85
N GLY B 509 -0.16 -29.60 -4.86
CA GLY B 509 0.82 -29.76 -5.93
C GLY B 509 2.24 -29.66 -5.41
N THR B 510 2.52 -28.64 -4.60
CA THR B 510 3.88 -28.49 -4.08
C THR B 510 4.24 -29.61 -3.10
N VAL B 511 3.26 -30.10 -2.33
CA VAL B 511 3.52 -31.22 -1.44
C VAL B 511 3.86 -32.47 -2.23
N LYS B 512 3.13 -32.72 -3.32
CA LYS B 512 3.46 -33.86 -4.17
C LYS B 512 4.83 -33.71 -4.79
N ILE B 513 5.18 -32.49 -5.23
CA ILE B 513 6.50 -32.28 -5.80
C ILE B 513 7.58 -32.57 -4.76
N PHE B 514 7.40 -32.09 -3.53
CA PHE B 514 8.37 -32.36 -2.47
C PHE B 514 8.46 -33.86 -2.19
N TRP B 515 7.31 -34.53 -2.12
CA TRP B 515 7.30 -35.96 -1.80
C TRP B 515 8.04 -36.76 -2.88
N LYS B 516 7.80 -36.42 -4.15
CA LYS B 516 8.44 -37.18 -5.23
C LYS B 516 9.92 -36.86 -5.35
N TYR B 517 10.29 -35.58 -5.23
CA TYR B 517 11.66 -35.15 -5.49
C TYR B 517 12.46 -34.96 -4.20
N TYR B 518 11.96 -34.14 -3.27
CA TYR B 518 12.74 -33.85 -2.07
C TYR B 518 13.02 -35.11 -1.26
N TYR B 519 12.02 -35.96 -1.08
CA TYR B 519 12.17 -37.17 -0.29
C TYR B 519 12.50 -38.40 -1.14
N GLY B 520 12.64 -38.23 -2.45
CA GLY B 520 13.05 -39.34 -3.29
C GLY B 520 12.05 -40.47 -3.39
N HIS B 521 10.77 -40.22 -3.11
CA HIS B 521 9.74 -41.26 -3.18
C HIS B 521 9.14 -41.27 -4.58
N TYR B 522 9.95 -41.72 -5.54
CA TYR B 522 9.53 -41.82 -6.93
C TYR B 522 8.42 -42.85 -7.07
N SER B 569 19.27 -35.29 -7.08
CA SER B 569 19.10 -33.86 -7.27
C SER B 569 17.64 -33.45 -7.06
N GLY B 570 16.84 -34.35 -6.49
CA GLY B 570 15.44 -34.05 -6.27
C GLY B 570 15.22 -32.91 -5.30
N GLN B 571 16.07 -32.79 -4.28
CA GLN B 571 15.92 -31.71 -3.32
C GLN B 571 16.05 -30.35 -4.01
N ALA B 572 17.00 -30.22 -4.92
CA ALA B 572 17.15 -28.97 -5.65
C ALA B 572 15.90 -28.66 -6.46
N THR B 573 15.33 -29.67 -7.12
CA THR B 573 14.12 -29.45 -7.91
C THR B 573 12.97 -29.01 -7.03
N ALA B 574 12.81 -29.64 -5.86
CA ALA B 574 11.71 -29.27 -4.97
C ALA B 574 11.87 -27.85 -4.45
N VAL B 575 13.09 -27.50 -4.01
CA VAL B 575 13.31 -26.16 -3.48
C VAL B 575 13.10 -25.12 -4.58
N LEU B 576 13.59 -25.41 -5.79
CA LEU B 576 13.39 -24.49 -6.90
C LEU B 576 11.91 -24.36 -7.25
N SER B 577 11.16 -25.46 -7.16
CA SER B 577 9.72 -25.40 -7.40
C SER B 577 9.04 -24.47 -6.40
N LEU B 578 9.37 -24.62 -5.12
CA LEU B 578 8.79 -23.75 -4.10
C LEU B 578 9.17 -22.30 -4.38
N LEU B 579 10.44 -22.05 -4.69
CA LEU B 579 10.88 -20.68 -4.93
C LEU B 579 10.16 -20.08 -6.14
N ILE B 580 10.05 -20.85 -7.22
CA ILE B 580 9.41 -20.33 -8.43
C ILE B 580 7.94 -20.04 -8.18
N MET B 581 7.24 -20.94 -7.49
CA MET B 581 5.82 -20.71 -7.21
C MET B 581 5.65 -19.46 -6.37
N LEU B 582 6.43 -19.32 -5.29
CA LEU B 582 6.29 -18.15 -4.43
C LEU B 582 6.65 -16.87 -5.17
N GLY B 583 7.70 -16.90 -5.98
CA GLY B 583 8.09 -15.71 -6.72
C GLY B 583 7.08 -15.31 -7.76
N THR B 584 6.50 -16.29 -8.47
CA THR B 584 5.45 -15.99 -9.42
C THR B 584 4.26 -15.35 -8.72
N LEU B 585 3.86 -15.91 -7.58
CA LEU B 585 2.77 -15.32 -6.81
C LEU B 585 3.09 -13.88 -6.44
N TRP B 586 4.29 -13.66 -5.91
CA TRP B 586 4.65 -12.32 -5.45
C TRP B 586 4.67 -11.32 -6.59
N LEU B 587 5.29 -11.69 -7.72
CA LEU B 587 5.39 -10.76 -8.83
C LEU B 587 4.01 -10.45 -9.42
N GLY B 588 3.18 -11.49 -9.61
CA GLY B 588 1.84 -11.24 -10.10
C GLY B 588 1.03 -10.37 -9.18
N TYR B 589 1.10 -10.63 -7.87
CA TYR B 589 0.35 -9.83 -6.91
C TYR B 589 0.83 -8.39 -6.90
N THR B 590 2.14 -8.17 -6.97
CA THR B 590 2.66 -6.81 -6.96
C THR B 590 2.23 -6.05 -8.22
N LEU B 591 2.38 -6.68 -9.39
CA LEU B 591 1.98 -6.01 -10.62
C LEU B 591 0.48 -5.75 -10.64
N TYR B 592 -0.31 -6.62 -10.02
CA TYR B 592 -1.75 -6.40 -9.96
C TYR B 592 -2.10 -5.26 -9.01
N GLN B 593 -1.48 -5.25 -7.83
CA GLN B 593 -1.75 -4.21 -6.85
C GLN B 593 -1.26 -2.84 -7.29
N PHE B 594 -0.29 -2.78 -8.21
CA PHE B 594 0.10 -1.49 -8.76
C PHE B 594 -1.05 -0.81 -9.49
N LYS B 595 -2.11 -1.55 -9.85
CA LYS B 595 -3.26 -0.95 -10.49
C LYS B 595 -3.95 0.08 -9.60
N LYS B 596 -3.85 -0.07 -8.28
CA LYS B 596 -4.55 0.80 -7.34
C LYS B 596 -3.73 2.02 -6.94
N SER B 597 -2.52 2.18 -7.45
CA SER B 597 -1.69 3.33 -7.11
C SER B 597 -2.28 4.59 -7.74
N PRO B 598 -2.58 5.64 -6.97
CA PRO B 598 -3.17 6.84 -7.56
C PRO B 598 -2.18 7.76 -8.25
N TYR B 599 -0.88 7.46 -8.18
CA TYR B 599 0.14 8.34 -8.76
C TYR B 599 0.64 7.88 -10.11
N LEU B 600 0.46 6.61 -10.46
CA LEU B 600 0.88 6.12 -11.76
C LEU B 600 -0.03 6.65 -12.86
N HIS B 601 0.51 6.71 -14.07
CA HIS B 601 -0.28 7.14 -15.21
C HIS B 601 -1.42 6.15 -15.44
N PRO B 602 -2.59 6.63 -15.88
CA PRO B 602 -3.70 5.69 -16.13
C PRO B 602 -3.32 4.57 -17.08
N CYS B 603 -2.58 4.88 -18.15
CA CYS B 603 -2.15 3.85 -19.07
C CYS B 603 -1.21 2.85 -18.38
N VAL B 604 -0.28 3.36 -17.57
CA VAL B 604 0.70 2.48 -16.93
C VAL B 604 -0.02 1.49 -16.01
N ARG B 605 -0.90 2.00 -15.15
CA ARG B 605 -1.59 1.09 -14.22
C ARG B 605 -2.56 0.17 -14.94
N GLU B 606 -3.20 0.66 -16.01
CA GLU B 606 -4.10 -0.20 -16.77
C GLU B 606 -3.34 -1.36 -17.41
N ILE B 607 -2.16 -1.08 -17.98
CA ILE B 607 -1.34 -2.15 -18.56
C ILE B 607 -0.84 -3.09 -17.47
N LEU B 608 -0.39 -2.55 -16.34
CA LEU B 608 0.10 -3.40 -15.27
C LEU B 608 -0.98 -4.35 -14.78
N SER B 609 -2.20 -3.84 -14.61
CA SER B 609 -3.32 -4.73 -14.27
C SER B 609 -3.57 -5.74 -15.39
N ASP B 610 -3.45 -5.29 -16.65
CA ASP B 610 -3.71 -6.19 -17.77
C ASP B 610 -2.64 -7.26 -17.90
N CYS B 611 -1.37 -6.88 -17.78
CA CYS B 611 -0.28 -7.81 -18.05
C CYS B 611 0.53 -8.10 -16.80
N ALA B 612 -0.15 -8.33 -15.67
CA ALA B 612 0.54 -8.74 -14.45
C ALA B 612 0.79 -10.24 -14.46
N LEU B 613 -0.27 -11.04 -14.51
CA LEU B 613 -0.10 -12.49 -14.53
C LEU B 613 0.68 -12.98 -15.74
N PRO B 614 0.39 -12.53 -16.97
CA PRO B 614 1.22 -12.98 -18.10
C PRO B 614 2.68 -12.61 -17.95
N ILE B 615 2.98 -11.41 -17.45
CA ILE B 615 4.37 -11.00 -17.29
C ILE B 615 5.05 -11.88 -16.26
N ALA B 616 4.39 -12.13 -15.13
CA ALA B 616 4.99 -12.99 -14.10
C ALA B 616 5.22 -14.39 -14.63
N VAL B 617 4.23 -14.95 -15.35
CA VAL B 617 4.36 -16.30 -15.87
C VAL B 617 5.53 -16.38 -16.84
N LEU B 618 5.61 -15.44 -17.78
CA LEU B 618 6.69 -15.47 -18.75
C LEU B 618 8.04 -15.31 -18.08
N ALA B 619 8.16 -14.34 -17.16
CA ALA B 619 9.44 -14.08 -16.52
C ALA B 619 9.92 -15.29 -15.73
N PHE B 620 9.03 -15.90 -14.95
CA PHE B 620 9.45 -17.03 -14.13
C PHE B 620 9.61 -18.31 -14.94
N SER B 621 8.87 -18.47 -16.05
CA SER B 621 9.17 -19.57 -16.95
C SER B 621 10.57 -19.43 -17.55
N LEU B 622 10.94 -18.21 -17.93
CA LEU B 622 12.29 -17.98 -18.42
C LEU B 622 13.32 -18.26 -17.33
N ILE B 623 13.04 -17.84 -16.10
CA ILE B 623 13.98 -18.03 -15.00
C ILE B 623 14.17 -19.53 -14.73
N SER B 624 13.08 -20.28 -14.69
CA SER B 624 13.12 -21.69 -14.33
C SER B 624 13.52 -22.60 -15.48
N SER B 625 13.47 -22.13 -16.73
CA SER B 625 13.83 -22.93 -17.88
C SER B 625 15.14 -22.51 -18.53
N HIS B 626 15.59 -21.27 -18.30
CA HIS B 626 16.85 -20.80 -18.85
C HIS B 626 17.86 -20.44 -17.75
N GLY B 627 17.44 -19.69 -16.74
CA GLY B 627 18.33 -19.38 -15.65
C GLY B 627 18.71 -20.59 -14.84
N PHE B 628 17.77 -21.50 -14.63
CA PHE B 628 17.97 -22.72 -13.85
C PHE B 628 17.79 -23.95 -14.74
N ARG B 629 18.28 -23.89 -15.97
CA ARG B 629 18.12 -25.01 -16.89
C ARG B 629 18.82 -26.27 -16.42
N GLU B 630 19.84 -26.15 -15.56
CA GLU B 630 20.52 -27.32 -15.05
C GLU B 630 19.64 -28.13 -14.10
N ILE B 631 18.58 -27.53 -13.58
CA ILE B 631 17.68 -28.22 -12.65
C ILE B 631 16.37 -28.52 -13.36
N GLU B 632 16.27 -29.71 -13.94
CA GLU B 632 15.02 -30.14 -14.57
C GLU B 632 13.96 -30.38 -13.51
N MET B 633 12.72 -30.00 -13.83
CA MET B 633 11.62 -30.16 -12.88
C MET B 633 10.36 -30.64 -13.58
N SER B 634 9.25 -30.70 -12.85
CA SER B 634 8.02 -31.28 -13.36
C SER B 634 7.42 -30.40 -14.46
N LYS B 635 6.84 -31.05 -15.46
CA LYS B 635 6.08 -30.40 -16.51
C LYS B 635 4.79 -31.17 -16.75
N PHE B 636 3.75 -30.46 -17.15
CA PHE B 636 2.46 -31.10 -17.37
C PHE B 636 2.55 -32.06 -18.56
N ARG B 637 1.82 -33.17 -18.45
CA ARG B 637 1.86 -34.19 -19.49
C ARG B 637 1.22 -33.68 -20.78
N TYR B 638 1.76 -34.14 -21.90
CA TYR B 638 1.20 -33.81 -23.22
C TYR B 638 1.51 -34.96 -24.15
N ASN B 639 0.49 -35.75 -24.48
CA ASN B 639 0.65 -36.89 -25.39
C ASN B 639 -0.02 -36.58 -26.72
N PRO B 640 0.73 -36.34 -27.80
CA PRO B 640 0.10 -36.05 -29.10
C PRO B 640 -0.23 -37.31 -29.90
N PHE B 645 -9.95 -36.89 -28.90
CA PHE B 645 -11.27 -36.27 -28.90
C PHE B 645 -12.32 -37.23 -29.47
N ALA B 646 -12.47 -38.38 -28.82
CA ALA B 646 -13.42 -39.40 -29.24
C ALA B 646 -14.67 -39.35 -28.37
N MET B 647 -15.83 -39.49 -29.00
CA MET B 647 -17.09 -39.45 -28.27
C MET B 647 -17.15 -40.58 -27.25
N ALA B 648 -17.62 -40.27 -26.05
CA ALA B 648 -17.71 -41.26 -24.99
C ALA B 648 -18.75 -42.31 -25.32
N GLN B 649 -18.48 -43.55 -24.91
CA GLN B 649 -19.39 -44.67 -25.13
C GLN B 649 -20.47 -44.64 -24.05
N ILE B 650 -21.45 -43.76 -24.25
CA ILE B 650 -22.53 -43.61 -23.29
C ILE B 650 -23.38 -44.87 -23.23
N GLN B 651 -23.58 -45.55 -24.37
CA GLN B 651 -24.45 -46.72 -24.40
C GLN B 651 -23.92 -47.86 -23.54
N SER B 652 -22.61 -47.92 -23.30
CA SER B 652 -22.02 -49.01 -22.53
C SER B 652 -21.88 -48.60 -21.07
N LEU B 653 -23.02 -48.58 -20.39
CA LEU B 653 -23.06 -48.25 -18.97
C LEU B 653 -24.30 -48.85 -18.35
N SER B 654 -24.16 -49.33 -17.11
CA SER B 654 -25.26 -50.00 -16.43
C SER B 654 -26.30 -48.99 -15.95
N LEU B 655 -27.52 -49.49 -15.72
CA LEU B 655 -28.61 -48.63 -15.28
C LEU B 655 -28.33 -48.05 -13.89
N ARG B 656 -27.72 -48.84 -13.00
CA ARG B 656 -27.35 -48.32 -11.69
C ARG B 656 -26.36 -47.17 -11.83
N ALA B 657 -25.37 -47.33 -12.71
CA ALA B 657 -24.44 -46.24 -12.96
C ALA B 657 -25.16 -45.04 -13.58
N VAL B 658 -26.19 -45.29 -14.38
CA VAL B 658 -26.96 -44.19 -14.96
C VAL B 658 -27.69 -43.41 -13.87
N SER B 659 -28.27 -44.12 -12.90
CA SER B 659 -28.94 -43.43 -11.80
C SER B 659 -27.95 -42.64 -10.95
N GLY B 660 -26.78 -43.24 -10.69
CA GLY B 660 -25.75 -42.52 -9.95
C GLY B 660 -25.30 -41.27 -10.68
N ALA B 661 -25.09 -41.38 -11.99
CA ALA B 661 -24.77 -40.21 -12.79
C ALA B 661 -25.90 -39.20 -12.77
N MET B 662 -27.15 -39.66 -12.67
CA MET B 662 -28.27 -38.73 -12.56
C MET B 662 -28.18 -37.92 -11.27
N GLY B 663 -27.88 -38.58 -10.15
CA GLY B 663 -27.75 -37.85 -8.89
C GLY B 663 -26.58 -36.87 -8.92
N LEU B 664 -25.42 -37.35 -9.38
CA LEU B 664 -24.26 -36.47 -9.50
C LEU B 664 -24.54 -35.31 -10.45
N GLY B 665 -25.24 -35.56 -11.56
CA GLY B 665 -25.58 -34.49 -12.47
C GLY B 665 -26.55 -33.49 -11.86
N PHE B 666 -27.46 -33.96 -11.02
CA PHE B 666 -28.33 -33.03 -10.30
C PHE B 666 -27.51 -32.11 -9.41
N LEU B 667 -26.57 -32.67 -8.65
CA LEU B 667 -25.73 -31.83 -7.80
C LEU B 667 -24.91 -30.84 -8.63
N LEU B 668 -24.32 -31.33 -9.73
CA LEU B 668 -23.55 -30.46 -10.60
C LEU B 668 -24.41 -29.38 -11.22
N SER B 669 -25.68 -29.68 -11.51
CA SER B 669 -26.57 -28.70 -12.09
C SER B 669 -26.90 -27.61 -11.08
N MET B 670 -27.10 -27.98 -9.81
CA MET B 670 -27.27 -26.94 -8.79
C MET B 670 -26.04 -26.05 -8.72
N LEU B 671 -24.85 -26.66 -8.73
CA LEU B 671 -23.62 -25.87 -8.69
C LEU B 671 -23.54 -24.92 -9.88
N PHE B 672 -23.83 -25.43 -11.08
CA PHE B 672 -23.75 -24.61 -12.29
C PHE B 672 -24.76 -23.48 -12.24
N PHE B 673 -25.98 -23.78 -11.82
CA PHE B 673 -26.99 -22.74 -11.68
C PHE B 673 -26.49 -21.61 -10.80
N ILE B 674 -26.03 -21.95 -9.60
CA ILE B 674 -25.57 -20.92 -8.67
C ILE B 674 -24.42 -20.11 -9.27
N GLU B 675 -23.40 -20.80 -9.79
CA GLU B 675 -22.21 -20.09 -10.26
C GLU B 675 -22.52 -19.20 -11.45
N GLN B 676 -23.21 -19.75 -12.45
CA GLN B 676 -23.51 -18.99 -13.66
C GLN B 676 -24.37 -17.78 -13.34
N ASN B 677 -25.42 -17.97 -12.52
CA ASN B 677 -26.29 -16.84 -12.20
C ASN B 677 -25.56 -15.81 -11.36
N LEU B 678 -24.68 -16.24 -10.45
CA LEU B 678 -23.89 -15.31 -9.68
C LEU B 678 -23.05 -14.42 -10.58
N VAL B 679 -22.29 -15.04 -11.50
CA VAL B 679 -21.41 -14.26 -12.36
C VAL B 679 -22.22 -13.38 -13.30
N ALA B 680 -23.36 -13.88 -13.79
CA ALA B 680 -24.21 -13.06 -14.65
C ALA B 680 -24.74 -11.84 -13.91
N ALA B 681 -25.15 -12.02 -12.65
CA ALA B 681 -25.59 -10.89 -11.85
C ALA B 681 -24.46 -9.89 -11.62
N LEU B 682 -23.23 -10.38 -11.39
CA LEU B 682 -22.10 -9.48 -11.26
C LEU B 682 -21.88 -8.67 -12.54
N VAL B 683 -21.97 -9.34 -13.69
CA VAL B 683 -21.75 -8.64 -14.96
C VAL B 683 -22.88 -7.66 -15.23
N ASN B 684 -24.11 -8.04 -14.86
CA ASN B 684 -25.29 -7.21 -15.11
C ASN B 684 -25.62 -6.28 -13.95
N ALA B 685 -24.62 -5.91 -13.15
CA ALA B 685 -24.88 -5.02 -12.03
C ALA B 685 -25.36 -3.67 -12.53
N PRO B 686 -26.28 -3.01 -11.81
CA PRO B 686 -26.75 -1.69 -12.27
C PRO B 686 -25.63 -0.68 -12.39
N GLU B 687 -24.62 -0.75 -11.52
CA GLU B 687 -23.53 0.23 -11.55
C GLU B 687 -22.66 0.11 -12.79
N ASN B 688 -22.78 -0.97 -13.55
CA ASN B 688 -21.99 -1.13 -14.76
C ASN B 688 -22.55 -0.35 -15.93
N ARG B 689 -23.80 0.10 -15.86
CA ARG B 689 -24.43 0.89 -16.90
C ARG B 689 -24.43 0.14 -18.24
N LEU B 690 -25.16 -0.97 -18.25
CA LEU B 690 -25.32 -1.81 -19.44
C LEU B 690 -26.66 -1.49 -20.06
N VAL B 691 -26.65 -0.83 -21.22
CA VAL B 691 -27.89 -0.43 -21.87
C VAL B 691 -28.67 -1.65 -22.34
N LYS B 692 -27.99 -2.64 -22.91
CA LYS B 692 -28.67 -3.81 -23.43
C LYS B 692 -29.24 -4.66 -22.30
N GLY B 693 -30.28 -5.42 -22.64
CA GLY B 693 -31.00 -6.18 -21.64
C GLY B 693 -30.24 -7.39 -21.15
N THR B 694 -30.76 -7.98 -20.08
CA THR B 694 -30.17 -9.17 -19.48
C THR B 694 -30.74 -10.43 -20.11
N ALA B 695 -29.93 -11.48 -20.10
CA ALA B 695 -30.34 -12.78 -20.65
C ALA B 695 -29.81 -13.86 -19.70
N TYR B 696 -30.67 -14.29 -18.78
CA TYR B 696 -30.32 -15.31 -17.80
C TYR B 696 -30.74 -16.71 -18.23
N HIS B 697 -31.99 -16.87 -18.67
CA HIS B 697 -32.50 -18.21 -18.99
C HIS B 697 -31.93 -18.71 -20.31
N TRP B 698 -31.86 -17.86 -21.33
CA TRP B 698 -31.25 -18.26 -22.59
C TRP B 698 -29.78 -18.59 -22.40
N ASP B 699 -29.08 -17.81 -21.57
CA ASP B 699 -27.68 -18.10 -21.30
C ASP B 699 -27.54 -19.46 -20.60
N LEU B 700 -28.43 -19.76 -19.66
CA LEU B 700 -28.37 -21.05 -18.98
C LEU B 700 -28.64 -22.19 -19.95
N LEU B 701 -29.62 -22.02 -20.84
CA LEU B 701 -29.90 -23.07 -21.82
C LEU B 701 -28.72 -23.30 -22.74
N LEU B 702 -28.09 -22.23 -23.23
CA LEU B 702 -26.93 -22.38 -24.09
C LEU B 702 -25.77 -23.01 -23.33
N LEU B 703 -25.60 -22.66 -22.06
CA LEU B 703 -24.58 -23.30 -21.25
C LEU B 703 -24.83 -24.79 -21.14
N ALA B 704 -26.07 -25.19 -20.92
CA ALA B 704 -26.40 -26.61 -20.85
C ALA B 704 -26.10 -27.30 -22.18
N ILE B 705 -26.44 -26.65 -23.29
CA ILE B 705 -26.20 -27.27 -24.61
C ILE B 705 -24.71 -27.48 -24.83
N ILE B 706 -23.91 -26.43 -24.61
CA ILE B 706 -22.48 -26.54 -24.84
C ILE B 706 -21.86 -27.52 -23.85
N ASN B 707 -22.41 -27.61 -22.64
CA ASN B 707 -21.89 -28.58 -21.67
C ASN B 707 -22.18 -30.01 -22.11
N THR B 708 -23.37 -30.24 -22.67
CA THR B 708 -23.64 -31.55 -23.27
C THR B 708 -22.64 -31.85 -24.36
N GLY B 709 -22.39 -30.88 -25.24
CA GLY B 709 -21.43 -31.10 -26.31
C GLY B 709 -20.05 -31.42 -25.78
N LEU B 710 -19.60 -30.70 -24.74
CA LEU B 710 -18.27 -30.91 -24.20
C LEU B 710 -18.18 -32.25 -23.49
N SER B 711 -19.19 -32.62 -22.71
CA SER B 711 -19.16 -33.88 -21.97
C SER B 711 -19.20 -35.07 -22.92
N LEU B 712 -19.96 -34.97 -24.01
CA LEU B 712 -20.03 -36.09 -24.95
C LEU B 712 -18.65 -36.45 -25.49
N PHE B 713 -17.75 -35.48 -25.58
CA PHE B 713 -16.39 -35.70 -26.06
C PHE B 713 -15.36 -35.75 -24.94
N GLY B 714 -15.80 -35.76 -23.69
CA GLY B 714 -14.88 -35.89 -22.58
C GLY B 714 -14.15 -34.61 -22.19
N LEU B 715 -14.49 -33.48 -22.78
CA LEU B 715 -13.83 -32.23 -22.47
C LEU B 715 -14.30 -31.71 -21.10
N PRO B 716 -13.44 -30.99 -20.38
CA PRO B 716 -13.83 -30.49 -19.06
C PRO B 716 -14.95 -29.47 -19.16
N TRP B 717 -15.78 -29.43 -18.11
CA TRP B 717 -16.90 -28.50 -18.08
C TRP B 717 -16.42 -27.07 -17.89
N ILE B 718 -17.29 -26.12 -18.20
CA ILE B 718 -16.98 -24.70 -18.08
C ILE B 718 -18.27 -23.94 -17.77
N HIS B 719 -18.12 -22.85 -17.01
CA HIS B 719 -19.21 -21.90 -16.81
C HIS B 719 -18.60 -20.52 -16.61
N ALA B 720 -19.45 -19.55 -16.30
CA ALA B 720 -18.99 -18.17 -16.16
C ALA B 720 -17.90 -18.08 -15.11
N ALA B 721 -16.82 -17.37 -15.45
CA ALA B 721 -15.68 -17.22 -14.56
C ALA B 721 -15.83 -15.95 -13.74
N TYR B 722 -15.89 -16.11 -12.41
CA TYR B 722 -16.09 -14.95 -11.54
C TYR B 722 -14.96 -13.93 -11.66
N PRO B 723 -13.68 -14.33 -11.63
CA PRO B 723 -12.62 -13.30 -11.67
C PRO B 723 -12.47 -12.62 -13.02
N HIS B 724 -12.83 -13.30 -14.10
CA HIS B 724 -12.53 -12.80 -15.44
C HIS B 724 -13.69 -12.03 -16.09
N SER B 725 -14.92 -12.23 -15.64
CA SER B 725 -16.04 -11.53 -16.26
C SER B 725 -16.06 -10.07 -15.84
N PRO B 726 -16.00 -9.76 -14.55
CA PRO B 726 -15.89 -8.34 -14.17
C PRO B 726 -14.65 -7.66 -14.70
N LEU B 727 -13.53 -8.39 -14.78
CA LEU B 727 -12.33 -7.82 -15.39
C LEU B 727 -12.55 -7.55 -16.87
N HIS B 728 -13.23 -8.45 -17.56
CA HIS B 728 -13.56 -8.22 -18.97
C HIS B 728 -14.43 -6.99 -19.12
N VAL B 729 -15.42 -6.82 -18.24
CA VAL B 729 -16.30 -5.66 -18.31
C VAL B 729 -15.49 -4.38 -18.07
N ARG B 730 -14.63 -4.39 -17.05
CA ARG B 730 -13.84 -3.20 -16.74
C ARG B 730 -12.91 -2.83 -17.88
N ALA B 731 -12.22 -3.83 -18.45
CA ALA B 731 -11.33 -3.55 -19.57
C ALA B 731 -12.08 -3.02 -20.78
N LEU B 732 -13.35 -3.38 -20.91
CA LEU B 732 -14.19 -2.96 -22.03
C LEU B 732 -15.08 -1.78 -21.67
N ALA B 733 -14.69 -0.99 -20.67
CA ALA B 733 -15.54 0.08 -20.17
C ALA B 733 -14.71 1.34 -19.93
N LEU B 734 -15.38 2.48 -20.02
CA LEU B 734 -14.81 3.76 -19.63
C LEU B 734 -15.16 4.03 -18.18
N VAL B 735 -14.18 4.55 -17.42
CA VAL B 735 -14.33 4.71 -15.98
C VAL B 735 -13.90 6.11 -15.59
N GLU B 736 -14.40 6.55 -14.44
CA GLU B 736 -14.01 7.79 -13.80
C GLU B 736 -13.20 7.46 -12.56
N GLU B 737 -11.94 7.88 -12.54
CA GLU B 737 -11.06 7.54 -11.44
C GLU B 737 -11.50 8.24 -10.15
N ARG B 738 -11.45 7.51 -9.05
CA ARG B 738 -11.76 8.04 -7.73
C ARG B 738 -10.70 7.59 -6.75
N VAL B 739 -10.25 8.51 -5.90
CA VAL B 739 -9.18 8.24 -4.94
C VAL B 739 -9.80 8.31 -3.55
N GLU B 740 -10.01 7.14 -2.95
CA GLU B 740 -10.49 7.05 -1.57
C GLU B 740 -9.43 6.33 -0.74
N ASN B 741 -8.94 7.00 0.30
CA ASN B 741 -7.91 6.44 1.17
C ASN B 741 -6.66 6.05 0.39
N GLY B 742 -6.32 6.88 -0.60
CA GLY B 742 -5.10 6.66 -1.35
C GLY B 742 -5.12 5.48 -2.31
N HIS B 743 -6.30 5.04 -2.73
CA HIS B 743 -6.44 3.94 -3.67
C HIS B 743 -7.40 4.32 -4.78
N ILE B 744 -7.10 3.86 -5.99
CA ILE B 744 -7.92 4.20 -7.16
C ILE B 744 -9.13 3.28 -7.20
N TYR B 745 -10.32 3.89 -7.33
CA TYR B 745 -11.57 3.17 -7.52
C TYR B 745 -12.24 3.68 -8.78
N ASP B 746 -12.77 2.77 -9.56
CA ASP B 746 -13.30 3.07 -10.89
C ASP B 746 -14.82 3.08 -10.87
N THR B 747 -15.39 4.12 -11.49
CA THR B 747 -16.84 4.23 -11.67
C THR B 747 -17.13 4.12 -13.16
N ILE B 748 -17.71 3.00 -13.57
CA ILE B 748 -17.96 2.74 -14.99
C ILE B 748 -19.05 3.68 -15.49
N VAL B 749 -18.80 4.31 -16.63
CA VAL B 749 -19.77 5.21 -17.24
C VAL B 749 -20.40 4.60 -18.48
N ASN B 750 -19.63 3.84 -19.26
CA ASN B 750 -20.12 3.25 -20.51
C ASN B 750 -19.35 1.98 -20.80
N VAL B 751 -20.07 0.87 -20.98
CA VAL B 751 -19.50 -0.40 -21.40
C VAL B 751 -19.87 -0.61 -22.87
N LYS B 752 -18.87 -0.96 -23.68
CA LYS B 752 -19.08 -1.02 -25.12
C LYS B 752 -19.86 -2.25 -25.57
N GLU B 753 -19.81 -3.34 -24.81
CA GLU B 753 -20.72 -4.48 -25.00
C GLU B 753 -20.62 -5.04 -26.42
N THR B 754 -19.46 -5.60 -26.74
CA THR B 754 -19.23 -6.21 -28.04
C THR B 754 -18.79 -7.67 -27.86
N ARG B 755 -19.15 -8.50 -28.83
CA ARG B 755 -18.75 -9.91 -28.85
C ARG B 755 -17.42 -10.12 -29.55
N LEU B 756 -16.85 -9.10 -30.18
CA LEU B 756 -15.61 -9.30 -30.93
C LEU B 756 -14.47 -9.69 -30.00
N THR B 757 -14.42 -9.12 -28.79
CA THR B 757 -13.32 -9.42 -27.89
C THR B 757 -13.34 -10.87 -27.43
N SER B 758 -14.51 -11.34 -26.96
CA SER B 758 -14.60 -12.73 -26.49
C SER B 758 -14.39 -13.70 -27.64
N LEU B 759 -14.95 -13.41 -28.81
CA LEU B 759 -14.76 -14.28 -29.97
C LEU B 759 -13.29 -14.37 -30.36
N GLY B 760 -12.61 -13.22 -30.40
CA GLY B 760 -11.19 -13.23 -30.72
C GLY B 760 -10.37 -13.98 -29.69
N ALA B 761 -10.71 -13.81 -28.41
CA ALA B 761 -9.99 -14.54 -27.37
C ALA B 761 -10.19 -16.05 -27.51
N SER B 762 -11.42 -16.47 -27.79
CA SER B 762 -11.67 -17.90 -27.97
C SER B 762 -10.92 -18.44 -29.18
N VAL B 763 -10.93 -17.69 -30.29
CA VAL B 763 -10.22 -18.15 -31.48
C VAL B 763 -8.71 -18.23 -31.22
N LEU B 764 -8.16 -17.25 -30.51
CA LEU B 764 -6.73 -17.29 -30.19
C LEU B 764 -6.40 -18.46 -29.28
N VAL B 765 -7.27 -18.73 -28.29
CA VAL B 765 -7.04 -19.88 -27.41
C VAL B 765 -7.07 -21.17 -28.20
N GLY B 766 -8.01 -21.29 -29.13
CA GLY B 766 -8.06 -22.48 -29.99
C GLY B 766 -6.81 -22.60 -30.85
N LEU B 767 -6.37 -21.50 -31.44
CA LEU B 767 -5.15 -21.52 -32.26
C LEU B 767 -3.92 -21.82 -31.43
N SER B 768 -3.96 -21.57 -30.11
CA SER B 768 -2.82 -21.86 -29.25
C SER B 768 -2.52 -23.35 -29.16
N LEU B 769 -3.44 -24.21 -29.62
CA LEU B 769 -3.16 -25.65 -29.63
C LEU B 769 -1.92 -25.97 -30.46
N LEU B 770 -1.61 -25.13 -31.46
CA LEU B 770 -0.42 -25.34 -32.27
C LEU B 770 0.86 -24.99 -31.51
N LEU B 771 0.76 -24.29 -30.38
CA LEU B 771 1.91 -23.91 -29.58
C LEU B 771 2.12 -24.83 -28.39
N LEU B 772 1.45 -25.98 -28.36
CA LEU B 772 1.51 -26.87 -27.21
C LEU B 772 2.86 -27.57 -27.09
N PRO B 773 3.31 -28.28 -28.13
CA PRO B 773 4.52 -29.11 -27.94
C PRO B 773 5.77 -28.32 -27.61
N VAL B 774 6.18 -27.41 -28.48
CA VAL B 774 7.42 -26.67 -28.26
C VAL B 774 7.19 -25.48 -27.33
N PRO B 775 6.24 -24.54 -27.61
CA PRO B 775 5.91 -23.55 -26.58
C PRO B 775 4.97 -24.11 -25.52
N LEU B 776 4.68 -23.31 -24.50
CA LEU B 776 3.60 -23.58 -23.55
C LEU B 776 3.89 -24.80 -22.67
N GLN B 777 4.99 -25.50 -22.92
CA GLN B 777 5.42 -26.60 -22.06
C GLN B 777 6.63 -26.24 -21.21
N TRP B 778 7.38 -25.21 -21.59
CA TRP B 778 8.45 -24.69 -20.75
C TRP B 778 7.90 -24.04 -19.49
N ILE B 779 6.60 -23.79 -19.41
CA ILE B 779 5.95 -23.30 -18.20
C ILE B 779 5.84 -24.47 -17.22
N PRO B 780 6.65 -24.51 -16.17
CA PRO B 780 6.62 -25.66 -15.27
C PRO B 780 5.42 -25.62 -14.34
N LYS B 781 5.12 -26.78 -13.74
CA LYS B 781 3.96 -26.87 -12.87
C LYS B 781 3.97 -25.86 -11.72
N PRO B 782 5.10 -25.62 -11.04
CA PRO B 782 5.09 -24.59 -9.99
C PRO B 782 4.64 -23.23 -10.47
N VAL B 783 4.91 -22.88 -11.73
CA VAL B 783 4.38 -21.62 -12.26
C VAL B 783 2.86 -21.66 -12.29
N LEU B 784 2.29 -22.80 -12.65
CA LEU B 784 0.82 -22.93 -12.65
C LEU B 784 0.27 -22.87 -11.23
N TYR B 785 0.97 -23.45 -10.26
CA TYR B 785 0.54 -23.35 -8.87
C TYR B 785 0.61 -21.91 -8.39
N GLY B 786 1.65 -21.18 -8.76
CA GLY B 786 1.71 -19.77 -8.46
C GLY B 786 0.59 -18.98 -9.13
N LEU B 787 0.21 -19.38 -10.34
CA LEU B 787 -0.96 -18.78 -10.98
C LEU B 787 -2.22 -19.03 -10.17
N PHE B 788 -2.39 -20.25 -9.67
CA PHE B 788 -3.54 -20.56 -8.82
C PHE B 788 -3.53 -19.66 -7.58
N LEU B 789 -2.38 -19.53 -6.94
CA LEU B 789 -2.28 -18.68 -5.75
C LEU B 789 -2.60 -17.22 -6.09
N TYR B 790 -2.08 -16.73 -7.22
CA TYR B 790 -2.34 -15.36 -7.63
C TYR B 790 -3.84 -15.14 -7.84
N ILE B 791 -4.50 -16.08 -8.51
CA ILE B 791 -5.94 -15.96 -8.72
C ILE B 791 -6.67 -15.96 -7.38
N ALA B 792 -6.25 -16.85 -6.47
CA ALA B 792 -6.92 -16.93 -5.17
C ALA B 792 -6.80 -15.62 -4.41
N LEU B 793 -5.61 -15.02 -4.39
CA LEU B 793 -5.44 -13.76 -3.66
C LEU B 793 -6.15 -12.59 -4.37
N THR B 794 -6.11 -12.55 -5.70
CA THR B 794 -6.68 -11.42 -6.42
C THR B 794 -8.19 -11.52 -6.60
N SER B 795 -8.80 -12.67 -6.29
CA SER B 795 -10.24 -12.78 -6.35
C SER B 795 -10.93 -12.25 -5.10
N LEU B 796 -10.17 -11.77 -4.11
CA LEU B 796 -10.72 -11.26 -2.87
C LEU B 796 -10.51 -9.74 -2.74
N ASP B 797 -10.51 -9.03 -3.87
CA ASP B 797 -10.23 -7.60 -3.84
C ASP B 797 -11.29 -6.85 -3.05
N GLY B 798 -12.55 -7.05 -3.39
CA GLY B 798 -13.65 -6.34 -2.76
C GLY B 798 -14.40 -7.18 -1.74
N ASN B 799 -13.76 -8.25 -1.27
CA ASN B 799 -14.42 -9.18 -0.36
C ASN B 799 -14.67 -8.51 0.98
N GLN B 800 -15.95 -8.30 1.30
CA GLN B 800 -16.31 -7.72 2.58
C GLN B 800 -16.14 -8.72 3.72
N LEU B 801 -16.29 -10.02 3.43
CA LEU B 801 -16.06 -11.03 4.46
C LEU B 801 -14.61 -11.02 4.93
N VAL B 802 -13.67 -10.92 3.99
CA VAL B 802 -12.26 -10.84 4.36
C VAL B 802 -11.99 -9.55 5.11
N GLN B 803 -12.62 -8.45 4.70
CA GLN B 803 -12.45 -7.19 5.40
C GLN B 803 -12.93 -7.29 6.84
N ARG B 804 -14.09 -7.91 7.05
CA ARG B 804 -14.60 -8.05 8.41
C ARG B 804 -13.75 -9.01 9.24
N VAL B 805 -13.22 -10.07 8.62
CA VAL B 805 -12.34 -10.97 9.34
C VAL B 805 -11.08 -10.25 9.78
N ALA B 806 -10.50 -9.44 8.89
CA ALA B 806 -9.31 -8.67 9.24
C ALA B 806 -9.62 -7.54 10.22
N LEU B 807 -10.89 -7.12 10.30
CA LEU B 807 -11.24 -6.05 11.22
C LEU B 807 -10.86 -6.39 12.66
N LEU B 808 -10.78 -7.69 12.98
CA LEU B 808 -10.33 -8.07 14.31
C LEU B 808 -8.94 -7.53 14.60
N LEU B 809 -8.06 -7.51 13.60
CA LEU B 809 -6.72 -6.95 13.76
C LEU B 809 -6.68 -5.46 13.47
N LYS B 810 -7.73 -4.89 12.88
CA LYS B 810 -7.75 -3.48 12.53
C LYS B 810 -8.44 -2.67 13.64
N GLU B 811 -8.59 -1.37 13.40
CA GLU B 811 -9.22 -0.46 14.35
C GLU B 811 -10.56 -0.02 13.77
N GLN B 812 -11.64 -0.24 14.52
CA GLN B 812 -12.95 0.15 14.05
C GLN B 812 -13.07 1.66 13.91
N THR B 813 -12.51 2.41 14.85
CA THR B 813 -12.63 3.87 14.85
C THR B 813 -11.80 4.52 13.76
N ALA B 814 -10.92 3.77 13.09
CA ALA B 814 -10.08 4.34 12.04
C ALA B 814 -10.78 4.40 10.69
N TYR B 815 -11.98 3.84 10.57
CA TYR B 815 -12.72 3.86 9.32
C TYR B 815 -13.42 5.19 9.12
N PRO B 816 -13.85 5.49 7.89
CA PRO B 816 -14.52 6.76 7.64
C PRO B 816 -15.72 6.92 8.54
N PRO B 817 -16.08 8.18 8.89
CA PRO B 817 -17.17 8.29 9.87
C PRO B 817 -18.47 7.64 9.46
N THR B 818 -18.80 7.70 8.19
CA THR B 818 -20.06 7.16 7.69
C THR B 818 -19.92 5.73 7.18
N HIS B 819 -18.77 5.10 7.37
CA HIS B 819 -18.60 3.71 6.97
C HIS B 819 -19.56 2.81 7.74
N TYR B 820 -20.05 1.77 7.07
CA TYR B 820 -21.00 0.87 7.71
C TYR B 820 -20.39 0.19 8.92
N ILE B 821 -19.06 0.02 8.94
CA ILE B 821 -18.42 -0.64 10.06
C ILE B 821 -18.62 0.15 11.34
N ARG B 822 -18.44 1.48 11.28
CA ARG B 822 -18.64 2.31 12.46
C ARG B 822 -20.10 2.50 12.79
N ARG B 823 -20.98 2.55 11.80
CA ARG B 823 -22.40 2.74 12.06
C ARG B 823 -22.97 1.57 12.85
N VAL B 824 -22.62 0.35 12.47
CA VAL B 824 -23.14 -0.85 13.12
C VAL B 824 -22.31 -1.13 14.37
N PRO B 825 -22.92 -1.56 15.47
CA PRO B 825 -22.13 -1.95 16.64
C PRO B 825 -21.18 -3.09 16.30
N GLN B 826 -19.99 -3.05 16.91
CA GLN B 826 -18.98 -4.07 16.64
C GLN B 826 -19.44 -5.47 17.06
N ARG B 827 -20.30 -5.58 18.07
CA ARG B 827 -20.78 -6.88 18.50
C ARG B 827 -21.55 -7.57 17.39
N LYS B 828 -22.47 -6.83 16.75
CA LYS B 828 -23.25 -7.42 15.66
C LYS B 828 -22.40 -7.70 14.43
N ILE B 829 -21.42 -6.84 14.15
CA ILE B 829 -20.50 -7.11 13.06
C ILE B 829 -19.76 -8.41 13.31
N HIS B 830 -19.27 -8.60 14.53
CA HIS B 830 -18.57 -9.84 14.86
C HIS B 830 -19.49 -11.04 14.80
N TYR B 831 -20.75 -10.89 15.23
CA TYR B 831 -21.69 -12.01 15.14
C TYR B 831 -21.94 -12.40 13.69
N PHE B 832 -22.15 -11.41 12.82
CA PHE B 832 -22.34 -11.70 11.40
C PHE B 832 -21.10 -12.35 10.80
N THR B 833 -19.92 -11.85 11.15
CA THR B 833 -18.69 -12.44 10.65
C THR B 833 -18.54 -13.88 11.13
N GLY B 834 -18.90 -14.14 12.39
CA GLY B 834 -18.81 -15.49 12.91
C GLY B 834 -19.77 -16.44 12.21
N LEU B 835 -20.99 -15.99 11.94
CA LEU B 835 -21.93 -16.83 11.20
C LEU B 835 -21.42 -17.11 9.80
N GLN B 836 -20.89 -16.09 9.13
CA GLN B 836 -20.34 -16.30 7.79
C GLN B 836 -19.17 -17.26 7.83
N VAL B 837 -18.30 -17.13 8.83
CA VAL B 837 -17.14 -18.02 8.93
C VAL B 837 -17.58 -19.44 9.24
N LEU B 838 -18.63 -19.60 10.05
CA LEU B 838 -19.17 -20.94 10.31
C LEU B 838 -19.71 -21.56 9.03
N GLN B 839 -20.44 -20.79 8.23
CA GLN B 839 -20.92 -21.31 6.96
C GLN B 839 -19.75 -21.69 6.05
N LEU B 840 -18.73 -20.85 5.99
CA LEU B 840 -17.57 -21.15 5.16
C LEU B 840 -16.85 -22.41 5.65
N LEU B 841 -16.74 -22.56 6.97
CA LEU B 841 -16.08 -23.74 7.52
C LEU B 841 -16.86 -25.01 7.19
N LEU B 842 -18.19 -24.95 7.30
CA LEU B 842 -19.01 -26.10 6.90
C LEU B 842 -18.82 -26.41 5.42
N LEU B 843 -18.80 -25.36 4.59
CA LEU B 843 -18.61 -25.57 3.16
C LEU B 843 -17.26 -26.22 2.86
N CYS B 844 -16.20 -25.75 3.53
CA CYS B 844 -14.89 -26.35 3.34
C CYS B 844 -14.88 -27.81 3.83
N ALA B 845 -15.50 -28.07 4.99
CA ALA B 845 -15.50 -29.42 5.51
C ALA B 845 -16.19 -30.40 4.56
N PHE B 846 -17.34 -30.01 4.01
CA PHE B 846 -18.03 -30.90 3.09
C PHE B 846 -17.33 -31.00 1.75
N GLY B 847 -16.93 -29.86 1.18
CA GLY B 847 -16.41 -29.80 -0.17
C GLY B 847 -14.90 -29.95 -0.31
N MET B 848 -14.18 -30.27 0.77
CA MET B 848 -12.73 -30.40 0.68
C MET B 848 -12.21 -31.60 1.47
N SER B 849 -13.07 -32.55 1.83
CA SER B 849 -12.65 -33.71 2.59
C SER B 849 -12.08 -34.79 1.67
N SER B 850 -11.59 -35.86 2.29
CA SER B 850 -11.05 -36.99 1.53
C SER B 850 -12.13 -37.95 1.07
N LEU B 851 -13.34 -37.86 1.61
CA LEU B 851 -14.41 -38.78 1.23
C LEU B 851 -15.10 -38.28 -0.03
N PRO B 852 -15.08 -39.03 -1.13
CA PRO B 852 -15.81 -38.56 -2.33
C PRO B 852 -17.31 -38.42 -2.10
N TYR B 853 -17.90 -39.31 -1.31
CA TYR B 853 -19.34 -39.25 -1.07
C TYR B 853 -19.75 -38.00 -0.32
N MET B 854 -18.86 -37.43 0.48
CA MET B 854 -19.15 -36.17 1.16
C MET B 854 -18.54 -34.96 0.44
N LYS B 855 -17.55 -35.18 -0.43
CA LYS B 855 -17.07 -34.10 -1.29
C LYS B 855 -18.04 -33.80 -2.43
N MET B 856 -18.92 -34.75 -2.77
CA MET B 856 -19.90 -34.54 -3.83
C MET B 856 -21.14 -33.79 -3.34
N ILE B 857 -21.23 -33.49 -2.05
CA ILE B 857 -22.44 -32.89 -1.50
C ILE B 857 -22.35 -31.37 -1.35
N PHE B 858 -21.17 -30.78 -1.53
CA PHE B 858 -21.03 -29.36 -1.25
C PHE B 858 -21.95 -28.47 -2.09
N PRO B 859 -22.35 -28.83 -3.31
CA PRO B 859 -23.37 -28.02 -4.00
C PRO B 859 -24.68 -27.93 -3.24
N LEU B 860 -25.07 -29.00 -2.55
CA LEU B 860 -26.31 -28.99 -1.79
C LEU B 860 -26.27 -27.93 -0.70
N ILE B 861 -25.16 -27.84 0.03
CA ILE B 861 -25.05 -26.84 1.08
C ILE B 861 -24.82 -25.44 0.50
N MET B 862 -24.21 -25.33 -0.69
CA MET B 862 -24.20 -24.05 -1.37
C MET B 862 -25.62 -23.57 -1.65
N ILE B 863 -26.50 -24.48 -2.08
CA ILE B 863 -27.91 -24.14 -2.23
C ILE B 863 -28.52 -23.78 -0.88
N ALA B 864 -28.24 -24.58 0.15
CA ALA B 864 -28.87 -24.41 1.45
C ALA B 864 -28.50 -23.10 2.12
N MET B 865 -27.31 -22.55 1.83
CA MET B 865 -26.91 -21.32 2.48
C MET B 865 -27.84 -20.16 2.15
N ILE B 866 -28.44 -20.17 0.96
CA ILE B 866 -29.38 -19.09 0.60
C ILE B 866 -30.61 -19.10 1.49
N PRO B 867 -31.33 -20.21 1.68
CA PRO B 867 -32.40 -20.21 2.68
C PRO B 867 -31.94 -19.84 4.07
N ILE B 868 -30.73 -20.28 4.46
CA ILE B 868 -30.22 -19.92 5.79
C ILE B 868 -30.11 -18.40 5.92
N ARG B 869 -29.46 -17.76 4.95
CA ARG B 869 -29.31 -16.31 4.99
C ARG B 869 -30.67 -15.63 4.95
N TYR B 870 -31.62 -16.18 4.19
CA TYR B 870 -32.90 -15.51 4.02
C TYR B 870 -33.78 -15.64 5.26
N ILE B 871 -33.64 -16.71 6.03
CA ILE B 871 -34.55 -17.02 7.13
C ILE B 871 -33.87 -16.88 8.49
N LEU B 872 -32.82 -17.66 8.74
CA LEU B 872 -32.29 -17.78 10.09
C LEU B 872 -31.58 -16.51 10.54
N LEU B 873 -30.71 -15.96 9.69
CA LEU B 873 -29.93 -14.80 10.10
C LEU B 873 -30.78 -13.61 10.50
N PRO B 874 -31.83 -13.23 9.77
CA PRO B 874 -32.70 -12.14 10.25
C PRO B 874 -33.32 -12.42 11.61
N ARG B 875 -33.53 -13.70 11.96
CA ARG B 875 -34.10 -14.02 13.27
C ARG B 875 -33.10 -13.81 14.40
N ILE B 876 -31.81 -14.03 14.14
CA ILE B 876 -30.79 -13.95 15.19
C ILE B 876 -30.06 -12.62 15.12
N ILE B 877 -30.08 -11.97 13.94
CA ILE B 877 -29.49 -10.66 13.76
C ILE B 877 -30.59 -9.72 13.27
N GLU B 878 -30.58 -8.49 13.79
CA GLU B 878 -31.59 -7.52 13.44
C GLU B 878 -31.56 -7.22 11.94
N ALA B 879 -32.74 -7.00 11.36
CA ALA B 879 -32.84 -6.79 9.93
C ALA B 879 -32.13 -5.52 9.49
N LYS B 880 -32.19 -4.45 10.28
CA LYS B 880 -31.55 -3.20 9.88
C LYS B 880 -30.05 -3.38 9.71
N TYR B 881 -29.41 -4.07 10.66
CA TYR B 881 -27.96 -4.25 10.59
C TYR B 881 -27.57 -5.12 9.40
N LEU B 882 -28.35 -6.18 9.14
CA LEU B 882 -28.07 -7.01 7.98
C LEU B 882 -28.22 -6.22 6.69
N ASP B 883 -29.26 -5.39 6.60
CA ASP B 883 -29.44 -4.57 5.40
C ASP B 883 -28.28 -3.58 5.23
N VAL B 884 -27.82 -2.98 6.33
CA VAL B 884 -26.71 -2.04 6.25
C VAL B 884 -25.44 -2.76 5.79
N MET B 885 -25.17 -3.93 6.35
CA MET B 885 -23.93 -4.64 6.02
C MET B 885 -23.94 -5.17 4.60
N ASP B 886 -25.05 -5.80 4.18
CA ASP B 886 -25.09 -6.42 2.87
C ASP B 886 -25.04 -5.37 1.76
N ALA B 887 -25.83 -4.32 1.89
CA ALA B 887 -25.89 -3.28 0.87
C ALA B 887 -24.59 -2.48 0.86
#